data_5I87
#
_entry.id   5I87
#
_cell.length_a   267.270
_cell.length_b   267.270
_cell.length_c   210.610
_cell.angle_alpha   90.00
_cell.angle_beta   90.00
_cell.angle_gamma   90.00
#
_symmetry.space_group_name_H-M   'I 41 2 2'
#
loop_
_entity.id
_entity.type
_entity.pdbx_description
1 polymer 'BT-CD domains of human acetyl-CoA carboxylase'
2 polymer 'BT-CD domains of human acetyl-CoA carboxylase'
3 non-polymer 'CADMIUM ION'
#
loop_
_entity_poly.entity_id
_entity_poly.type
_entity_poly.pdbx_seq_one_letter_code
_entity_poly.pdbx_strand_id
1 'polypeptide(L)'
;(UNK)(UNK)(UNK)(UNK)(UNK)(UNK)(UNK)(UNK)(UNK)(UNK)(UNK)(UNK)(UNK)(UNK)(UNK)(UNK)
(UNK)(UNK)(UNK)(UNK)(UNK)(UNK)(UNK)(UNK)(UNK)(UNK)(UNK)(UNK)(UNK)(UNK)(UNK)(UNK)
(UNK)(UNK)(UNK)(UNK)(UNK)(UNK)(UNK)(UNK)(UNK)(UNK)(UNK)(UNK)(UNK)(UNK)(UNK)(UNK)
(UNK)(UNK)(UNK)(UNK)(UNK)(UNK)(UNK)(UNK)(UNK)(UNK)(UNK)(UNK)(UNK)(UNK)(UNK)(UNK)
(UNK)(UNK)(UNK)(UNK)(UNK)(UNK)(UNK)(UNK)(UNK)(UNK)(UNK)(UNK)(UNK)(UNK)(UNK)(UNK)
(UNK)(UNK)(UNK)(UNK)(UNK)(UNK)(UNK)(UNK)(UNK)(UNK)(UNK)(UNK)(UNK)(UNK)(UNK)(UNK)
(UNK)(UNK)(UNK)(UNK)(UNK)(UNK)(UNK)(UNK)(UNK)(UNK)(UNK)(UNK)(UNK)(UNK)(UNK)(UNK)
(UNK)(UNK)(UNK)(UNK)(UNK)(UNK)(UNK)(UNK)(UNK)(UNK)(UNK)(UNK)(UNK)(UNK)(UNK)(UNK)
(UNK)(UNK)(UNK)(UNK)(UNK)(UNK)(UNK)(UNK)(UNK)(UNK)(UNK)(UNK)(UNK)(UNK)(UNK)(UNK)
(UNK)(UNK)(UNK)(UNK)(UNK)(UNK)(UNK)(UNK)(UNK)(UNK)(UNK)(UNK)(UNK)(UNK)(UNK)(UNK)
(UNK)(UNK)(UNK)(UNK)(UNK)(UNK)(UNK)(UNK)(UNK)(UNK)(UNK)(UNK)(UNK)(UNK)(UNK)(UNK)
(UNK)(UNK)(UNK)(UNK)(UNK)(UNK)(UNK)(UNK)(UNK)(UNK)(UNK)(UNK)(UNK)(UNK)(UNK)(UNK)
(UNK)(UNK)(UNK)(UNK)(UNK)(UNK)(UNK)(UNK)(UNK)(UNK)(UNK)(UNK)(UNK)(UNK)(UNK)(UNK)
(UNK)(UNK)(UNK)(UNK)(UNK)(UNK)(UNK)(UNK)(UNK)(UNK)(UNK)(UNK)(UNK)(UNK)(UNK)(UNK)
(UNK)(UNK)(UNK)(UNK)(UNK)(UNK)(UNK)(UNK)(UNK)(UNK)(UNK)(UNK)(UNK)(UNK)(UNK)(UNK)
(UNK)(UNK)(UNK)(UNK)(UNK)(UNK)(UNK)(UNK)(UNK)(UNK)(UNK)(UNK)(UNK)(UNK)(UNK)(UNK)
(UNK)(UNK)(UNK)(UNK)(UNK)(UNK)(UNK)(UNK)(UNK)(UNK)(UNK)(UNK)(UNK)(UNK)(UNK)(UNK)
(UNK)(UNK)(UNK)(UNK)(UNK)(UNK)(UNK)(UNK)(UNK)(UNK)(UNK)(UNK)(UNK)(UNK)(UNK)(UNK)
(UNK)(UNK)(UNK)(UNK)(UNK)(UNK)(UNK)(UNK)(UNK)(UNK)(UNK)(UNK)(UNK)(UNK)(UNK)(UNK)
(UNK)(UNK)(UNK)(UNK)(UNK)(UNK)(UNK)(UNK)(UNK)(UNK)(UNK)(UNK)(UNK)(UNK)(UNK)(UNK)
(UNK)(UNK)(UNK)(UNK)(UNK)(UNK)(UNK)(UNK)(UNK)(UNK)(UNK)(UNK)(UNK)(UNK)(UNK)(UNK)
(UNK)(UNK)(UNK)(UNK)(UNK)(UNK)(UNK)(UNK)(UNK)(UNK)(UNK)(UNK)(UNK)(UNK)(UNK)(UNK)
(UNK)(UNK)(UNK)(UNK)(UNK)(UNK)(UNK)(UNK)(UNK)(UNK)(UNK)(UNK)(UNK)(UNK)(UNK)(UNK)
(UNK)(UNK)(UNK)(UNK)(UNK)(UNK)(UNK)(UNK)(UNK)(UNK)(UNK)(UNK)(UNK)(UNK)(UNK)(UNK)
(UNK)(UNK)(UNK)(UNK)(UNK)(UNK)(UNK)(UNK)(UNK)(UNK)(UNK)(UNK)(UNK)(UNK)(UNK)(UNK)
(UNK)(UNK)(UNK)(UNK)(UNK)(UNK)(UNK)(UNK)(UNK)(UNK)(UNK)(UNK)(UNK)(UNK)(UNK)(UNK)
(UNK)(UNK)(UNK)(UNK)(UNK)(UNK)(UNK)(UNK)(UNK)(UNK)(UNK)(UNK)(UNK)(UNK)(UNK)(UNK)
(UNK)(UNK)(UNK)(UNK)(UNK)(UNK)(UNK)(UNK)(UNK)(UNK)(UNK)(UNK)(UNK)(UNK)(UNK)(UNK)
(UNK)(UNK)(UNK)(UNK)(UNK)(UNK)(UNK)(UNK)(UNK)(UNK)(UNK)(UNK)(UNK)(UNK)(UNK)(UNK)
(UNK)(UNK)(UNK)(UNK)(UNK)(UNK)(UNK)(UNK)(UNK)(UNK)(UNK)(UNK)(UNK)(UNK)(UNK)(UNK)
(UNK)(UNK)(UNK)(UNK)(UNK)(UNK)(UNK)(UNK)(UNK)(UNK)(UNK)(UNK)(UNK)(UNK)(UNK)(UNK)
(UNK)(UNK)(UNK)(UNK)(UNK)(UNK)(UNK)(UNK)(UNK)(UNK)(UNK)(UNK)(UNK)(UNK)(UNK)(UNK)
(UNK)(UNK)(UNK)(UNK)(UNK)(UNK)(UNK)(UNK)(UNK)(UNK)(UNK)(UNK)(UNK)(UNK)(UNK)(UNK)
(UNK)(UNK)(UNK)(UNK)(UNK)(UNK)(UNK)(UNK)(UNK)(UNK)(UNK)(UNK)(UNK)(UNK)(UNK)(UNK)
(UNK)(UNK)(UNK)(UNK)(UNK)(UNK)(UNK)(UNK)(UNK)(UNK)(UNK)(UNK)(UNK)(UNK)(UNK)(UNK)
(UNK)(UNK)(UNK)(UNK)(UNK)(UNK)(UNK)(UNK)(UNK)(UNK)(UNK)(UNK)(UNK)(UNK)(UNK)(UNK)
(UNK)(UNK)(UNK)(UNK)(UNK)(UNK)(UNK)(UNK)(UNK)(UNK)(UNK)(UNK)(UNK)(UNK)(UNK)(UNK)
(UNK)(UNK)(UNK)(UNK)(UNK)(UNK)(UNK)(UNK)(UNK)(UNK)(UNK)(UNK)(UNK)(UNK)(UNK)(UNK)
(UNK)(UNK)(UNK)(UNK)(UNK)(UNK)(UNK)(UNK)(UNK)(UNK)(UNK)(UNK)(UNK)(UNK)(UNK)(UNK)
(UNK)(UNK)(UNK)(UNK)(UNK)(UNK)(UNK)(UNK)(UNK)(UNK)(UNK)(UNK)(UNK)(UNK)(UNK)(UNK)
(UNK)(UNK)(UNK)(UNK)(UNK)(UNK)(UNK)(UNK)(UNK)(UNK)(UNK)(UNK)(UNK)(UNK)(UNK)(UNK)
(UNK)(UNK)(UNK)(UNK)(UNK)(UNK)(UNK)(UNK)(UNK)(UNK)(UNK)(UNK)(UNK)(UNK)(UNK)(UNK)
(UNK)(UNK)(UNK)(UNK)(UNK)(UNK)(UNK)(UNK)(UNK)(UNK)(UNK)(UNK)(UNK)(UNK)(UNK)(UNK)
(UNK)(UNK)(UNK)(UNK)(UNK)(UNK)(UNK)(UNK)(UNK)(UNK)(UNK)(UNK)(UNK)(UNK)(UNK)(UNK)
(UNK)(UNK)(UNK)(UNK)(UNK)(UNK)(UNK)(UNK)(UNK)(UNK)(UNK)(UNK)(UNK)(UNK)(UNK)(UNK)
(UNK)(UNK)(UNK)
;
A
2 'polypeptide(L)'
;(UNK)(UNK)(UNK)(UNK)(UNK)(UNK)(UNK)(UNK)(UNK)(UNK)(UNK)(UNK)(UNK)(UNK)(UNK)(UNK)
(UNK)(UNK)(UNK)(UNK)(UNK)(UNK)(UNK)(UNK)(UNK)(UNK)(UNK)(UNK)(UNK)(UNK)(UNK)(UNK)
(UNK)(UNK)(UNK)(UNK)(UNK)(UNK)(UNK)(UNK)(UNK)(UNK)(UNK)(UNK)(UNK)(UNK)(UNK)(UNK)
(UNK)(UNK)(UNK)(UNK)(UNK)(UNK)(UNK)(UNK)(UNK)(UNK)(UNK)(UNK)(UNK)(UNK)(UNK)(UNK)
(UNK)(UNK)(UNK)(UNK)(UNK)(UNK)(UNK)(UNK)(UNK)(UNK)(UNK)(UNK)(UNK)(UNK)(UNK)(UNK)
(UNK)(UNK)(UNK)(UNK)(UNK)(UNK)(UNK)(UNK)(UNK)(UNK)(UNK)(UNK)(UNK)(UNK)(UNK)(UNK)
(UNK)(UNK)(UNK)(UNK)(UNK)(UNK)(UNK)(UNK)(UNK)(UNK)(UNK)(UNK)(UNK)(UNK)(UNK)(UNK)
(UNK)(UNK)(UNK)(UNK)(UNK)(UNK)(UNK)(UNK)(UNK)(UNK)(UNK)(UNK)(UNK)(UNK)(UNK)(UNK)
(UNK)(UNK)(UNK)(UNK)(UNK)(UNK)(UNK)(UNK)(UNK)(UNK)(UNK)(UNK)(UNK)(UNK)(UNK)(UNK)
(UNK)(UNK)(UNK)(UNK)(UNK)(UNK)(UNK)(UNK)(UNK)(UNK)(UNK)(UNK)(UNK)(UNK)(UNK)(UNK)
(UNK)(UNK)(UNK)(UNK)(UNK)(UNK)(UNK)(UNK)(UNK)(UNK)(UNK)(UNK)(UNK)(UNK)(UNK)(UNK)
(UNK)(UNK)(UNK)(UNK)(UNK)(UNK)(UNK)(UNK)(UNK)(UNK)(UNK)(UNK)(UNK)(UNK)(UNK)(UNK)
(UNK)(UNK)(UNK)(UNK)(UNK)(UNK)(UNK)(UNK)(UNK)(UNK)(UNK)(UNK)(UNK)(UNK)(UNK)(UNK)
(UNK)(UNK)(UNK)(UNK)(UNK)(UNK)(UNK)(UNK)(UNK)(UNK)(UNK)(UNK)(UNK)(UNK)(UNK)(UNK)
(UNK)(UNK)(UNK)(UNK)(UNK)(UNK)(UNK)(UNK)(UNK)(UNK)(UNK)(UNK)(UNK)(UNK)(UNK)(UNK)
(UNK)(UNK)(UNK)(UNK)(UNK)(UNK)(UNK)(UNK)(UNK)(UNK)(UNK)(UNK)(UNK)(UNK)(UNK)(UNK)
(UNK)(UNK)(UNK)(UNK)(UNK)(UNK)(UNK)(UNK)(UNK)(UNK)(UNK)(UNK)(UNK)(UNK)(UNK)(UNK)
(UNK)(UNK)(UNK)(UNK)(UNK)(UNK)(UNK)(UNK)(UNK)(UNK)(UNK)(UNK)(UNK)(UNK)(UNK)(UNK)
(UNK)(UNK)(UNK)(UNK)(UNK)(UNK)(UNK)(UNK)(UNK)(UNK)(UNK)(UNK)(UNK)(UNK)(UNK)(UNK)
(UNK)(UNK)(UNK)(UNK)(UNK)(UNK)(UNK)(UNK)(UNK)(UNK)(UNK)(UNK)(UNK)(UNK)(UNK)(UNK)
(UNK)(UNK)(UNK)(UNK)(UNK)(UNK)(UNK)(UNK)(UNK)(UNK)(UNK)(UNK)(UNK)(UNK)(UNK)(UNK)
(UNK)(UNK)(UNK)(UNK)(UNK)(UNK)(UNK)(UNK)(UNK)(UNK)(UNK)(UNK)(UNK)(UNK)(UNK)(UNK)
(UNK)(UNK)(UNK)(UNK)(UNK)(UNK)(UNK)(UNK)(UNK)(UNK)(UNK)(UNK)(UNK)(UNK)(UNK)(UNK)
(UNK)(UNK)(UNK)(UNK)(UNK)(UNK)(UNK)(UNK)(UNK)(UNK)(UNK)(UNK)(UNK)(UNK)(UNK)(UNK)
(UNK)(UNK)(UNK)(UNK)(UNK)(UNK)(UNK)(UNK)(UNK)(UNK)(UNK)(UNK)(UNK)(UNK)(UNK)(UNK)
(UNK)(UNK)(UNK)(UNK)(UNK)(UNK)(UNK)(UNK)(UNK)(UNK)(UNK)(UNK)(UNK)(UNK)(UNK)(UNK)
(UNK)(UNK)(UNK)(UNK)(UNK)(UNK)(UNK)(UNK)(UNK)(UNK)(UNK)(UNK)(UNK)(UNK)(UNK)(UNK)
(UNK)(UNK)(UNK)(UNK)(UNK)(UNK)(UNK)(UNK)(UNK)(UNK)(UNK)(UNK)(UNK)(UNK)(UNK)(UNK)
(UNK)(UNK)(UNK)(UNK)(UNK)(UNK)(UNK)(UNK)(UNK)(UNK)(UNK)(UNK)(UNK)(UNK)(UNK)(UNK)
(UNK)(UNK)(UNK)(UNK)(UNK)(UNK)(UNK)(UNK)(UNK)(UNK)(UNK)(UNK)(UNK)(UNK)(UNK)(UNK)
(UNK)(UNK)(UNK)(UNK)(UNK)(UNK)(UNK)(UNK)(UNK)(UNK)(UNK)(UNK)(UNK)(UNK)(UNK)(UNK)
(UNK)(UNK)(UNK)(UNK)(UNK)(UNK)(UNK)(UNK)(UNK)(UNK)(UNK)(UNK)(UNK)(UNK)(UNK)(UNK)
(UNK)(UNK)(UNK)(UNK)(UNK)(UNK)(UNK)(UNK)(UNK)(UNK)(UNK)(UNK)(UNK)(UNK)(UNK)(UNK)
(UNK)(UNK)(UNK)(UNK)(UNK)(UNK)(UNK)(UNK)(UNK)(UNK)(UNK)(UNK)(UNK)(UNK)(UNK)(UNK)
(UNK)(UNK)(UNK)(UNK)(UNK)(UNK)(UNK)(UNK)(UNK)(UNK)(UNK)(UNK)(UNK)(UNK)(UNK)(UNK)
(UNK)(UNK)(UNK)(UNK)(UNK)(UNK)(UNK)(UNK)(UNK)(UNK)(UNK)(UNK)(UNK)(UNK)(UNK)(UNK)
(UNK)(UNK)(UNK)(UNK)(UNK)(UNK)(UNK)(UNK)(UNK)(UNK)(UNK)(UNK)(UNK)(UNK)(UNK)(UNK)
(UNK)(UNK)(UNK)(UNK)(UNK)(UNK)(UNK)(UNK)(UNK)(UNK)(UNK)(UNK)(UNK)(UNK)(UNK)(UNK)
(UNK)(UNK)(UNK)(UNK)(UNK)(UNK)(UNK)(UNK)(UNK)(UNK)(UNK)(UNK)(UNK)(UNK)(UNK)(UNK)
(UNK)(UNK)(UNK)(UNK)(UNK)(UNK)(UNK)(UNK)(UNK)(UNK)(UNK)(UNK)(UNK)(UNK)(UNK)(UNK)
(UNK)(UNK)(UNK)(UNK)(UNK)(UNK)(UNK)(UNK)(UNK)(UNK)(UNK)(UNK)(UNK)(UNK)(UNK)(UNK)
(UNK)(UNK)(UNK)(UNK)(UNK)(UNK)
;
B
#
# COMPACT_ATOMS: atom_id res chain seq x y z
N UNK A 1 26.83 -25.42 -17.54
CA UNK A 1 26.22 -26.52 -16.81
C UNK A 1 24.74 -26.65 -17.15
N UNK A 2 24.29 -27.90 -17.30
CA UNK A 2 22.90 -28.16 -17.68
C UNK A 2 21.94 -27.75 -16.57
N UNK A 3 22.24 -28.17 -15.34
CA UNK A 3 21.38 -27.85 -14.20
C UNK A 3 21.30 -26.36 -13.96
N UNK A 4 22.46 -25.69 -13.98
CA UNK A 4 22.54 -24.24 -13.84
C UNK A 4 21.65 -23.55 -14.87
N UNK A 5 21.78 -24.00 -16.12
CA UNK A 5 21.01 -23.45 -17.22
C UNK A 5 19.51 -23.62 -16.96
N UNK A 6 19.12 -24.82 -16.54
CA UNK A 6 17.72 -25.10 -16.27
C UNK A 6 17.17 -24.18 -15.18
N UNK A 7 17.99 -23.95 -14.16
CA UNK A 7 17.59 -23.09 -13.04
C UNK A 7 17.44 -21.64 -13.48
N UNK A 8 18.43 -21.12 -14.19
CA UNK A 8 18.41 -19.74 -14.65
C UNK A 8 17.23 -19.51 -15.60
N UNK A 9 16.98 -20.50 -16.45
CA UNK A 9 15.88 -20.42 -17.42
C UNK A 9 14.53 -20.41 -16.72
N UNK A 10 14.31 -21.39 -15.86
CA UNK A 10 13.05 -21.51 -15.13
C UNK A 10 12.80 -20.24 -14.33
N UNK A 11 13.87 -19.70 -13.75
CA UNK A 11 13.79 -18.48 -12.97
C UNK A 11 13.38 -17.30 -13.85
N UNK A 12 13.98 -17.21 -15.03
CA UNK A 12 13.67 -16.14 -15.97
C UNK A 12 12.22 -16.19 -16.44
N UNK A 13 11.75 -17.38 -16.80
CA UNK A 13 10.36 -17.57 -17.23
C UNK A 13 9.40 -17.21 -16.11
N UNK A 14 9.78 -17.60 -14.89
CA UNK A 14 8.98 -17.30 -13.71
C UNK A 14 8.87 -15.79 -13.52
N UNK A 15 10.01 -15.11 -13.60
CA UNK A 15 10.06 -13.66 -13.47
C UNK A 15 9.19 -12.98 -14.53
N UNK A 16 9.23 -13.51 -15.75
CA UNK A 16 8.45 -12.96 -16.85
C UNK A 16 6.96 -13.05 -16.55
N UNK A 17 6.48 -14.27 -16.29
CA UNK A 17 5.07 -14.48 -16.02
C UNK A 17 4.60 -13.71 -14.79
N UNK A 18 5.48 -13.60 -13.80
CA UNK A 18 5.15 -12.92 -12.55
C UNK A 18 5.03 -11.42 -12.75
N UNK A 19 6.03 -10.82 -13.39
CA UNK A 19 6.03 -9.38 -13.64
C UNK A 19 4.86 -9.01 -14.54
N UNK A 20 4.53 -9.92 -15.47
CA UNK A 20 3.41 -9.70 -16.37
C UNK A 20 2.11 -9.73 -15.57
N UNK A 21 2.03 -10.66 -14.63
CA UNK A 21 0.86 -10.78 -13.76
C UNK A 21 0.71 -9.53 -12.89
N UNK A 22 1.83 -8.98 -12.43
CA UNK A 22 1.82 -7.77 -11.63
C UNK A 22 1.36 -6.56 -12.44
N UNK A 23 1.86 -6.46 -13.67
CA UNK A 23 1.48 -5.37 -14.55
C UNK A 23 0.00 -5.46 -14.91
N UNK A 24 -0.48 -6.70 -15.04
CA UNK A 24 -1.89 -6.95 -15.35
C UNK A 24 -2.79 -6.57 -14.17
N UNK A 25 -2.42 -7.04 -12.97
CA UNK A 25 -3.20 -6.78 -11.77
C UNK A 25 -3.23 -5.29 -11.46
N UNK A 26 -2.10 -4.63 -11.69
CA UNK A 26 -2.01 -3.18 -11.52
C UNK A 26 -2.78 -2.46 -12.61
N UNK A 27 -2.88 -3.07 -13.78
CA UNK A 27 -3.65 -2.48 -14.87
C UNK A 27 -5.13 -2.52 -14.56
N UNK A 28 -5.58 -3.63 -14.00
CA UNK A 28 -6.97 -3.77 -13.58
C UNK A 28 -7.27 -2.84 -12.40
N UNK A 29 -6.32 -2.75 -11.46
CA UNK A 29 -6.50 -1.95 -10.26
C UNK A 29 -6.51 -0.44 -10.53
N UNK A 30 -5.62 0.01 -11.41
CA UNK A 30 -5.59 1.42 -11.77
C UNK A 30 -6.82 1.80 -12.59
N UNK A 31 -7.34 0.83 -13.33
CA UNK A 31 -8.58 0.98 -14.07
C UNK A 31 -9.79 0.83 -13.15
N UNK A 32 -9.51 0.35 -11.94
CA UNK A 32 -10.46 0.23 -10.83
C UNK A 32 -11.30 -1.05 -10.92
N UNK A 33 -11.26 -1.72 -12.06
CA UNK A 33 -11.91 -3.02 -12.19
C UNK A 33 -11.18 -4.03 -11.30
N UNK A 34 -11.92 -4.75 -10.47
CA UNK A 34 -11.28 -5.62 -9.49
C UNK A 34 -11.05 -7.01 -10.05
N UNK A 35 -9.78 -7.32 -10.30
CA UNK A 35 -9.40 -8.60 -10.87
C UNK A 35 -9.48 -9.70 -9.82
N UNK A 36 -9.56 -10.95 -10.27
CA UNK A 36 -9.53 -12.08 -9.36
C UNK A 36 -8.24 -12.05 -8.55
N UNK A 37 -8.39 -12.10 -7.22
CA UNK A 37 -7.24 -12.05 -6.32
C UNK A 37 -6.36 -13.29 -6.45
N UNK A 38 -6.90 -14.32 -7.10
CA UNK A 38 -6.18 -15.57 -7.31
C UNK A 38 -5.18 -15.41 -8.45
N UNK A 39 -5.40 -14.42 -9.30
CA UNK A 39 -4.50 -14.16 -10.42
C UNK A 39 -3.16 -13.65 -9.91
N UNK A 40 -3.22 -12.73 -8.95
CA UNK A 40 -2.02 -12.07 -8.44
C UNK A 40 -1.18 -13.00 -7.56
N UNK A 41 -1.72 -14.17 -7.24
CA UNK A 41 -1.05 -15.11 -6.34
C UNK A 41 0.27 -15.57 -6.92
N UNK A 42 1.23 -15.88 -6.05
CA UNK A 42 2.56 -16.23 -6.53
C UNK A 42 2.81 -17.73 -6.58
N UNK A 43 2.78 -18.27 -7.81
CA UNK A 43 3.12 -19.66 -8.06
C UNK A 43 3.59 -19.75 -9.50
N UNK A 44 4.66 -20.51 -9.76
CA UNK A 44 5.15 -20.66 -11.11
C UNK A 44 5.16 -22.12 -11.55
N UNK A 45 4.41 -22.45 -12.60
CA UNK A 45 4.54 -23.78 -13.19
C UNK A 45 5.31 -23.67 -14.51
N UNK A 46 6.52 -24.19 -14.55
CA UNK A 46 7.37 -24.05 -15.74
C UNK A 46 7.79 -25.40 -16.33
N UNK A 47 7.62 -25.57 -17.63
CA UNK A 47 8.07 -26.78 -18.31
C UNK A 47 9.20 -26.49 -19.29
N UNK A 48 10.39 -27.01 -19.02
CA UNK A 48 11.52 -26.78 -19.92
C UNK A 48 12.04 -28.10 -20.49
N UNK A 49 11.95 -28.29 -21.80
CA UNK A 49 12.37 -29.55 -22.41
C UNK A 49 13.70 -29.45 -23.15
N UNK A 50 14.66 -30.28 -22.75
CA UNK A 50 15.99 -30.30 -23.35
C UNK A 50 16.51 -31.73 -23.51
N UNK A 51 17.16 -31.98 -24.65
CA UNK A 51 17.74 -33.28 -24.97
C UNK A 51 16.72 -34.42 -24.82
N UNK A 52 15.56 -34.25 -25.47
CA UNK A 52 14.48 -35.23 -25.45
C UNK A 52 13.86 -35.43 -24.06
N UNK A 53 14.46 -34.81 -23.05
CA UNK A 53 13.97 -34.93 -21.68
C UNK A 53 13.35 -33.64 -21.20
N UNK A 54 12.05 -33.68 -20.89
CA UNK A 54 11.35 -32.49 -20.44
C UNK A 54 11.37 -32.40 -18.92
N UNK A 55 12.12 -31.43 -18.41
CA UNK A 55 12.19 -31.17 -16.99
C UNK A 55 11.02 -30.30 -16.57
N UNK A 56 10.23 -30.82 -15.64
CA UNK A 56 9.09 -30.09 -15.08
C UNK A 56 9.49 -29.44 -13.76
N UNK A 57 9.48 -28.11 -13.75
CA UNK A 57 9.91 -27.36 -12.57
C UNK A 57 8.81 -26.42 -12.08
N UNK A 58 8.94 -25.97 -10.84
CA UNK A 58 8.03 -25.00 -10.25
C UNK A 58 8.85 -23.92 -9.56
N UNK A 59 8.35 -22.69 -9.52
CA UNK A 59 9.08 -21.65 -8.82
C UNK A 59 8.18 -20.87 -7.87
N UNK A 60 8.67 -20.70 -6.65
CA UNK A 60 7.97 -19.93 -5.62
C UNK A 60 8.87 -18.81 -5.15
N UNK A 61 8.28 -17.71 -4.72
CA UNK A 61 9.07 -16.60 -4.20
C UNK A 61 8.80 -16.50 -2.71
N UNK A 62 9.81 -16.82 -1.92
CA UNK A 62 9.72 -16.77 -0.47
C UNK A 62 10.31 -15.47 0.04
N UNK A 63 10.66 -14.62 -0.92
CA UNK A 63 11.31 -13.34 -0.67
C UNK A 63 11.43 -12.64 -2.01
N UNK A 64 11.59 -11.33 -1.98
CA UNK A 64 11.59 -10.55 -3.21
C UNK A 64 12.86 -10.80 -4.00
N UNK A 65 13.99 -10.88 -3.31
CA UNK A 65 15.25 -11.17 -3.98
C UNK A 65 15.50 -12.66 -4.14
N UNK A 66 15.21 -13.43 -3.09
CA UNK A 66 15.42 -14.86 -3.13
C UNK A 66 14.21 -15.62 -3.66
N UNK A 67 14.34 -16.16 -4.88
CA UNK A 67 13.37 -17.10 -5.42
C UNK A 67 13.82 -18.54 -5.15
N UNK A 68 12.87 -19.38 -4.75
CA UNK A 68 13.14 -20.78 -4.43
C UNK A 68 12.49 -21.67 -5.47
N UNK A 69 13.29 -22.56 -6.07
CA UNK A 69 12.79 -23.43 -7.13
C UNK A 69 12.62 -24.87 -6.65
N UNK A 70 11.54 -25.50 -7.09
CA UNK A 70 11.19 -26.85 -6.69
C UNK A 70 11.08 -27.79 -7.88
N UNK A 71 11.84 -28.87 -7.82
CA UNK A 71 11.82 -29.94 -8.81
C UNK A 71 11.26 -31.17 -8.13
N UNK A 72 11.30 -32.32 -8.79
CA UNK A 72 10.85 -33.57 -8.17
C UNK A 72 11.52 -33.79 -6.80
N UNK A 73 12.71 -33.22 -6.63
CA UNK A 73 13.44 -33.33 -5.36
C UNK A 73 13.17 -32.12 -4.46
N UNK A 74 12.40 -31.17 -4.98
CA UNK A 74 11.66 -30.19 -4.18
C UNK A 74 12.43 -29.05 -3.50
N UNK A 75 13.76 -29.03 -3.57
CA UNK A 75 14.48 -27.98 -2.86
C UNK A 75 15.62 -27.33 -3.66
N UNK A 76 15.48 -26.03 -3.93
CA UNK A 76 16.60 -25.21 -4.40
C UNK A 76 16.40 -23.74 -4.04
N UNK A 77 17.50 -23.04 -3.77
CA UNK A 77 17.43 -21.63 -3.39
C UNK A 77 18.32 -20.77 -4.29
N UNK A 78 17.74 -19.70 -4.84
CA UNK A 78 18.48 -18.77 -5.69
C UNK A 78 18.21 -17.32 -5.33
N UNK A 79 19.23 -16.48 -5.45
CA UNK A 79 19.08 -15.06 -5.12
C UNK A 79 19.16 -14.20 -6.38
N UNK A 80 18.21 -13.27 -6.52
CA UNK A 80 18.18 -12.37 -7.67
C UNK A 80 17.83 -10.94 -7.26
N UNK A 81 22.42 -15.20 -8.17
CA UNK A 81 23.49 -15.86 -7.42
C UNK A 81 23.30 -17.37 -7.43
N UNK A 82 24.42 -18.09 -7.41
CA UNK A 82 24.39 -19.55 -7.52
C UNK A 82 25.30 -20.20 -6.48
N UNK A 83 25.27 -21.53 -6.44
CA UNK A 83 26.12 -22.30 -5.53
C UNK A 83 27.58 -21.87 -5.66
N UNK A 84 27.97 -21.52 -6.88
CA UNK A 84 29.29 -20.97 -7.11
C UNK A 84 29.18 -19.48 -7.41
N UNK A 85 29.61 -18.66 -6.45
CA UNK A 85 29.62 -17.20 -6.56
C UNK A 85 28.32 -16.63 -7.11
N UNK A 86 28.44 -15.70 -8.06
CA UNK A 86 27.29 -15.05 -8.67
C UNK A 86 27.44 -15.00 -10.19
N UNK A 87 26.31 -14.94 -10.89
CA UNK A 87 26.32 -14.91 -12.35
C UNK A 87 25.30 -13.90 -12.89
N UNK A 88 25.41 -13.62 -14.19
CA UNK A 88 24.50 -12.70 -14.85
C UNK A 88 23.81 -13.43 -16.00
N UNK A 89 22.51 -13.22 -16.16
CA UNK A 89 21.77 -13.91 -17.21
C UNK A 89 20.67 -13.07 -17.85
N UNK A 90 20.53 -13.24 -19.16
CA UNK A 90 19.53 -12.56 -19.97
C UNK A 90 18.74 -13.57 -20.80
N UNK A 91 17.43 -13.39 -20.91
CA UNK A 91 16.60 -14.41 -21.57
C UNK A 91 15.62 -13.79 -22.58
N UNK A 92 15.57 -14.39 -23.76
CA UNK A 92 14.66 -13.96 -24.82
C UNK A 92 13.80 -15.11 -25.32
N UNK A 93 12.58 -14.80 -25.76
CA UNK A 93 11.66 -15.84 -26.23
C UNK A 93 10.97 -15.44 -27.54
N UNK A 94 10.89 -16.38 -28.47
CA UNK A 94 10.27 -16.15 -29.76
C UNK A 94 9.49 -17.38 -30.23
N UNK A 95 8.29 -17.16 -30.73
CA UNK A 95 7.39 -18.23 -31.15
C UNK A 95 7.27 -19.28 -30.04
N UNK A 96 7.64 -20.52 -30.34
CA UNK A 96 7.85 -21.47 -29.28
C UNK A 96 9.33 -21.87 -29.21
N UNK A 97 10.02 -21.30 -28.23
CA UNK A 97 11.37 -21.66 -27.80
C UNK A 97 11.82 -20.70 -26.72
N UNK A 98 12.78 -21.11 -25.90
CA UNK A 98 13.43 -20.22 -24.94
C UNK A 98 14.92 -20.10 -25.23
N UNK A 99 15.43 -18.87 -25.28
CA UNK A 99 16.87 -18.66 -25.45
C UNK A 99 17.48 -18.00 -24.22
N UNK A 100 18.34 -18.73 -23.53
CA UNK A 100 18.99 -18.22 -22.32
C UNK A 100 20.48 -17.95 -22.53
N UNK A 101 20.93 -16.79 -22.06
CA UNK A 101 22.34 -16.44 -22.13
C UNK A 101 22.90 -16.14 -20.74
N UNK A 102 23.80 -17.00 -20.25
CA UNK A 102 24.45 -16.78 -18.96
C UNK A 102 25.94 -16.60 -19.16
N UNK A 103 26.49 -15.52 -18.60
CA UNK A 103 27.89 -15.17 -18.77
C UNK A 103 28.29 -15.17 -20.24
N UNK A 104 29.28 -15.99 -20.59
CA UNK A 104 29.75 -16.08 -21.97
C UNK A 104 29.14 -17.26 -22.71
N UNK A 105 28.32 -18.06 -22.02
CA UNK A 105 27.75 -19.26 -22.61
C UNK A 105 26.24 -19.14 -22.79
N UNK A 106 25.71 -19.80 -23.81
CA UNK A 106 24.28 -19.72 -24.09
C UNK A 106 23.69 -21.10 -24.37
N UNK A 107 22.40 -21.25 -24.06
CA UNK A 107 21.68 -22.49 -24.28
C UNK A 107 20.23 -22.20 -24.63
N UNK A 108 19.63 -23.06 -25.46
CA UNK A 108 18.24 -22.88 -25.83
C UNK A 108 17.41 -24.14 -25.56
N UNK A 109 16.21 -23.95 -25.02
CA UNK A 109 15.33 -25.06 -24.69
C UNK A 109 13.91 -24.80 -25.19
N UNK A 110 13.31 -25.77 -25.85
CA UNK A 110 11.97 -25.61 -26.40
C UNK A 110 10.91 -26.24 -25.51
N UNK A 111 9.79 -25.55 -25.34
CA UNK A 111 8.68 -26.08 -24.54
C UNK A 111 7.47 -26.33 -25.43
N UNK A 112 6.80 -27.46 -25.20
CA UNK A 112 5.65 -27.84 -26.00
C UNK A 112 4.38 -27.91 -25.17
N UNK A 113 11.73 -35.74 -18.35
CA UNK A 113 12.09 -36.97 -17.66
C UNK A 113 13.34 -36.76 -16.79
N UNK A 114 13.74 -37.83 -16.10
CA UNK A 114 14.95 -37.83 -15.28
C UNK A 114 15.00 -36.66 -14.31
N UNK A 115 14.13 -36.68 -13.31
CA UNK A 115 14.03 -35.53 -12.42
C UNK A 115 14.59 -35.81 -11.02
N UNK A 116 15.76 -35.24 -10.75
CA UNK A 116 16.31 -35.13 -9.41
C UNK A 116 17.09 -33.82 -9.30
N UNK A 117 16.89 -33.07 -8.23
CA UNK A 117 17.53 -31.77 -8.10
C UNK A 117 18.97 -31.91 -7.62
N UNK A 118 19.84 -31.03 -8.11
CA UNK A 118 21.22 -31.04 -7.66
C UNK A 118 21.43 -29.94 -6.63
N UNK A 119 21.59 -30.33 -5.38
CA UNK A 119 21.67 -29.39 -4.28
C UNK A 119 23.10 -28.98 -3.97
N UNK A 120 23.29 -27.69 -3.72
CA UNK A 120 24.59 -27.16 -3.33
C UNK A 120 24.40 -25.78 -2.71
N UNK A 121 25.50 -25.18 -2.25
CA UNK A 121 25.46 -23.87 -1.61
C UNK A 121 26.83 -23.21 -1.62
N UNK A 122 27.46 -14.90 14.00
CA UNK A 122 26.69 -15.88 13.24
C UNK A 122 25.22 -15.91 13.68
N UNK A 123 24.99 -16.13 14.96
CA UNK A 123 23.63 -16.20 15.49
C UNK A 123 22.85 -14.91 15.22
N UNK A 124 23.57 -13.81 15.10
CA UNK A 124 22.95 -12.54 14.74
C UNK A 124 22.35 -12.66 13.34
N UNK A 125 23.17 -13.16 12.43
CA UNK A 125 22.77 -13.33 11.04
C UNK A 125 21.62 -14.33 10.92
N UNK A 126 21.66 -15.40 11.72
CA UNK A 126 20.59 -16.37 11.73
C UNK A 126 19.29 -15.74 12.22
N UNK A 127 19.40 -14.90 13.24
CA UNK A 127 18.26 -14.16 13.76
C UNK A 127 17.64 -13.36 12.63
N UNK A 128 18.46 -12.51 12.02
CA UNK A 128 18.00 -11.64 10.95
C UNK A 128 17.37 -12.43 9.80
N UNK A 129 17.99 -13.56 9.44
CA UNK A 129 17.54 -14.36 8.31
C UNK A 129 16.17 -14.98 8.56
N UNK A 130 16.04 -15.74 9.65
CA UNK A 130 14.79 -16.42 9.94
C UNK A 130 13.68 -15.40 10.22
N UNK A 131 14.03 -14.29 10.87
CA UNK A 131 13.06 -13.26 11.18
C UNK A 131 12.54 -12.60 9.91
N UNK A 132 13.46 -12.29 9.00
CA UNK A 132 13.08 -11.63 7.75
C UNK A 132 12.23 -12.58 6.91
N UNK A 133 12.66 -13.83 6.81
CA UNK A 133 11.93 -14.82 6.04
C UNK A 133 10.52 -14.98 6.59
N UNK A 134 10.39 -15.02 7.92
CA UNK A 134 9.07 -15.15 8.54
C UNK A 134 8.24 -13.90 8.28
N UNK A 135 8.90 -12.75 8.29
CA UNK A 135 8.24 -11.47 8.08
C UNK A 135 7.63 -11.49 6.70
N UNK A 136 8.39 -12.03 5.75
CA UNK A 136 7.97 -12.12 4.35
C UNK A 136 6.83 -13.14 4.23
N UNK A 137 6.92 -14.21 5.01
CA UNK A 137 5.89 -15.25 5.01
C UNK A 137 4.55 -14.65 5.43
N UNK A 138 4.57 -13.73 6.38
CA UNK A 138 3.35 -13.02 6.76
C UNK A 138 3.10 -11.84 5.82
N UNK A 139 4.14 -11.49 5.07
CA UNK A 139 4.08 -10.42 4.07
C UNK A 139 3.55 -11.01 2.77
N UNK A 140 3.14 -12.28 2.88
CA UNK A 140 2.44 -13.02 1.83
C UNK A 140 3.31 -13.69 0.77
N UNK A 141 4.63 -13.50 0.83
CA UNK A 141 5.47 -14.21 -0.13
C UNK A 141 5.29 -15.73 0.04
N UNK A 142 4.81 -16.14 1.22
CA UNK A 142 4.37 -17.51 1.51
C UNK A 142 5.32 -18.60 0.98
N UNK A 143 4.74 -19.63 0.39
CA UNK A 143 5.48 -20.69 -0.30
C UNK A 143 4.52 -21.60 -1.05
N UNK A 144 5.07 -22.65 -1.65
CA UNK A 144 4.28 -23.73 -2.24
C UNK A 144 3.41 -24.38 -1.18
N UNK A 145 2.29 -24.96 -1.61
CA UNK A 145 1.31 -25.54 -0.70
C UNK A 145 1.87 -26.64 0.20
N UNK A 146 2.74 -27.49 -0.34
CA UNK A 146 3.25 -28.62 0.42
C UNK A 146 4.36 -28.22 1.39
N UNK A 147 5.39 -27.55 0.89
CA UNK A 147 6.59 -27.25 1.68
C UNK A 147 6.35 -26.17 2.75
N UNK A 148 5.27 -25.41 2.59
CA UNK A 148 4.98 -24.27 3.46
C UNK A 148 4.92 -24.62 4.94
N UNK A 149 4.24 -25.71 5.28
CA UNK A 149 4.07 -26.10 6.68
C UNK A 149 5.39 -26.45 7.35
N UNK A 150 6.19 -27.27 6.69
CA UNK A 150 7.46 -27.71 7.26
C UNK A 150 8.45 -26.56 7.34
N UNK A 151 8.53 -25.78 6.27
CA UNK A 151 9.48 -24.67 6.25
C UNK A 151 9.10 -23.61 7.28
N UNK A 152 7.79 -23.36 7.43
CA UNK A 152 7.31 -22.39 8.42
C UNK A 152 7.57 -22.88 9.84
N UNK A 153 7.30 -24.17 10.09
CA UNK A 153 7.52 -24.73 11.41
C UNK A 153 9.00 -24.65 11.80
N UNK A 154 9.88 -25.08 10.89
CA UNK A 154 11.31 -25.05 11.17
C UNK A 154 11.80 -23.61 11.36
N UNK A 155 11.34 -22.72 10.49
CA UNK A 155 11.71 -21.31 10.56
C UNK A 155 11.30 -20.69 11.89
N UNK A 156 10.05 -20.91 12.28
CA UNK A 156 9.53 -20.37 13.54
C UNK A 156 10.28 -20.95 14.73
N UNK A 157 10.54 -22.24 14.69
CA UNK A 157 11.31 -22.90 15.75
C UNK A 157 12.67 -22.22 15.93
N UNK A 158 13.43 -22.17 14.84
CA UNK A 158 14.75 -21.54 14.86
C UNK A 158 14.66 -20.09 15.34
N UNK A 159 13.57 -19.42 14.96
CA UNK A 159 13.30 -18.05 15.38
C UNK A 159 13.26 -17.94 16.88
N UNK A 160 12.26 -18.60 17.47
CA UNK A 160 12.07 -18.57 18.93
C UNK A 160 13.35 -18.97 19.66
N UNK A 161 14.03 -20.00 19.15
CA UNK A 161 15.31 -20.42 19.71
C UNK A 161 16.33 -19.27 19.73
N UNK A 162 16.47 -18.59 18.60
CA UNK A 162 17.43 -17.50 18.48
C UNK A 162 17.02 -16.30 19.33
N UNK A 163 15.72 -16.13 19.54
CA UNK A 163 15.23 -15.03 20.36
C UNK A 163 15.38 -15.33 21.84
N UNK A 164 15.53 -16.61 22.17
CA UNK A 164 15.70 -17.04 23.55
C UNK A 164 17.14 -16.89 24.05
N UNK A 165 18.10 -17.24 23.19
CA UNK A 165 19.52 -17.18 23.56
C UNK A 165 19.92 -15.78 23.97
N UNK A 166 20.60 -15.67 25.12
CA UNK A 166 20.95 -14.38 25.67
C UNK A 166 22.11 -13.76 24.91
N UNK A 167 22.83 -14.59 24.17
CA UNK A 167 24.06 -14.16 23.51
C UNK A 167 23.76 -13.21 22.36
N UNK A 168 22.51 -13.25 21.87
CA UNK A 168 22.14 -12.54 20.66
C UNK A 168 22.37 -11.04 20.80
N UNK A 169 21.86 -10.46 21.88
CA UNK A 169 21.90 -9.02 22.05
C UNK A 169 23.35 -8.54 22.05
N UNK A 170 24.17 -9.23 22.85
CA UNK A 170 25.58 -8.86 22.99
C UNK A 170 26.28 -9.04 21.66
N UNK A 171 25.91 -10.09 20.92
CA UNK A 171 26.55 -10.38 19.65
C UNK A 171 26.27 -9.25 18.66
N UNK A 172 25.02 -8.81 18.64
CA UNK A 172 24.61 -7.76 17.71
C UNK A 172 25.28 -6.45 18.06
N UNK A 173 25.32 -6.14 19.35
CA UNK A 173 25.97 -4.92 19.81
C UNK A 173 27.46 -5.01 19.52
N UNK A 174 27.97 -6.23 19.49
CA UNK A 174 29.38 -6.49 19.22
C UNK A 174 29.69 -6.21 17.77
N UNK A 175 28.81 -6.65 16.87
CA UNK A 175 29.00 -6.44 15.44
C UNK A 175 28.84 -4.96 15.09
N UNK A 176 27.87 -4.31 15.74
CA UNK A 176 27.63 -2.89 15.53
C UNK A 176 28.81 -2.05 16.03
N UNK A 177 29.33 -2.40 17.20
CA UNK A 177 30.47 -1.69 17.76
C UNK A 177 31.76 -2.11 17.05
N UNK A 178 31.69 -3.22 16.32
CA UNK A 178 32.79 -3.67 15.49
C UNK A 178 32.83 -2.81 14.24
N UNK A 179 31.66 -2.38 13.78
CA UNK A 179 31.64 -1.55 12.59
C UNK A 179 32.20 -0.18 12.89
N UNK A 180 31.82 0.41 14.02
CA UNK A 180 32.35 1.73 14.31
C UNK A 180 33.39 1.68 15.43
N UNK A 181 34.67 1.64 15.07
CA UNK A 181 35.73 1.75 16.05
C UNK A 181 35.97 3.22 16.35
N UNK A 182 35.93 4.00 15.27
CA UNK A 182 36.12 5.44 15.27
C UNK A 182 34.87 6.19 15.72
N UNK A 183 35.02 7.52 15.82
CA UNK A 183 33.91 8.46 15.99
C UNK A 183 33.35 8.40 17.40
N UNK A 184 33.89 7.48 18.20
CA UNK A 184 33.53 7.37 19.60
C UNK A 184 34.77 7.66 20.43
N UNK A 185 34.63 8.50 21.46
CA UNK A 185 35.75 8.77 22.34
C UNK A 185 36.19 7.48 23.03
N UNK A 186 37.49 7.37 23.29
CA UNK A 186 38.05 6.17 23.91
C UNK A 186 37.42 5.88 25.26
N UNK A 187 36.95 6.92 25.94
CA UNK A 187 36.26 6.76 27.21
C UNK A 187 34.98 5.94 27.02
N UNK A 188 34.12 6.43 26.13
CA UNK A 188 32.84 5.79 25.87
C UNK A 188 33.05 4.41 25.25
N UNK A 189 34.01 4.31 24.35
CA UNK A 189 34.30 3.06 23.64
C UNK A 189 34.75 1.98 24.62
N UNK A 190 35.77 2.30 25.41
CA UNK A 190 36.30 1.35 26.39
C UNK A 190 35.23 1.00 27.41
N UNK A 191 34.43 1.99 27.80
CA UNK A 191 33.36 1.76 28.76
C UNK A 191 32.36 0.74 28.23
N UNK A 192 31.91 0.96 27.00
CA UNK A 192 30.93 0.09 26.36
C UNK A 192 31.50 -1.32 26.21
N UNK A 193 32.72 -1.42 25.72
CA UNK A 193 33.36 -2.71 25.51
C UNK A 193 33.51 -3.47 26.82
N UNK A 194 33.88 -2.75 27.86
CA UNK A 194 34.06 -3.34 29.18
C UNK A 194 32.74 -3.85 29.75
N UNK A 195 31.69 -3.03 29.67
CA UNK A 195 30.39 -3.43 30.18
C UNK A 195 29.86 -4.63 29.41
N UNK A 196 30.16 -4.66 28.12
CA UNK A 196 29.73 -5.75 27.25
C UNK A 196 30.43 -7.05 27.66
N UNK A 197 31.74 -6.98 27.82
CA UNK A 197 32.53 -8.14 28.21
C UNK A 197 32.08 -8.64 29.58
N UNK A 198 31.72 -7.69 30.45
CA UNK A 198 31.18 -8.02 31.77
C UNK A 198 29.86 -8.76 31.63
N UNK A 199 29.07 -8.37 30.64
CA UNK A 199 27.80 -9.02 30.37
C UNK A 199 28.02 -10.44 29.86
N UNK A 200 29.06 -10.62 29.05
CA UNK A 200 29.38 -11.92 28.49
C UNK A 200 29.91 -12.87 29.55
N UNK A 201 30.73 -12.35 30.45
CA UNK A 201 31.38 -13.16 31.47
C UNK A 201 30.38 -13.59 32.54
N UNK A 202 29.43 -12.69 32.82
CA UNK A 202 28.41 -12.96 33.81
C UNK A 202 27.19 -13.64 33.18
N UNK A 203 27.28 -13.94 31.88
CA UNK A 203 26.25 -14.76 31.23
C UNK A 203 26.31 -16.15 31.83
N UNK A 204 25.24 -16.92 31.70
CA UNK A 204 25.05 -18.22 32.35
C UNK A 204 24.76 -18.07 33.85
N UNK A 205 24.75 -16.85 34.33
CA UNK A 205 24.31 -16.56 35.70
C UNK A 205 22.80 -16.38 35.74
N UNK A 206 22.16 -16.98 36.74
CA UNK A 206 20.71 -16.97 36.88
C UNK A 206 20.16 -15.55 36.80
N UNK A 207 20.91 -14.60 37.35
CA UNK A 207 20.61 -13.21 37.14
C UNK A 207 21.58 -12.65 36.10
N UNK A 208 21.08 -12.39 34.90
CA UNK A 208 21.90 -11.80 33.86
C UNK A 208 21.10 -10.79 33.07
N UNK A 209 21.62 -9.58 32.93
CA UNK A 209 20.98 -8.58 32.09
C UNK A 209 21.98 -7.93 31.13
N UNK A 210 21.52 -7.55 29.95
CA UNK A 210 22.33 -6.76 29.04
C UNK A 210 22.55 -5.39 29.67
N UNK A 211 23.62 -4.71 29.26
CA UNK A 211 23.96 -3.40 29.81
C UNK A 211 22.74 -2.49 29.86
N UNK A 212 21.98 -2.45 28.76
CA UNK A 212 20.70 -1.74 28.72
C UNK A 212 20.83 -0.30 29.20
N UNK A 213 20.16 0.02 30.31
CA UNK A 213 20.22 1.34 30.93
C UNK A 213 21.64 1.82 31.17
N UNK A 214 22.55 0.89 31.43
CA UNK A 214 23.96 1.20 31.59
C UNK A 214 24.58 1.82 30.34
N UNK A 215 24.49 1.12 29.21
CA UNK A 215 25.05 1.61 27.95
C UNK A 215 24.48 2.97 27.55
N UNK A 216 23.16 3.09 27.66
CA UNK A 216 22.48 4.37 27.44
C UNK A 216 23.01 5.45 28.36
N UNK A 217 23.25 5.07 29.62
CA UNK A 217 23.79 6.01 30.60
C UNK A 217 25.18 6.49 30.20
N UNK A 218 26.01 5.59 29.68
CA UNK A 218 27.34 5.96 29.19
C UNK A 218 27.22 6.95 28.03
N UNK A 219 26.39 6.59 27.04
CA UNK A 219 26.19 7.42 25.86
C UNK A 219 25.72 8.82 26.22
N UNK A 220 24.66 8.89 27.02
CA UNK A 220 24.13 10.18 27.49
C UNK A 220 25.15 10.95 28.31
N UNK A 221 25.98 10.23 29.06
CA UNK A 221 27.02 10.85 29.87
C UNK A 221 28.03 11.58 29.00
N UNK A 222 28.60 10.86 28.03
CA UNK A 222 29.55 11.49 27.11
C UNK A 222 28.86 12.59 26.28
N UNK A 223 27.56 12.44 26.08
CA UNK A 223 26.78 13.41 25.33
C UNK A 223 26.60 14.71 26.10
N UNK A 224 26.55 14.60 27.43
CA UNK A 224 26.42 15.78 28.29
C UNK A 224 27.68 16.65 28.22
N UNK A 225 28.80 16.02 27.92
CA UNK A 225 30.07 16.74 27.81
C UNK A 225 30.20 17.41 26.43
N UNK A 226 28.13 17.62 18.81
CA UNK A 226 27.06 17.06 19.62
C UNK A 226 26.16 16.18 18.77
N UNK A 227 25.55 16.78 17.76
CA UNK A 227 24.74 16.05 16.80
C UNK A 227 25.66 15.10 16.02
N UNK A 228 26.92 15.50 15.91
CA UNK A 228 27.93 14.70 15.25
C UNK A 228 28.07 13.37 15.97
N UNK A 229 28.04 13.43 17.31
CA UNK A 229 28.17 12.22 18.12
C UNK A 229 26.85 11.45 18.12
N UNK A 230 25.75 12.17 17.94
CA UNK A 230 24.44 11.55 17.90
C UNK A 230 24.27 10.77 16.61
N UNK A 231 24.86 11.30 15.53
CA UNK A 231 24.87 10.63 14.25
C UNK A 231 26.09 9.72 14.12
N UNK A 232 26.99 9.83 15.09
CA UNK A 232 28.14 8.94 15.15
C UNK A 232 27.67 7.60 15.67
N UNK A 233 27.16 7.60 16.90
CA UNK A 233 26.46 6.42 17.38
C UNK A 233 24.96 6.71 17.44
N UNK A 234 24.26 6.18 16.45
CA UNK A 234 22.81 6.04 16.48
C UNK A 234 22.45 4.61 16.85
N UNK A 235 22.99 3.69 16.04
CA UNK A 235 22.69 2.27 16.13
C UNK A 235 22.95 1.67 17.50
N UNK A 236 23.89 2.22 18.25
CA UNK A 236 24.12 1.75 19.62
C UNK A 236 22.94 2.12 20.50
N UNK A 237 22.45 3.36 20.33
CA UNK A 237 21.28 3.82 21.07
C UNK A 237 20.05 3.02 20.67
N UNK A 238 20.02 2.59 19.41
CA UNK A 238 18.91 1.80 18.89
C UNK A 238 18.92 0.41 19.52
N UNK A 239 20.08 -0.25 19.46
CA UNK A 239 20.21 -1.61 19.99
C UNK A 239 19.91 -1.60 21.47
N UNK A 240 20.38 -0.56 22.15
CA UNK A 240 20.18 -0.38 23.59
C UNK A 240 18.71 -0.13 23.92
N UNK A 241 18.02 0.61 23.05
CA UNK A 241 16.61 0.93 23.26
C UNK A 241 15.69 -0.24 22.93
N UNK A 242 16.15 -1.11 22.03
CA UNK A 242 15.37 -2.26 21.58
C UNK A 242 15.41 -3.32 22.67
N UNK A 243 16.63 -3.75 22.97
CA UNK A 243 16.89 -4.79 23.94
C UNK A 243 16.93 -4.17 25.34
N UNK A 244 16.40 -2.95 25.46
CA UNK A 244 16.31 -2.23 26.73
C UNK A 244 15.75 -3.05 27.89
N UNK A 245 14.56 -3.60 27.74
CA UNK A 245 14.11 -4.64 28.67
C UNK A 245 14.75 -5.93 28.17
N UNK A 246 14.54 -7.05 28.85
CA UNK A 246 15.45 -8.18 28.74
C UNK A 246 15.40 -8.84 27.36
N UNK A 247 16.13 -9.95 27.18
CA UNK A 247 15.99 -10.75 25.97
C UNK A 247 14.51 -11.10 25.79
N UNK A 248 13.80 -11.13 26.92
CA UNK A 248 12.35 -11.21 26.94
C UNK A 248 11.69 -10.05 26.18
N UNK A 249 12.32 -8.88 26.17
CA UNK A 249 11.74 -7.74 25.44
C UNK A 249 11.72 -7.98 23.94
N UNK A 250 12.83 -8.47 23.38
CA UNK A 250 12.86 -8.76 21.95
C UNK A 250 12.00 -9.99 21.67
N UNK A 251 12.04 -10.96 22.58
CA UNK A 251 11.23 -12.17 22.45
C UNK A 251 9.73 -11.86 22.45
N UNK A 252 9.34 -10.81 23.15
CA UNK A 252 7.96 -10.35 23.13
C UNK A 252 7.66 -9.49 21.91
N UNK A 253 8.60 -8.61 21.59
CA UNK A 253 8.40 -7.59 20.56
C UNK A 253 8.26 -8.21 19.18
N UNK A 254 9.12 -9.18 18.89
CA UNK A 254 9.08 -9.87 17.60
C UNK A 254 7.69 -10.47 17.36
N UNK A 255 7.27 -11.33 18.29
CA UNK A 255 5.98 -12.01 18.18
C UNK A 255 4.85 -10.99 18.07
N UNK A 256 4.97 -9.92 18.86
CA UNK A 256 3.96 -8.88 18.87
C UNK A 256 3.84 -8.24 17.49
N UNK A 257 4.97 -8.04 16.83
CA UNK A 257 5.00 -7.40 15.52
C UNK A 257 4.47 -8.29 14.41
N UNK A 258 4.91 -9.55 14.39
CA UNK A 258 4.40 -10.50 13.41
C UNK A 258 2.87 -10.60 13.53
N UNK A 259 2.42 -10.77 14.76
CA UNK A 259 0.98 -10.84 15.03
C UNK A 259 0.32 -9.52 14.64
N UNK A 260 1.08 -8.43 14.69
CA UNK A 260 0.53 -7.12 14.37
C UNK A 260 0.25 -7.04 12.88
N UNK A 261 1.17 -7.58 12.08
CA UNK A 261 1.02 -7.56 10.63
C UNK A 261 -0.18 -8.43 10.23
N UNK A 262 -0.14 -9.68 10.69
CA UNK A 262 -1.22 -10.62 10.41
C UNK A 262 -2.55 -10.11 10.95
N UNK A 263 -2.51 -9.22 11.94
CA UNK A 263 -3.70 -8.54 12.40
C UNK A 263 -4.17 -7.50 11.39
N UNK A 264 -3.26 -6.60 11.03
CA UNK A 264 -3.59 -5.44 10.20
C UNK A 264 -4.19 -5.86 8.86
N UNK A 265 -3.46 -6.72 8.15
CA UNK A 265 -3.87 -7.12 6.80
C UNK A 265 -5.31 -7.60 6.77
N UNK A 266 -5.58 -8.75 7.38
CA UNK A 266 -6.92 -9.33 7.38
C UNK A 266 -7.94 -8.51 8.20
N UNK A 267 -7.49 -7.56 9.00
CA UNK A 267 -8.43 -6.65 9.67
C UNK A 267 -9.03 -5.69 8.66
N UNK A 268 -8.17 -5.04 7.92
CA UNK A 268 -8.61 -4.07 6.93
C UNK A 268 -9.21 -4.76 5.71
N UNK A 269 -8.77 -5.98 5.43
CA UNK A 269 -9.16 -6.63 4.18
C UNK A 269 -10.58 -7.17 4.22
N UNK A 270 -10.97 -7.88 5.27
CA UNK A 270 -12.36 -8.26 5.30
C UNK A 270 -13.13 -7.58 6.44
N UNK A 271 -13.70 -6.41 6.15
CA UNK A 271 -14.80 -5.88 6.93
C UNK A 271 -16.04 -6.08 6.09
N UNK A 272 -15.78 -6.54 4.86
CA UNK A 272 -16.78 -6.60 3.80
C UNK A 272 -16.38 -7.61 2.74
N UNK A 273 -17.32 -7.93 1.84
CA UNK A 273 -17.04 -8.76 0.68
C UNK A 273 -15.85 -8.20 -0.10
N UNK A 274 -15.01 -9.09 -0.62
CA UNK A 274 -13.71 -8.74 -1.20
C UNK A 274 -13.73 -7.56 -2.17
N UNK A 275 -14.77 -7.47 -3.00
CA UNK A 275 -14.88 -6.36 -3.94
C UNK A 275 -15.10 -5.03 -3.23
N UNK A 276 -16.13 -4.99 -2.37
CA UNK A 276 -16.47 -3.76 -1.64
C UNK A 276 -15.30 -3.34 -0.76
N UNK A 277 -14.69 -4.34 -0.13
CA UNK A 277 -13.56 -4.10 0.76
C UNK A 277 -12.36 -3.59 -0.01
N UNK A 278 -12.16 -4.11 -1.22
CA UNK A 278 -11.06 -3.65 -2.06
C UNK A 278 -11.30 -2.21 -2.46
N UNK A 279 -12.56 -1.87 -2.68
CA UNK A 279 -12.93 -0.49 -3.01
C UNK A 279 -12.65 0.42 -1.82
N UNK A 280 -12.95 -0.06 -0.62
CA UNK A 280 -12.72 0.73 0.59
C UNK A 280 -11.21 0.94 0.82
N UNK A 281 -10.43 -0.09 0.54
CA UNK A 281 -8.98 -0.02 0.70
C UNK A 281 -8.39 0.92 -0.33
N UNK A 282 -9.00 0.94 -1.52
CA UNK A 282 -8.58 1.85 -2.56
C UNK A 282 -8.95 3.28 -2.18
N UNK A 283 -10.03 3.41 -1.43
CA UNK A 283 -10.54 4.71 -1.02
C UNK A 283 -9.74 5.33 0.12
N UNK A 284 -9.30 4.52 1.08
CA UNK A 284 -8.53 5.05 2.22
C UNK A 284 -7.23 5.67 1.74
N UNK A 285 -6.39 4.86 1.09
CA UNK A 285 -5.17 5.36 0.47
C UNK A 285 -5.42 5.52 -1.02
N UNK A 286 -5.50 6.76 -1.48
CA UNK A 286 -5.73 7.03 -2.90
C UNK A 286 -4.47 6.87 -3.75
N UNK A 287 -3.56 7.83 -3.62
CA UNK A 287 -2.42 7.98 -4.53
C UNK A 287 -1.64 6.69 -4.80
N UNK A 288 -1.32 5.93 -3.76
CA UNK A 288 -0.52 4.73 -3.94
C UNK A 288 -1.39 3.50 -4.10
N UNK A 289 -1.44 2.97 -5.31
CA UNK A 289 -2.20 1.75 -5.59
C UNK A 289 -1.37 0.52 -5.24
N UNK A 290 -0.04 0.69 -5.28
CA UNK A 290 0.90 -0.38 -4.96
C UNK A 290 0.63 -0.97 -3.58
N UNK A 291 0.25 -0.09 -2.65
CA UNK A 291 -0.12 -0.51 -1.30
C UNK A 291 -1.32 -1.46 -1.36
N UNK A 292 -2.30 -1.11 -2.19
CA UNK A 292 -3.51 -1.91 -2.33
C UNK A 292 -3.21 -3.25 -2.99
N UNK A 293 -2.30 -3.24 -3.95
CA UNK A 293 -1.91 -4.47 -4.64
C UNK A 293 -1.19 -5.40 -3.66
N UNK A 294 -0.32 -4.83 -2.85
CA UNK A 294 0.42 -5.60 -1.86
C UNK A 294 -0.54 -6.20 -0.83
N UNK A 295 -1.44 -5.36 -0.33
CA UNK A 295 -2.42 -5.78 0.66
C UNK A 295 -3.30 -6.89 0.09
N UNK A 296 -3.61 -6.80 -1.20
CA UNK A 296 -4.39 -7.83 -1.87
C UNK A 296 -3.57 -9.12 -1.96
N UNK A 297 -2.26 -8.98 -2.15
CA UNK A 297 -1.38 -10.15 -2.18
C UNK A 297 -1.35 -10.80 -0.80
N UNK A 298 -1.51 -10.00 0.24
CA UNK A 298 -1.58 -10.52 1.60
C UNK A 298 -2.89 -11.25 1.84
N UNK A 299 -4.00 -10.56 1.56
CA UNK A 299 -5.33 -11.13 1.77
C UNK A 299 -5.52 -12.34 0.88
N UNK A 300 -4.64 -12.48 -0.10
CA UNK A 300 -4.67 -13.65 -0.98
C UNK A 300 -4.41 -14.88 -0.15
N UNK A 301 -3.25 -14.96 0.52
CA UNK A 301 -3.08 -16.15 1.33
C UNK A 301 -3.34 -15.80 2.79
N UNK A 302 -4.59 -15.93 3.20
CA UNK A 302 -4.99 -15.72 4.58
C UNK A 302 -4.79 -17.00 5.36
N UNK A 303 -4.87 -18.10 4.65
CA UNK A 303 -4.77 -19.43 5.23
C UNK A 303 -3.41 -19.68 5.86
N UNK A 304 -2.36 -19.59 5.06
CA UNK A 304 -1.01 -19.88 5.55
C UNK A 304 -0.62 -18.89 6.64
N UNK A 305 -1.07 -17.65 6.47
CA UNK A 305 -0.84 -16.62 7.47
C UNK A 305 -1.56 -16.99 8.76
N UNK A 306 -2.71 -17.63 8.62
CA UNK A 306 -3.46 -18.09 9.79
C UNK A 306 -2.70 -19.24 10.45
N UNK A 307 -2.00 -20.03 9.64
CA UNK A 307 -1.19 -21.12 10.16
C UNK A 307 -0.04 -20.59 11.00
N UNK A 308 0.67 -19.60 10.45
CA UNK A 308 1.81 -19.01 11.15
C UNK A 308 1.34 -18.26 12.37
N UNK A 309 0.16 -17.64 12.30
CA UNK A 309 -0.42 -16.96 13.46
C UNK A 309 -0.74 -17.98 14.54
N UNK A 310 -1.22 -19.14 14.12
CA UNK A 310 -1.55 -20.21 15.05
C UNK A 310 -0.30 -20.70 15.75
N UNK A 311 0.74 -20.97 14.97
CA UNK A 311 1.99 -21.47 15.51
C UNK A 311 2.62 -20.44 16.46
N UNK A 312 2.55 -19.17 16.06
CA UNK A 312 3.14 -18.09 16.85
C UNK A 312 2.43 -17.95 18.18
N UNK A 313 1.09 -17.92 18.13
CA UNK A 313 0.30 -17.81 19.35
C UNK A 313 0.56 -19.02 20.24
N UNK A 314 0.72 -20.18 19.62
CA UNK A 314 1.02 -21.41 20.34
C UNK A 314 2.36 -21.34 21.06
N UNK A 315 3.36 -20.73 20.43
CA UNK A 315 4.67 -20.60 21.07
C UNK A 315 4.61 -19.70 22.30
N UNK A 316 3.96 -18.54 22.15
CA UNK A 316 3.67 -17.66 23.28
C UNK A 316 2.47 -18.20 24.06
N UNK A 317 1.24 -13.51 28.71
CA UNK A 317 -0.07 -12.90 28.69
C UNK A 317 -0.15 -11.75 29.69
N UNK A 318 0.95 -11.53 30.40
CA UNK A 318 1.01 -10.47 31.40
C UNK A 318 1.11 -9.09 30.76
N UNK A 319 1.28 -9.05 29.44
CA UNK A 319 1.43 -7.79 28.73
C UNK A 319 0.09 -7.17 28.35
N UNK A 320 -0.05 -5.87 28.59
CA UNK A 320 -1.26 -5.13 28.24
C UNK A 320 -1.41 -5.04 26.73
N UNK A 321 -0.30 -4.75 26.06
CA UNK A 321 -0.28 -4.65 24.61
C UNK A 321 -0.67 -5.97 23.96
N UNK A 322 -0.10 -7.07 24.47
CA UNK A 322 -0.36 -8.39 23.91
C UNK A 322 -1.81 -8.79 24.16
N UNK A 323 -2.33 -8.46 25.33
CA UNK A 323 -3.74 -8.72 25.63
C UNK A 323 -4.65 -7.96 24.68
N UNK A 324 -4.28 -6.71 24.38
CA UNK A 324 -5.04 -5.90 23.45
C UNK A 324 -5.02 -6.51 22.06
N UNK A 325 -3.83 -6.92 21.62
CA UNK A 325 -3.66 -7.52 20.30
C UNK A 325 -4.47 -8.81 20.20
N UNK A 326 -4.44 -9.61 21.26
CA UNK A 326 -5.21 -10.85 21.31
C UNK A 326 -6.70 -10.55 21.22
N UNK A 327 -7.12 -9.47 21.89
CA UNK A 327 -8.51 -9.05 21.83
C UNK A 327 -8.90 -8.70 20.39
N UNK A 328 -7.98 -8.04 19.69
CA UNK A 328 -8.22 -7.67 18.30
C UNK A 328 -8.32 -8.90 17.40
N UNK A 329 -7.40 -9.84 17.59
CA UNK A 329 -7.39 -11.06 16.80
C UNK A 329 -8.67 -11.85 17.05
N UNK A 330 -9.16 -11.79 18.29
CA UNK A 330 -10.41 -12.45 18.65
C UNK A 330 -11.61 -11.67 18.09
N UNK A 331 -11.37 -10.40 17.77
CA UNK A 331 -12.45 -9.53 17.30
C UNK A 331 -12.72 -9.66 15.81
N UNK A 332 -11.91 -10.47 15.12
CA UNK A 332 -12.10 -10.65 13.68
C UNK A 332 -13.38 -11.46 13.44
N UNK A 333 -14.29 -10.88 12.67
CA UNK A 333 -15.59 -11.51 12.43
C UNK A 333 -15.61 -12.25 11.11
N UNK A 334 -14.48 -12.23 10.41
CA UNK A 334 -14.35 -12.95 9.16
C UNK A 334 -14.44 -14.46 9.39
N UNK A 335 -15.11 -15.15 8.49
CA UNK A 335 -15.15 -16.60 8.51
C UNK A 335 -13.85 -17.16 7.95
N UNK A 336 -13.12 -16.29 7.25
CA UNK A 336 -11.87 -16.68 6.59
C UNK A 336 -10.91 -17.26 7.62
N UNK A 337 -10.56 -16.47 8.63
CA UNK A 337 -9.92 -17.05 9.80
C UNK A 337 -10.83 -16.88 11.01
N UNK A 338 -11.50 -17.96 11.39
CA UNK A 338 -12.15 -18.04 12.70
C UNK A 338 -11.27 -18.87 13.61
N UNK A 339 -10.20 -19.40 13.04
CA UNK A 339 -9.28 -20.25 13.77
C UNK A 339 -8.39 -19.39 14.66
N UNK A 340 -7.92 -18.28 14.10
CA UNK A 340 -7.13 -17.32 14.85
C UNK A 340 -7.97 -16.75 15.98
N UNK A 341 -9.21 -16.37 15.67
CA UNK A 341 -10.12 -15.86 16.68
C UNK A 341 -10.38 -16.90 17.77
N UNK A 342 -10.49 -18.16 17.36
CA UNK A 342 -10.73 -19.25 18.29
C UNK A 342 -9.55 -19.40 19.24
N UNK A 343 -8.35 -19.45 18.69
CA UNK A 343 -7.13 -19.61 19.48
C UNK A 343 -6.94 -18.44 20.43
N UNK A 344 -7.22 -17.23 19.95
CA UNK A 344 -7.13 -16.03 20.78
C UNK A 344 -8.12 -16.10 21.94
N UNK A 345 -9.34 -16.52 21.64
CA UNK A 345 -10.36 -16.63 22.68
C UNK A 345 -9.95 -17.67 23.72
N UNK A 346 -9.38 -18.77 23.24
CA UNK A 346 -8.94 -19.86 24.12
C UNK A 346 -7.78 -19.42 25.02
N UNK A 347 -6.85 -18.64 24.46
CA UNK A 347 -5.69 -18.19 25.21
C UNK A 347 -6.09 -17.14 26.23
N UNK A 348 -7.02 -16.27 25.86
CA UNK A 348 -7.49 -15.26 26.80
C UNK A 348 -8.42 -15.84 27.86
N UNK A 349 -9.01 -17.00 27.55
CA UNK A 349 -9.93 -17.65 28.49
C UNK A 349 -9.20 -18.39 29.60
N UNK A 350 -8.41 -19.38 29.21
CA UNK A 350 -7.61 -20.18 30.14
C UNK A 350 -6.72 -19.30 31.03
N UNK A 351 -4.09 -23.21 34.65
CA UNK A 351 -3.62 -24.46 35.23
C UNK A 351 -2.34 -24.24 36.03
N UNK A 352 -2.33 -24.73 37.26
CA UNK A 352 -1.16 -24.57 38.14
C UNK A 352 -0.17 -25.72 37.99
N UNK A 353 1.12 -25.38 38.09
CA UNK A 353 2.19 -26.37 38.07
C UNK A 353 2.11 -27.27 39.30
N UNK A 354 2.69 -28.46 39.21
CA UNK A 354 2.62 -29.45 40.29
C UNK A 354 3.31 -28.97 41.57
N UNK A 355 4.55 -28.52 41.44
CA UNK A 355 5.30 -28.00 42.58
C UNK A 355 4.73 -26.66 43.03
N UNK A 356 4.04 -25.97 42.13
CA UNK A 356 3.42 -24.69 42.45
C UNK A 356 2.20 -24.90 43.32
N UNK A 357 1.43 -25.94 42.99
CA UNK A 357 0.28 -26.33 43.79
C UNK A 357 0.74 -26.91 45.11
N UNK A 358 1.88 -27.59 45.08
CA UNK A 358 2.48 -28.15 46.30
C UNK A 358 2.90 -27.04 47.26
N UNK A 359 3.50 -26.00 46.69
CA UNK A 359 3.98 -24.87 47.46
C UNK A 359 2.83 -24.01 47.96
N UNK A 360 1.76 -23.93 47.16
CA UNK A 360 0.59 -23.17 47.55
C UNK A 360 -0.11 -23.88 48.70
N UNK A 361 -0.20 -25.20 48.60
CA UNK A 361 -0.83 -25.99 49.64
C UNK A 361 -0.03 -25.92 50.92
N UNK A 362 1.29 -26.07 50.80
CA UNK A 362 2.18 -25.96 51.96
C UNK A 362 2.01 -24.60 52.61
N UNK A 363 1.93 -23.57 51.76
CA UNK A 363 1.71 -22.21 52.22
C UNK A 363 0.46 -22.13 53.07
N UNK A 364 -0.70 -22.43 52.50
CA UNK A 364 -1.96 -22.34 53.23
C UNK A 364 -1.95 -23.15 54.52
N UNK A 365 -1.61 -24.43 54.39
CA UNK A 365 -1.67 -25.35 55.53
C UNK A 365 -0.74 -24.93 56.66
N UNK A 366 0.51 -24.63 56.35
CA UNK A 366 1.47 -24.24 57.39
C UNK A 366 1.13 -22.87 57.98
N UNK A 367 0.63 -21.97 57.14
CA UNK A 367 0.28 -20.62 57.58
C UNK A 367 -0.86 -20.64 58.58
N UNK A 368 -1.87 -21.48 58.32
CA UNK A 368 -3.01 -21.58 59.23
C UNK A 368 -2.58 -22.04 60.63
N UNK A 369 -1.72 -23.06 60.67
CA UNK A 369 -1.26 -23.61 61.94
C UNK A 369 -0.22 -22.71 62.60
N UNK A 370 -8.99 -17.27 62.47
CA UNK A 370 -10.09 -16.69 61.70
C UNK A 370 -9.83 -16.80 60.20
N UNK A 371 -8.68 -16.32 59.76
CA UNK A 371 -8.27 -16.45 58.37
C UNK A 371 -7.89 -17.90 58.06
N UNK A 372 -7.66 -18.68 59.12
CA UNK A 372 -7.36 -20.10 58.98
C UNK A 372 -8.58 -20.87 58.51
N UNK A 373 -9.72 -20.65 59.16
CA UNK A 373 -10.96 -21.31 58.78
C UNK A 373 -11.34 -20.92 57.35
N UNK A 374 -11.16 -19.64 57.03
CA UNK A 374 -11.50 -19.13 55.70
C UNK A 374 -10.61 -19.74 54.63
N UNK A 375 -9.32 -19.76 54.88
CA UNK A 375 -8.37 -20.29 53.90
C UNK A 375 -8.58 -21.79 53.71
N UNK A 376 -8.85 -22.50 54.80
CA UNK A 376 -9.11 -23.93 54.70
C UNK A 376 -10.40 -24.17 53.90
N UNK A 377 -11.38 -23.29 54.10
CA UNK A 377 -12.63 -23.39 53.35
C UNK A 377 -12.35 -23.18 51.87
N UNK A 378 -11.46 -22.23 51.57
CA UNK A 378 -11.08 -21.97 50.19
C UNK A 378 -10.32 -23.16 49.61
N UNK A 379 -9.67 -23.93 50.49
CA UNK A 379 -8.93 -25.11 50.05
C UNK A 379 -9.89 -26.24 49.72
N UNK A 380 -10.96 -26.36 50.51
CA UNK A 380 -11.94 -27.43 50.30
C UNK A 380 -12.80 -27.17 49.07
N UNK A 381 -13.11 -25.91 48.82
CA UNK A 381 -14.00 -25.53 47.71
C UNK A 381 -13.25 -25.13 46.44
N UNK A 382 -11.92 -25.22 46.47
CA UNK A 382 -11.08 -24.74 45.38
C UNK A 382 -11.35 -25.41 44.03
N UNK A 383 -11.45 -24.58 43.00
CA UNK A 383 -11.60 -25.07 41.63
C UNK A 383 -10.38 -25.89 41.23
N UNK A 384 -9.24 -25.50 41.77
CA UNK A 384 -8.00 -26.25 41.56
C UNK A 384 -8.11 -27.64 42.17
N UNK A 385 -7.30 -28.57 41.68
CA UNK A 385 -7.29 -29.92 42.25
C UNK A 385 -6.20 -30.03 43.31
N UNK A 386 -6.64 -30.14 44.57
CA UNK A 386 -5.75 -30.28 45.71
C UNK A 386 -5.63 -31.75 46.11
N UNK A 387 -6.29 -32.62 45.34
CA UNK A 387 -6.32 -34.04 45.65
C UNK A 387 -4.95 -34.67 45.39
N UNK A 388 -4.15 -34.03 44.55
CA UNK A 388 -2.84 -34.55 44.18
C UNK A 388 -1.93 -34.57 45.40
N UNK A 389 -1.77 -33.39 46.01
CA UNK A 389 -0.81 -33.17 47.08
C UNK A 389 -1.25 -33.70 48.45
N UNK A 390 -2.48 -33.40 48.84
CA UNK A 390 -2.93 -33.53 50.24
C UNK A 390 -2.70 -34.90 50.87
N UNK A 391 -2.48 -35.90 50.04
CA UNK A 391 -2.16 -37.25 50.52
C UNK A 391 -0.81 -37.23 51.22
N UNK A 392 0.11 -36.42 50.69
CA UNK A 392 1.47 -36.33 51.23
C UNK A 392 1.49 -35.52 52.53
N UNK A 393 0.70 -34.45 52.56
CA UNK A 393 0.63 -33.64 53.77
C UNK A 393 -0.16 -34.38 54.84
N UNK A 394 -0.88 -35.42 54.43
CA UNK A 394 -1.65 -36.23 55.38
C UNK A 394 -0.71 -36.92 56.37
N UNK A 395 0.45 -37.34 55.87
CA UNK A 395 1.44 -38.04 56.67
C UNK A 395 2.51 -37.10 57.21
N UNK A 396 2.28 -35.80 57.04
CA UNK A 396 3.30 -34.78 57.35
C UNK A 396 3.61 -34.62 58.85
N UNK A 397 4.45 -33.63 59.13
CA UNK A 397 5.13 -33.49 60.42
C UNK A 397 4.23 -33.22 61.64
N UNK A 398 3.41 -32.19 61.58
CA UNK A 398 2.72 -31.73 62.78
C UNK A 398 1.30 -32.28 62.86
N UNK A 399 0.97 -32.87 64.01
CA UNK A 399 -0.36 -33.46 64.22
C UNK A 399 -1.48 -32.45 63.95
N UNK A 400 -1.18 -31.17 64.08
CA UNK A 400 -2.12 -30.13 63.69
C UNK A 400 -2.28 -30.16 62.18
N UNK A 401 -1.15 -30.10 61.48
CA UNK A 401 -1.14 -30.13 60.02
C UNK A 401 -1.70 -31.46 59.50
N UNK A 402 -1.27 -32.56 60.11
CA UNK A 402 -1.76 -33.88 59.74
C UNK A 402 -3.27 -33.94 59.87
N UNK A 403 -3.76 -33.67 61.09
CA UNK A 403 -5.20 -33.75 61.36
C UNK A 403 -5.99 -32.87 60.40
N UNK A 404 -5.48 -31.66 60.16
CA UNK A 404 -6.16 -30.73 59.28
C UNK A 404 -6.22 -31.27 57.85
N UNK A 405 -5.12 -31.88 57.41
CA UNK A 405 -5.04 -32.42 56.07
C UNK A 405 -6.04 -33.56 55.89
N UNK A 406 -6.10 -34.45 56.87
CA UNK A 406 -7.08 -35.53 56.82
C UNK A 406 -8.49 -34.96 56.75
N UNK A 407 -8.73 -33.92 57.54
CA UNK A 407 -10.05 -33.29 57.58
C UNK A 407 -10.43 -32.73 56.21
N UNK A 408 -9.51 -32.00 55.60
CA UNK A 408 -9.76 -31.41 54.28
C UNK A 408 -10.00 -32.50 53.24
N UNK A 409 -9.21 -33.56 53.32
CA UNK A 409 -9.38 -34.65 52.37
C UNK A 409 -10.78 -35.21 52.44
N UNK A 410 -11.19 -35.64 53.65
CA UNK A 410 -12.53 -36.21 53.79
C UNK A 410 -13.59 -35.21 53.36
N UNK A 411 -13.38 -33.95 53.69
CA UNK A 411 -14.36 -32.91 53.43
C UNK A 411 -14.58 -32.75 51.93
N UNK A 412 -13.50 -32.62 51.18
CA UNK A 412 -13.61 -32.44 49.73
C UNK A 412 -14.05 -33.73 49.04
N UNK A 413 -13.87 -34.86 49.72
CA UNK A 413 -14.31 -36.14 49.17
C UNK A 413 -15.80 -36.22 49.25
N UNK A 414 -16.32 -36.28 50.47
CA UNK A 414 -17.73 -36.51 50.69
C UNK A 414 -18.55 -35.20 50.52
N UNK A 415 -17.90 -34.15 50.01
CA UNK A 415 -18.52 -32.82 49.83
C UNK A 415 -19.90 -32.81 49.19
N UNK A 416 -20.16 -33.76 48.29
CA UNK A 416 -21.46 -33.87 47.64
C UNK A 416 -22.52 -34.33 48.65
N UNK A 417 -22.16 -35.35 49.43
CA UNK A 417 -23.02 -35.85 50.49
C UNK A 417 -23.02 -34.84 51.65
N UNK A 418 -23.97 -34.99 52.57
CA UNK A 418 -24.10 -34.05 53.68
C UNK A 418 -23.49 -34.60 54.97
N UNK A 419 -22.45 -33.93 55.46
CA UNK A 419 -21.69 -34.40 56.62
C UNK A 419 -22.10 -33.66 57.87
N UNK A 420 -22.76 -34.37 58.77
CA UNK A 420 -23.36 -33.74 59.94
C UNK A 420 -22.35 -33.44 61.06
N UNK A 421 -21.45 -34.40 61.34
CA UNK A 421 -20.50 -34.18 62.42
C UNK A 421 -19.13 -34.80 62.15
N UNK A 422 -18.06 -34.05 62.41
CA UNK A 422 -16.73 -34.61 62.21
C UNK A 422 -15.90 -34.50 63.49
N UNK A 423 -15.46 -35.64 64.00
CA UNK A 423 -14.67 -35.69 65.22
C UNK A 423 -13.31 -36.31 64.96
N UNK A 424 -12.24 -35.53 65.16
CA UNK A 424 -10.89 -36.05 65.00
C UNK A 424 -10.38 -36.56 66.34
N UNK A 425 -9.72 -37.72 66.31
CA UNK A 425 -9.17 -38.36 67.50
C UNK A 425 -7.81 -38.96 67.20
N UNK A 426 -7.10 -39.41 68.22
CA UNK A 426 -5.80 -40.03 67.99
C UNK A 426 -5.68 -41.39 68.67
N UNK A 427 -5.04 -42.32 67.97
CA UNK A 427 -4.83 -43.68 68.48
C UNK A 427 -3.34 -43.99 68.53
N UNK A 428 -2.91 -44.58 69.65
CA UNK A 428 -1.53 -44.97 69.90
C UNK A 428 -0.59 -43.76 69.97
N UNK A 429 -1.17 -42.57 69.74
CA UNK A 429 -0.45 -41.29 69.61
C UNK A 429 0.40 -41.26 68.34
N UNK A 430 0.58 -42.43 67.72
CA UNK A 430 1.32 -42.54 66.48
C UNK A 430 0.40 -42.54 65.27
N UNK A 431 -0.90 -42.43 65.50
CA UNK A 431 -1.83 -42.40 64.37
C UNK A 431 -2.97 -41.40 64.61
N UNK A 432 -3.23 -40.58 63.61
CA UNK A 432 -4.33 -39.62 63.68
C UNK A 432 -5.54 -40.16 62.90
N UNK A 433 -6.68 -40.28 63.57
CA UNK A 433 -7.88 -40.82 62.92
C UNK A 433 -9.00 -39.79 62.83
N UNK A 434 -9.68 -39.77 61.68
CA UNK A 434 -10.83 -38.88 61.46
C UNK A 434 -12.11 -39.70 61.51
N UNK A 435 -13.11 -39.21 62.24
CA UNK A 435 -14.40 -39.88 62.28
C UNK A 435 -15.50 -38.97 61.73
N UNK A 436 -16.35 -39.50 60.86
CA UNK A 436 -17.35 -38.70 60.16
C UNK A 436 -18.77 -39.22 60.41
N UNK A 437 -19.75 -38.32 60.37
CA UNK A 437 -21.15 -38.70 60.50
C UNK A 437 -21.99 -37.93 59.48
N UNK A 438 -22.66 -38.70 58.61
CA UNK A 438 -23.32 -38.19 57.41
C UNK A 438 -24.65 -38.89 57.16
N UNK A 439 -25.45 -38.35 56.24
CA UNK A 439 -26.67 -39.02 55.77
C UNK A 439 -26.86 -38.75 54.29
N UNK A 440 -27.31 -39.76 53.53
CA UNK A 440 -27.37 -39.62 52.08
C UNK A 440 -28.60 -38.82 51.66
N UNK A 441 -28.37 -37.75 50.90
CA UNK A 441 -29.42 -36.76 50.64
C UNK A 441 -30.11 -36.87 49.29
N UNK A 442 -31.37 -37.28 49.29
CA UNK A 442 -32.25 -37.21 48.11
C UNK A 442 -31.86 -38.07 46.90
N UNK A 443 -30.75 -38.80 46.97
CA UNK A 443 -30.30 -39.57 45.81
C UNK A 443 -29.94 -41.01 46.19
N UNK A 444 -29.73 -41.84 45.17
CA UNK A 444 -29.32 -43.24 45.35
C UNK A 444 -30.21 -44.02 46.32
N UNK A 445 -30.42 -44.91 55.96
CA UNK A 445 -30.52 -43.49 55.64
C UNK A 445 -29.23 -42.75 55.96
N UNK A 446 -28.75 -42.90 57.19
CA UNK A 446 -27.53 -42.25 57.64
C UNK A 446 -26.38 -43.25 57.69
N UNK A 447 -25.21 -42.76 58.07
CA UNK A 447 -24.02 -43.58 58.13
C UNK A 447 -22.83 -42.85 58.78
N UNK A 448 -21.87 -43.63 59.24
CA UNK A 448 -20.67 -43.07 59.86
C UNK A 448 -19.46 -43.42 58.99
N UNK A 449 -18.29 -42.90 59.37
CA UNK A 449 -17.12 -42.99 58.50
C UNK A 449 -15.83 -42.82 59.27
N UNK A 450 -14.72 -43.24 58.67
CA UNK A 450 -13.41 -43.05 59.27
C UNK A 450 -12.31 -43.01 58.24
N UNK A 451 -11.24 -42.28 58.56
CA UNK A 451 -10.03 -42.33 57.74
C UNK A 451 -8.80 -42.29 58.63
N UNK A 452 -7.81 -43.14 58.33
CA UNK A 452 -6.60 -43.22 59.13
C UNK A 452 -5.37 -43.31 58.25
N UNK A 453 -4.39 -42.45 58.51
CA UNK A 453 -3.17 -42.41 57.73
C UNK A 453 -2.06 -43.20 58.40
N UNK A 454 -1.53 -44.19 57.69
CA UNK A 454 -0.43 -45.00 58.20
C UNK A 454 0.79 -44.85 57.31
N UNK A 455 1.97 -45.09 57.87
CA UNK A 455 3.21 -44.90 57.12
C UNK A 455 3.45 -46.01 56.10
N UNK A 456 3.28 -47.25 56.54
CA UNK A 456 3.53 -48.41 55.70
C UNK A 456 2.46 -49.47 55.92
N UNK A 457 2.22 -50.28 54.89
CA UNK A 457 1.16 -51.29 54.92
C UNK A 457 1.36 -52.28 56.05
N UNK A 458 2.62 -52.48 56.46
CA UNK A 458 2.92 -53.39 57.56
C UNK A 458 2.41 -52.86 58.89
N UNK A 459 2.72 -51.60 59.19
CA UNK A 459 2.28 -50.99 60.44
C UNK A 459 0.76 -50.89 60.47
N UNK A 460 0.18 -50.63 59.30
CA UNK A 460 -1.27 -50.58 59.16
C UNK A 460 -1.87 -51.93 59.44
N UNK A 461 -1.20 -52.97 58.96
CA UNK A 461 -1.65 -54.35 59.17
C UNK A 461 -1.58 -54.72 60.65
N UNK A 462 -0.53 -54.28 61.31
CA UNK A 462 -0.36 -54.55 62.74
C UNK A 462 -1.44 -53.84 63.55
N UNK A 463 -1.57 -52.54 63.35
CA UNK A 463 -2.51 -51.74 64.12
C UNK A 463 -3.96 -51.93 63.68
N UNK A 464 -4.16 -52.71 62.61
CA UNK A 464 -5.46 -52.86 61.95
C UNK A 464 -6.61 -53.16 62.93
N UNK A 465 -6.41 -54.13 63.80
CA UNK A 465 -7.44 -54.51 64.78
C UNK A 465 -7.77 -53.34 65.69
N UNK A 466 -6.73 -52.61 66.12
CA UNK A 466 -6.91 -51.47 67.01
C UNK A 466 -7.68 -50.36 66.30
N UNK A 467 -7.37 -50.17 65.02
CA UNK A 467 -8.04 -49.15 64.23
C UNK A 467 -9.52 -49.47 64.07
N UNK A 468 -9.81 -50.73 63.72
CA UNK A 468 -11.19 -51.17 63.51
C UNK A 468 -11.97 -51.13 64.80
N UNK A 469 -11.27 -51.30 65.92
CA UNK A 469 -11.90 -51.21 67.23
C UNK A 469 -12.19 -49.76 67.60
N UNK A 470 -11.24 -48.87 67.32
CA UNK A 470 -11.34 -47.47 67.72
C UNK A 470 -12.26 -46.66 66.81
N UNK A 471 -12.56 -47.20 65.64
CA UNK A 471 -13.46 -46.53 64.70
C UNK A 471 -14.92 -46.85 65.01
N UNK A 472 -28.05 -53.95 57.59
CA UNK A 472 -26.98 -53.55 56.68
C UNK A 472 -25.73 -53.13 57.46
N UNK A 473 -24.63 -52.93 56.76
CA UNK A 473 -23.43 -52.37 57.36
C UNK A 473 -23.42 -50.86 57.11
N UNK A 474 -23.54 -50.07 58.17
CA UNK A 474 -23.72 -48.63 58.00
C UNK A 474 -22.42 -47.83 57.96
N UNK A 475 -21.30 -48.44 58.35
CA UNK A 475 -20.06 -47.69 58.50
C UNK A 475 -19.07 -47.89 57.33
N UNK A 476 -18.49 -46.80 56.86
CA UNK A 476 -17.51 -46.86 55.76
C UNK A 476 -16.13 -46.42 56.26
N UNK A 477 -15.08 -47.10 55.84
CA UNK A 477 -13.72 -46.71 56.25
C UNK A 477 -12.72 -46.68 55.09
N UNK A 478 -11.84 -45.69 55.11
CA UNK A 478 -10.78 -45.61 54.11
C UNK A 478 -9.43 -45.37 54.80
N UNK A 479 -8.47 -46.26 54.54
CA UNK A 479 -7.12 -46.17 55.08
C UNK A 479 -6.11 -45.80 54.00
N UNK A 480 -5.29 -44.79 54.23
CA UNK A 480 -4.29 -44.41 53.23
C UNK A 480 -2.87 -44.80 53.62
N UNK A 481 -2.25 -45.58 52.74
CA UNK A 481 -0.88 -46.06 52.88
C UNK A 481 -0.04 -45.58 51.69
N UNK A 482 1.19 -45.15 51.92
CA UNK A 482 2.01 -44.72 50.79
C UNK A 482 3.11 -45.74 50.52
N UNK A 483 3.18 -46.20 49.28
CA UNK A 483 4.14 -47.22 48.86
C UNK A 483 5.18 -46.67 47.89
N UNK A 484 2.30 -53.24 39.39
CA UNK A 484 2.05 -53.50 40.81
C UNK A 484 0.61 -53.23 41.17
N UNK A 485 -0.24 -53.04 40.15
CA UNK A 485 -1.64 -52.71 40.37
C UNK A 485 -2.43 -53.93 40.82
N UNK A 486 -2.47 -54.95 39.96
CA UNK A 486 -3.21 -56.18 40.27
C UNK A 486 -2.63 -56.82 41.52
N UNK A 487 -1.31 -56.68 41.71
CA UNK A 487 -0.63 -57.23 42.87
C UNK A 487 -1.12 -56.57 44.15
N UNK A 488 -1.17 -55.25 44.14
CA UNK A 488 -1.62 -54.49 45.30
C UNK A 488 -3.08 -54.80 45.59
N UNK A 489 -3.88 -54.91 44.53
CA UNK A 489 -5.29 -55.25 44.67
C UNK A 489 -5.43 -56.61 45.32
N UNK A 490 -4.56 -57.53 44.93
CA UNK A 490 -4.55 -58.89 45.47
C UNK A 490 -4.17 -58.87 46.94
N UNK A 491 -3.19 -58.05 47.28
CA UNK A 491 -2.73 -57.94 48.67
C UNK A 491 -3.84 -57.40 49.56
N UNK A 492 -4.48 -56.33 49.09
CA UNK A 492 -5.56 -55.71 49.84
C UNK A 492 -6.74 -56.68 49.98
N UNK A 493 -7.02 -57.41 48.91
CA UNK A 493 -8.08 -58.41 48.92
C UNK A 493 -7.75 -59.50 49.93
N UNK A 494 -6.48 -59.85 50.02
CA UNK A 494 -6.01 -60.86 50.97
C UNK A 494 -6.20 -60.39 52.39
N UNK A 495 -5.80 -59.14 52.66
CA UNK A 495 -5.95 -58.57 54.00
C UNK A 495 -7.41 -58.45 54.39
N UNK A 496 -8.26 -58.18 53.40
CA UNK A 496 -9.69 -58.04 53.64
C UNK A 496 -10.38 -59.38 53.90
N UNK A 497 -10.09 -60.36 53.06
CA UNK A 497 -10.70 -61.68 53.17
C UNK A 497 -10.21 -62.43 54.41
N UNK A 498 -8.91 -62.39 54.65
CA UNK A 498 -8.29 -63.07 55.78
C UNK A 498 -9.03 -62.78 57.09
N UNK A 499 -9.31 -61.51 57.34
CA UNK A 499 -10.13 -61.12 58.47
C UNK A 499 -11.49 -60.63 58.02
N UNK A 500 -12.51 -61.45 58.22
CA UNK A 500 -13.88 -61.03 58.00
C UNK A 500 -14.43 -60.53 59.33
N UNK A 501 -13.57 -60.59 60.34
CA UNK A 501 -13.87 -60.03 61.65
C UNK A 501 -13.95 -58.51 61.57
N UNK A 502 -13.54 -57.95 60.44
CA UNK A 502 -13.78 -56.55 60.15
C UNK A 502 -15.29 -56.27 60.09
N UNK A 503 -16.00 -57.14 59.39
CA UNK A 503 -17.45 -57.01 59.27
C UNK A 503 -18.13 -57.36 60.58
N UNK A 504 -17.47 -58.20 61.38
CA UNK A 504 -18.00 -58.61 62.66
C UNK A 504 -17.79 -57.55 63.73
N UNK A 505 -16.78 -56.70 63.54
CA UNK A 505 -16.44 -55.68 64.53
C UNK A 505 -17.13 -54.34 64.28
N UNK A 506 -16.76 -53.68 63.20
CA UNK A 506 -17.32 -52.36 62.90
C UNK A 506 -18.40 -52.40 61.83
N UNK A 507 -18.66 -53.58 61.28
CA UNK A 507 -19.65 -53.76 60.23
C UNK A 507 -19.45 -52.73 59.10
N UNK A 508 -18.47 -52.99 58.25
CA UNK A 508 -18.06 -52.02 57.25
C UNK A 508 -18.77 -52.22 55.91
N UNK A 509 -19.45 -51.18 55.46
CA UNK A 509 -20.12 -51.21 54.16
C UNK A 509 -19.07 -51.25 53.05
N UNK A 510 -17.98 -50.54 53.25
CA UNK A 510 -16.91 -50.49 52.27
C UNK A 510 -15.57 -50.30 52.97
N UNK A 511 -14.51 -50.75 52.32
CA UNK A 511 -13.16 -50.34 52.69
C UNK A 511 -12.37 -50.02 51.43
N UNK A 512 -11.94 -48.77 51.29
CA UNK A 512 -11.22 -48.35 50.10
C UNK A 512 -9.85 -47.83 50.49
N UNK A 513 -8.81 -48.44 49.93
CA UNK A 513 -7.44 -48.07 50.26
C UNK A 513 -6.94 -46.94 49.35
N UNK A 514 -6.33 -45.93 49.97
CA UNK A 514 -5.74 -44.81 49.23
C UNK A 514 -4.22 -44.96 49.17
N UNK A 515 -3.73 -45.26 47.98
CA UNK A 515 -2.32 -45.48 47.73
C UNK A 515 -1.66 -44.24 47.12
N UNK A 516 -0.58 -43.79 47.75
CA UNK A 516 0.13 -42.61 47.29
C UNK A 516 1.33 -42.99 46.42
N UNK A 517 -2.08 -38.37 40.18
CA UNK A 517 -2.84 -38.16 41.41
C UNK A 517 -2.85 -39.43 42.25
N UNK A 518 -3.70 -39.45 43.28
CA UNK A 518 -3.80 -40.59 44.17
C UNK A 518 -4.32 -41.82 43.43
N UNK A 519 -3.92 -43.00 43.92
CA UNK A 519 -4.39 -44.26 43.35
C UNK A 519 -5.31 -44.96 44.35
N UNK A 520 -6.60 -45.00 44.07
CA UNK A 520 -7.56 -45.57 45.02
C UNK A 520 -8.10 -46.94 44.59
N UNK A 521 -8.07 -47.90 45.51
CA UNK A 521 -8.59 -49.23 45.25
C UNK A 521 -9.72 -49.54 46.23
N UNK A 522 -10.94 -49.59 45.71
CA UNK A 522 -12.12 -49.72 46.55
C UNK A 522 -12.66 -51.14 46.63
N UNK A 523 -12.81 -51.66 47.85
CA UNK A 523 -13.44 -52.95 48.06
C UNK A 523 -14.76 -52.76 48.80
N UNK A 524 -15.88 -52.96 48.11
CA UNK A 524 -17.19 -52.59 48.67
C UNK A 524 -18.00 -53.82 49.07
N UNK A 525 -18.14 -54.02 50.38
CA UNK A 525 -18.86 -55.16 50.92
C UNK A 525 -19.01 -55.04 52.44
N UNK A 526 -14.79 -59.08 47.97
CA UNK A 526 -13.91 -58.84 46.83
C UNK A 526 -13.68 -57.35 46.63
N UNK A 527 -13.85 -56.88 45.39
CA UNK A 527 -13.66 -55.47 45.08
C UNK A 527 -14.44 -55.06 43.84
N UNK A 528 -14.68 -53.77 43.68
CA UNK A 528 -15.32 -53.24 42.48
C UNK A 528 -14.26 -52.63 41.55
N UNK A 529 -14.00 -53.29 40.45
CA UNK A 529 -12.89 -52.92 39.57
C UNK A 529 -13.26 -51.83 38.58
N UNK A 530 -14.54 -51.46 38.55
CA UNK A 530 -14.96 -50.31 37.76
C UNK A 530 -14.65 -49.04 38.53
N UNK A 531 -14.83 -49.11 39.85
CA UNK A 531 -14.62 -47.98 40.73
C UNK A 531 -13.17 -47.92 41.21
N UNK A 532 -12.34 -48.82 40.68
CA UNK A 532 -10.92 -48.82 40.99
C UNK A 532 -10.26 -47.58 40.39
N UNK A 533 -9.28 -47.03 41.11
CA UNK A 533 -8.59 -45.79 40.74
C UNK A 533 -9.56 -44.63 40.82
N UNK A 534 -10.53 -44.75 41.72
CA UNK A 534 -11.51 -43.70 41.97
C UNK A 534 -11.99 -43.77 43.42
N UNK A 535 -12.46 -42.65 43.94
CA UNK A 535 -12.94 -42.61 45.32
C UNK A 535 -14.45 -42.80 45.35
N UNK A 536 -14.87 -43.77 46.15
CA UNK A 536 -16.27 -44.16 46.27
C UNK A 536 -17.20 -42.99 46.59
N UNK A 537 -16.64 -41.95 47.21
CA UNK A 537 -17.44 -40.81 47.66
C UNK A 537 -17.68 -39.79 46.56
N UNK A 538 -16.95 -39.92 45.45
CA UNK A 538 -17.07 -38.97 44.37
C UNK A 538 -18.06 -39.53 43.36
N UNK A 539 -18.65 -40.67 43.71
CA UNK A 539 -19.71 -41.28 42.92
C UNK A 539 -20.96 -40.42 42.78
N UNK A 540 -21.72 -40.24 43.85
CA UNK A 540 -23.04 -39.62 43.78
C UNK A 540 -23.05 -38.26 43.07
N UNK A 541 -21.94 -37.53 43.12
CA UNK A 541 -21.88 -36.21 42.50
C UNK A 541 -22.05 -36.36 40.99
N UNK A 542 -21.39 -37.38 40.45
CA UNK A 542 -21.44 -37.74 39.04
C UNK A 542 -22.54 -38.78 38.85
N UNK A 543 -23.24 -38.75 37.72
CA UNK A 543 -24.26 -39.77 37.54
C UNK A 543 -23.62 -40.99 36.89
N UNK A 544 -23.38 -42.01 37.71
CA UNK A 544 -22.95 -43.32 37.24
C UNK A 544 -24.21 -44.15 36.94
N UNK A 545 -25.32 -43.68 37.50
CA UNK A 545 -26.60 -44.36 37.41
C UNK A 545 -27.26 -44.07 36.06
N UNK A 546 -27.06 -42.86 35.54
CA UNK A 546 -27.63 -42.50 34.25
C UNK A 546 -26.82 -43.11 33.10
N UNK A 547 -25.69 -43.72 33.46
CA UNK A 547 -24.84 -44.45 32.53
C UNK A 547 -25.14 -45.94 32.53
N UNK A 548 -26.25 -46.35 33.17
CA UNK A 548 -26.42 -47.76 33.51
C UNK A 548 -26.67 -48.70 32.34
N UNK A 549 -27.27 -48.26 31.23
CA UNK A 549 -27.38 -49.20 30.12
C UNK A 549 -26.28 -48.90 29.13
N UNK A 550 -25.18 -49.65 29.25
CA UNK A 550 -24.02 -49.62 28.37
C UNK A 550 -22.89 -50.44 29.03
N UNK A 551 -21.87 -50.77 28.26
CA UNK A 551 -20.65 -51.35 28.81
C UNK A 551 -19.56 -50.29 28.84
N UNK A 552 -19.24 -49.80 30.03
CA UNK A 552 -18.36 -48.63 30.21
C UNK A 552 -16.86 -48.92 30.36
N UNK A 553 -16.08 -48.57 29.35
CA UNK A 553 -14.62 -48.60 29.43
C UNK A 553 -14.14 -47.26 30.01
N UNK A 554 -13.44 -47.28 31.14
CA UNK A 554 -12.98 -46.03 31.75
C UNK A 554 -11.71 -45.48 31.08
N UNK A 555 -11.82 -44.27 30.55
CA UNK A 555 -10.72 -43.57 29.89
C UNK A 555 -9.95 -42.66 30.84
N UNK A 556 -8.62 -42.69 30.78
CA UNK A 556 -7.81 -41.85 31.67
C UNK A 556 -7.52 -40.54 30.94
N UNK A 557 -7.70 -39.42 31.64
CA UNK A 557 -7.44 -38.11 31.06
C UNK A 557 -6.73 -37.14 32.00
N UNK A 558 -5.93 -36.25 31.43
CA UNK A 558 -5.26 -35.23 32.23
C UNK A 558 -6.33 -34.21 32.62
N UNK A 559 -5.99 -33.28 33.50
CA UNK A 559 -6.98 -32.36 34.07
C UNK A 559 -8.07 -33.24 34.68
N UNK A 560 -7.74 -33.83 35.83
CA UNK A 560 -8.57 -34.86 36.44
C UNK A 560 -9.98 -34.41 36.75
N UNK A 561 -10.23 -33.10 36.64
CA UNK A 561 -11.56 -32.54 36.87
C UNK A 561 -12.59 -33.31 36.03
N UNK A 562 -12.37 -33.35 34.72
CA UNK A 562 -13.21 -34.15 33.82
C UNK A 562 -12.78 -35.61 33.78
N UNK A 563 -13.74 -36.51 33.64
CA UNK A 563 -13.49 -37.95 33.66
C UNK A 563 -14.16 -38.66 32.49
N UNK A 564 -13.36 -39.06 31.49
CA UNK A 564 -13.88 -39.63 30.26
C UNK A 564 -14.15 -41.13 30.39
N UNK A 565 -15.27 -41.59 29.83
CA UNK A 565 -15.55 -43.01 29.73
C UNK A 565 -16.26 -43.35 28.40
N UNK A 566 -15.75 -44.34 27.68
CA UNK A 566 -16.38 -44.76 26.43
C UNK A 566 -17.20 -46.02 26.65
N UNK A 567 -18.50 -45.90 26.54
CA UNK A 567 -19.42 -47.02 26.74
C UNK A 567 -20.09 -47.49 25.46
N UNK A 568 -20.24 -48.81 25.32
CA UNK A 568 -20.88 -49.38 24.13
C UNK A 568 -22.12 -50.16 24.54
N UNK A 569 -23.23 -49.90 23.84
CA UNK A 569 -24.53 -50.48 24.21
C UNK A 569 -24.49 -51.98 24.42
N UNK A 570 -25.10 -52.42 25.51
CA UNK A 570 -25.18 -53.84 25.85
C UNK A 570 -26.53 -54.43 25.49
N UNK A 571 -26.21 -60.46 18.15
CA UNK A 571 -26.39 -59.13 17.61
C UNK A 571 -25.20 -58.23 17.92
N UNK A 572 -24.46 -57.82 16.90
CA UNK A 572 -23.32 -56.93 17.07
C UNK A 572 -23.77 -55.57 17.59
N UNK A 573 -22.97 -54.96 18.44
CA UNK A 573 -23.33 -53.71 19.10
C UNK A 573 -23.35 -52.54 18.12
N UNK A 574 -24.49 -51.89 18.01
CA UNK A 574 -24.69 -50.81 17.05
C UNK A 574 -24.14 -49.46 17.52
N UNK A 575 -24.08 -49.27 18.84
CA UNK A 575 -23.75 -47.96 19.39
C UNK A 575 -22.45 -47.93 20.17
N UNK A 576 -21.46 -47.24 19.63
CA UNK A 576 -20.26 -46.91 20.37
C UNK A 576 -20.35 -45.45 20.80
N UNK A 577 -20.37 -45.21 22.12
CA UNK A 577 -20.60 -43.88 22.63
C UNK A 577 -19.46 -43.40 23.52
N UNK A 578 -19.21 -42.10 23.50
CA UNK A 578 -18.22 -41.48 24.38
C UNK A 578 -18.89 -40.48 25.33
N UNK A 579 -18.80 -40.77 26.62
CA UNK A 579 -19.45 -39.94 27.63
C UNK A 579 -18.43 -39.40 28.65
N UNK A 580 -18.31 -38.07 28.71
CA UNK A 580 -17.39 -37.42 29.65
C UNK A 580 -18.14 -36.82 30.83
N UNK A 581 -17.82 -37.30 32.04
CA UNK A 581 -18.52 -36.86 33.23
C UNK A 581 -17.58 -36.07 34.15
N UNK A 582 -18.00 -34.87 34.55
CA UNK A 582 -17.12 -33.98 35.30
C UNK A 582 -17.79 -33.30 36.49
N UNK A 583 -17.21 -33.49 37.68
CA UNK A 583 -17.58 -32.73 38.87
C UNK A 583 -16.83 -31.41 38.81
N UNK A 584 -17.53 -30.31 39.05
CA UNK A 584 -16.93 -28.99 38.99
C UNK A 584 -17.10 -28.27 40.32
N UNK A 585 -15.98 -27.88 40.92
CA UNK A 585 -15.98 -27.21 42.22
C UNK A 585 -15.54 -25.74 42.10
N UNK A 586 -16.22 -24.87 42.84
CA UNK A 586 -15.87 -23.46 42.91
C UNK A 586 -16.60 -22.80 44.07
N UNK A 587 -16.34 -21.51 44.27
CA UNK A 587 -16.94 -20.78 45.37
C UNK A 587 -18.42 -20.54 45.11
N UNK A 588 -19.19 -20.36 46.17
CA UNK A 588 -20.63 -20.21 46.08
C UNK A 588 -21.06 -19.13 45.09
N UNK A 589 -20.31 -18.03 45.07
CA UNK A 589 -20.57 -16.93 44.13
C UNK A 589 -22.01 -16.41 44.22
N UNK A 590 -22.40 -15.99 45.42
CA UNK A 590 -23.76 -15.53 45.69
C UNK A 590 -24.14 -14.26 44.92
N UNK A 591 -23.13 -13.52 44.45
CA UNK A 591 -23.38 -12.31 43.67
C UNK A 591 -23.80 -12.65 42.24
N UNK A 592 -24.91 -12.06 41.81
CA UNK A 592 -25.45 -12.33 40.48
C UNK A 592 -24.48 -11.91 39.38
N UNK A 593 -23.76 -10.81 39.61
CA UNK A 593 -22.75 -10.33 38.67
C UNK A 593 -21.58 -11.31 38.60
N UNK A 594 -21.07 -11.67 39.75
CA UNK A 594 -19.99 -12.65 39.85
C UNK A 594 -20.44 -13.99 39.28
N UNK A 595 -21.69 -14.35 39.53
CA UNK A 595 -22.26 -15.57 38.98
C UNK A 595 -22.27 -15.52 37.47
N UNK A 596 -22.57 -14.34 36.92
CA UNK A 596 -22.60 -14.15 35.47
C UNK A 596 -21.21 -14.30 34.87
N UNK A 597 -20.23 -13.59 35.44
CA UNK A 597 -18.86 -13.66 34.97
C UNK A 597 -18.33 -15.09 35.02
N UNK A 598 -18.48 -15.72 36.18
CA UNK A 598 -18.07 -17.11 36.37
C UNK A 598 -18.70 -18.01 35.32
N UNK A 599 -20.01 -17.87 35.16
CA UNK A 599 -20.74 -18.64 34.16
C UNK A 599 -20.07 -18.49 32.80
N UNK A 600 -20.14 -17.30 32.23
CA UNK A 600 -19.60 -17.06 30.90
C UNK A 600 -18.16 -17.56 30.76
N UNK A 601 -17.24 -16.86 31.42
CA UNK A 601 -15.82 -17.13 31.22
C UNK A 601 -15.42 -18.55 31.63
N UNK A 602 -15.68 -18.90 32.88
CA UNK A 602 -15.19 -20.17 33.41
C UNK A 602 -15.84 -21.36 32.74
N UNK A 603 -17.14 -21.27 32.44
CA UNK A 603 -17.76 -22.41 31.78
C UNK A 603 -17.26 -22.51 30.33
N UNK A 604 -17.01 -21.37 29.69
CA UNK A 604 -16.44 -21.41 28.34
C UNK A 604 -15.11 -22.15 28.35
N UNK A 605 -14.27 -21.79 29.32
CA UNK A 605 -12.98 -22.44 29.45
C UNK A 605 -13.16 -23.94 29.70
N UNK A 606 -14.15 -24.27 30.51
CA UNK A 606 -14.43 -25.66 30.84
C UNK A 606 -14.81 -26.42 29.57
N UNK A 607 -15.52 -25.74 28.68
CA UNK A 607 -15.96 -26.33 27.43
C UNK A 607 -14.77 -26.59 26.52
N UNK A 608 -13.89 -25.60 26.43
CA UNK A 608 -12.67 -25.77 25.62
C UNK A 608 -11.86 -26.95 26.14
N UNK A 609 -11.85 -27.09 27.47
CA UNK A 609 -11.15 -28.20 28.11
C UNK A 609 -11.80 -29.52 27.71
N UNK A 610 -13.12 -29.50 27.66
CA UNK A 610 -13.88 -30.69 27.29
C UNK A 610 -13.56 -31.14 25.87
N UNK A 611 -13.72 -30.22 24.92
CA UNK A 611 -13.42 -30.50 23.53
C UNK A 611 -11.99 -30.98 23.36
N UNK A 612 -11.08 -30.40 24.13
CA UNK A 612 -9.69 -30.86 24.13
C UNK A 612 -9.60 -32.33 24.54
N UNK A 613 -10.23 -32.65 25.67
CA UNK A 613 -10.23 -34.02 26.20
C UNK A 613 -10.80 -35.01 25.19
N UNK A 614 -11.96 -34.71 24.65
CA UNK A 614 -12.64 -35.60 23.71
C UNK A 614 -11.83 -35.75 22.43
N UNK A 615 -11.21 -34.67 21.98
CA UNK A 615 -10.35 -34.74 20.80
C UNK A 615 -9.24 -35.74 21.05
N UNK A 616 -8.57 -35.59 22.21
CA UNK A 616 -7.54 -36.53 22.62
C UNK A 616 -8.06 -37.96 22.66
N UNK A 617 -9.32 -38.11 23.05
CA UNK A 617 -9.93 -39.42 23.18
C UNK A 617 -10.17 -40.10 21.83
N UNK A 618 -10.86 -39.40 20.92
CA UNK A 618 -11.16 -39.93 19.61
C UNK A 618 -9.88 -40.21 18.85
N UNK A 619 -8.88 -39.37 19.07
CA UNK A 619 -7.56 -39.61 18.49
C UNK A 619 -6.94 -40.89 19.06
N UNK A 620 -7.06 -41.07 20.38
CA UNK A 620 -6.40 -42.16 21.09
C UNK A 620 -6.80 -43.55 20.59
N UNK A 621 -8.09 -43.86 20.64
CA UNK A 621 -8.57 -45.18 20.24
C UNK A 621 -9.77 -45.08 19.33
N UNK A 622 -9.87 -45.99 18.35
CA UNK A 622 -10.99 -45.96 17.43
C UNK A 622 -11.90 -47.17 17.56
N UNK A 623 -13.07 -46.94 18.16
CA UNK A 623 -14.20 -47.83 18.02
C UNK A 623 -15.11 -47.20 16.97
N UNK A 624 -14.65 -46.06 16.46
CA UNK A 624 -15.45 -45.19 15.60
C UNK A 624 -16.78 -44.85 16.28
N UNK A 625 -16.68 -44.17 17.42
CA UNK A 625 -17.84 -43.82 18.23
C UNK A 625 -18.50 -42.56 17.72
N UNK A 626 -19.83 -42.60 17.58
CA UNK A 626 -20.57 -41.47 17.01
C UNK A 626 -21.28 -40.64 18.07
N UNK A 627 -22.35 -41.16 18.65
CA UNK A 627 -23.12 -40.43 19.67
C UNK A 627 -22.32 -40.24 20.95
N UNK A 628 -22.23 -39.00 21.42
CA UNK A 628 -21.38 -38.67 22.56
C UNK A 628 -22.04 -37.69 23.54
N UNK A 629 -21.98 -37.99 24.84
CA UNK A 629 -22.65 -37.20 25.87
C UNK A 629 -21.69 -36.56 26.88
N UNK A 630 -21.99 -35.33 27.29
CA UNK A 630 -21.16 -34.61 28.25
C UNK A 630 -21.98 -34.18 29.47
N UNK A 631 -21.62 -34.73 30.64
CA UNK A 631 -22.33 -34.42 31.88
C UNK A 631 -21.45 -33.55 32.77
N UNK A 632 -22.01 -32.44 33.23
CA UNK A 632 -21.26 -31.57 34.12
C UNK A 632 -22.09 -31.29 35.36
N UNK A 633 -21.54 -31.65 36.52
CA UNK A 633 -22.18 -31.40 37.80
C UNK A 633 -21.56 -30.17 38.42
N UNK A 634 -22.39 -29.22 38.82
CA UNK A 634 -21.90 -27.98 39.35
C UNK A 634 -22.13 -28.04 40.85
N UNK A 635 -21.03 -27.95 41.59
CA UNK A 635 -21.08 -28.05 43.04
C UNK A 635 -21.15 -26.68 43.66
N UNK A 636 -21.22 -25.66 42.81
CA UNK A 636 -21.44 -24.31 43.28
C UNK A 636 -22.92 -23.99 43.13
N UNK A 637 -23.36 -22.84 43.64
CA UNK A 637 -24.75 -22.45 43.53
C UNK A 637 -24.85 -20.98 43.14
N UNK A 638 -25.36 -20.70 41.95
CA UNK A 638 -25.32 -19.34 41.44
C UNK A 638 -26.66 -18.62 41.58
N UNK A 639 -26.67 -17.34 41.22
CA UNK A 639 -27.88 -16.52 41.30
C UNK A 639 -28.08 -15.75 40.00
N UNK A 640 -31.48 -15.56 36.86
CA UNK A 640 -32.59 -15.93 35.99
C UNK A 640 -32.22 -17.12 35.13
N UNK A 641 -33.17 -18.05 34.96
CA UNK A 641 -32.93 -19.27 34.22
C UNK A 641 -32.77 -19.01 32.71
N UNK A 642 -33.67 -18.21 32.16
CA UNK A 642 -33.69 -17.95 30.73
C UNK A 642 -32.44 -17.20 30.27
N UNK A 643 -31.80 -16.49 31.19
CA UNK A 643 -30.59 -15.74 30.87
C UNK A 643 -29.44 -16.72 30.65
N UNK A 644 -29.28 -17.64 31.59
CA UNK A 644 -28.27 -18.68 31.48
C UNK A 644 -28.57 -19.54 30.26
N UNK A 645 -29.85 -19.68 29.93
CA UNK A 645 -30.26 -20.40 28.75
C UNK A 645 -29.73 -19.71 27.49
N UNK A 646 -29.94 -18.40 27.41
CA UNK A 646 -29.50 -17.64 26.25
C UNK A 646 -27.98 -17.61 26.12
N UNK A 647 -27.30 -17.52 27.26
CA UNK A 647 -25.83 -17.48 27.28
C UNK A 647 -25.27 -18.81 26.79
N UNK A 648 -25.80 -19.90 27.35
CA UNK A 648 -25.37 -21.24 26.96
C UNK A 648 -25.67 -21.44 25.48
N UNK A 649 -26.77 -20.85 25.02
CA UNK A 649 -27.13 -20.91 23.61
C UNK A 649 -26.07 -20.23 22.76
N UNK A 650 -25.62 -19.05 23.19
CA UNK A 650 -24.60 -18.32 22.43
C UNK A 650 -23.28 -19.10 22.36
N UNK A 651 -22.82 -19.55 23.51
CA UNK A 651 -21.57 -20.32 23.59
C UNK A 651 -21.63 -21.56 22.72
N UNK A 652 -22.70 -22.34 22.93
CA UNK A 652 -22.91 -23.57 22.19
C UNK A 652 -22.93 -23.32 20.69
N UNK A 653 -23.63 -22.26 20.29
CA UNK A 653 -23.76 -21.93 18.87
C UNK A 653 -22.43 -21.53 18.25
N UNK A 654 -21.56 -20.88 19.04
CA UNK A 654 -20.24 -20.54 18.51
C UNK A 654 -19.40 -21.80 18.35
N UNK A 655 -19.45 -22.64 19.39
CA UNK A 655 -18.67 -23.87 19.46
C UNK A 655 -19.12 -24.94 18.46
N UNK A 656 -20.34 -24.78 17.96
CA UNK A 656 -21.04 -25.81 17.18
C UNK A 656 -20.29 -26.46 16.00
N UNK A 657 -19.27 -25.80 15.47
CA UNK A 657 -18.52 -26.42 14.37
C UNK A 657 -17.60 -27.48 14.96
N UNK A 658 -16.88 -27.08 16.00
CA UNK A 658 -15.92 -27.96 16.65
C UNK A 658 -16.70 -29.08 17.31
N UNK A 659 -17.83 -28.72 17.92
CA UNK A 659 -18.69 -29.66 18.62
C UNK A 659 -19.29 -30.67 17.62
N UNK A 660 -19.64 -30.19 16.43
CA UNK A 660 -20.18 -31.05 15.40
C UNK A 660 -19.11 -32.06 14.98
N UNK A 661 -17.88 -31.57 14.83
CA UNK A 661 -16.78 -32.43 14.45
C UNK A 661 -16.52 -33.47 15.54
N UNK A 662 -16.68 -33.05 16.79
CA UNK A 662 -16.49 -33.92 17.95
C UNK A 662 -17.55 -35.03 17.97
N UNK A 663 -18.71 -34.72 17.38
CA UNK A 663 -19.85 -35.63 17.22
C UNK A 663 -20.74 -35.73 18.45
N UNK A 664 -20.38 -35.05 19.54
CA UNK A 664 -21.23 -35.00 20.73
C UNK A 664 -22.62 -34.46 20.37
N UNK A 665 -23.65 -35.21 20.74
CA UNK A 665 -25.02 -34.82 20.44
C UNK A 665 -25.78 -34.29 21.66
N UNK A 666 -26.01 -35.16 22.65
CA UNK A 666 -26.80 -34.79 23.82
C UNK A 666 -25.89 -34.43 24.98
N UNK A 667 -26.33 -33.48 25.80
CA UNK A 667 -25.50 -32.98 26.90
C UNK A 667 -26.34 -32.60 28.11
N UNK A 668 -25.79 -32.81 29.31
CA UNK A 668 -26.55 -32.49 30.53
C UNK A 668 -25.71 -31.71 31.53
N UNK A 669 -26.26 -30.59 32.00
CA UNK A 669 -25.64 -29.76 33.02
C UNK A 669 -26.52 -29.66 34.28
N UNK A 670 -25.92 -29.79 35.47
CA UNK A 670 -26.70 -29.68 36.71
C UNK A 670 -26.21 -28.51 37.53
N UNK A 671 -27.11 -27.62 37.89
CA UNK A 671 -26.78 -26.45 38.71
C UNK A 671 -27.89 -26.14 39.70
N UNK A 672 -27.54 -25.98 40.97
CA UNK A 672 -28.55 -25.57 41.93
C UNK A 672 -28.65 -24.04 41.89
N UNK A 673 -29.85 -23.51 42.06
CA UNK A 673 -30.05 -22.06 42.07
C UNK A 673 -30.32 -21.53 43.47
N UNK A 674 -32.54 -24.28 44.88
CA UNK A 674 -33.51 -24.78 43.91
C UNK A 674 -32.83 -25.52 42.77
N UNK A 675 -33.01 -26.84 42.74
CA UNK A 675 -32.35 -27.69 41.76
C UNK A 675 -32.77 -27.36 40.33
N UNK A 676 -31.79 -27.18 39.45
CA UNK A 676 -32.07 -26.92 38.04
C UNK A 676 -31.16 -27.76 37.15
N UNK A 677 -31.73 -28.62 36.32
CA UNK A 677 -30.92 -29.39 35.38
C UNK A 677 -31.31 -29.09 33.94
N UNK A 678 -30.31 -28.78 33.12
CA UNK A 678 -30.49 -28.51 31.70
C UNK A 678 -30.10 -29.71 30.84
N UNK A 679 -31.02 -30.17 29.99
CA UNK A 679 -30.75 -31.28 29.09
C UNK A 679 -30.90 -30.80 27.65
N UNK A 680 -29.80 -30.77 26.91
CA UNK A 680 -29.81 -30.29 25.54
C UNK A 680 -29.61 -31.39 24.52
N UNK A 681 -30.62 -31.58 23.67
CA UNK A 681 -30.55 -32.58 22.61
C UNK A 681 -30.59 -31.97 21.21
N UNK A 682 -29.57 -32.27 20.42
CA UNK A 682 -29.55 -31.92 19.00
C UNK A 682 -29.10 -33.16 18.23
N UNK A 683 -29.86 -33.58 17.23
CA UNK A 683 -29.48 -34.79 16.51
C UNK A 683 -29.35 -34.55 15.02
N UNK A 684 -28.12 -34.64 14.53
CA UNK A 684 -27.79 -34.60 13.10
C UNK A 684 -28.18 -33.29 12.43
N UNK A 685 -28.85 -32.40 13.17
CA UNK A 685 -29.38 -31.17 12.62
C UNK A 685 -29.13 -29.95 13.49
N UNK A 686 -29.51 -28.79 12.95
CA UNK A 686 -29.40 -27.51 13.62
C UNK A 686 -30.65 -27.26 14.45
N UNK A 687 -30.66 -26.13 15.17
CA UNK A 687 -31.72 -25.79 16.11
C UNK A 687 -31.76 -26.80 17.26
N UNK A 688 -30.72 -26.74 18.08
CA UNK A 688 -30.57 -27.61 19.24
C UNK A 688 -31.65 -27.35 20.30
N UNK A 689 -32.34 -28.41 20.69
CA UNK A 689 -33.41 -28.28 21.66
C UNK A 689 -32.86 -28.22 23.07
N UNK A 690 -33.16 -27.14 23.77
CA UNK A 690 -32.75 -26.99 25.16
C UNK A 690 -33.93 -27.21 26.09
N UNK A 691 -33.91 -28.33 26.81
CA UNK A 691 -34.99 -28.67 27.73
C UNK A 691 -34.58 -28.45 29.17
N UNK A 692 -35.16 -27.42 29.79
CA UNK A 692 -34.90 -27.12 31.20
C UNK A 692 -35.79 -27.97 32.08
N UNK A 693 -35.29 -28.35 33.26
CA UNK A 693 -36.08 -29.11 34.21
C UNK A 693 -35.72 -28.76 35.64
N UNK A 694 -36.69 -28.83 36.54
CA UNK A 694 -36.45 -28.59 37.96
C UNK A 694 -36.80 -29.83 38.76
N UNK A 695 -35.85 -30.32 39.53
CA UNK A 695 -36.03 -31.52 40.33
C UNK A 695 -37.12 -31.32 41.38
N UNK A 696 -38.09 -32.23 41.40
CA UNK A 696 -39.16 -32.19 42.38
C UNK A 696 -39.46 -33.60 42.89
N UNK A 697 -39.50 -33.76 44.21
CA UNK A 697 -39.77 -35.05 44.80
C UNK A 697 -41.25 -35.25 45.02
N UNK A 698 -41.60 -36.33 45.74
CA UNK A 698 -42.96 -36.59 46.22
C UNK A 698 -43.97 -36.89 45.12
N UNK A 699 -43.54 -36.80 43.86
CA UNK A 699 -44.42 -37.08 42.73
C UNK A 699 -44.80 -38.56 42.72
N UNK A 700 -43.85 -39.41 43.02
CA UNK A 700 -44.07 -40.85 43.09
C UNK A 700 -42.97 -41.55 43.90
N UNK A 701 -39.06 -41.08 44.91
CA UNK A 701 -37.93 -40.70 44.07
C UNK A 701 -38.09 -39.28 43.55
N UNK A 702 -37.05 -38.78 42.90
CA UNK A 702 -37.06 -37.41 42.39
C UNK A 702 -37.30 -37.38 40.89
N UNK A 703 -38.27 -36.57 40.48
CA UNK A 703 -38.59 -36.38 39.06
C UNK A 703 -38.42 -34.91 38.70
N UNK A 704 -37.99 -34.63 37.48
CA UNK A 704 -37.71 -33.23 37.13
C UNK A 704 -38.27 -32.74 35.79
N UNK A 705 -39.24 -31.83 35.87
CA UNK A 705 -39.46 -30.87 34.79
C UNK A 705 -40.15 -29.60 35.32
N UNK A 706 -39.72 -28.45 34.82
CA UNK A 706 -40.39 -27.18 35.06
C UNK A 706 -39.95 -26.17 34.01
N UNK A 707 -40.71 -25.10 33.85
CA UNK A 707 -40.36 -24.05 32.89
C UNK A 707 -39.13 -23.26 33.35
N UNK A 708 -41.31 -29.10 27.35
CA UNK A 708 -40.31 -29.75 26.53
C UNK A 708 -40.29 -31.26 26.75
N UNK A 709 -39.45 -31.95 25.97
CA UNK A 709 -39.41 -33.41 25.98
C UNK A 709 -39.02 -33.99 27.34
N UNK A 710 -39.51 -35.19 27.61
CA UNK A 710 -39.27 -35.89 28.88
C UNK A 710 -39.70 -35.05 30.07
N UNK A 711 -40.87 -34.44 29.97
CA UNK A 711 -41.41 -33.58 31.01
C UNK A 711 -41.76 -34.38 32.26
N UNK A 712 -41.76 -35.70 32.15
CA UNK A 712 -41.84 -36.54 33.34
C UNK A 712 -40.96 -37.78 33.19
N UNK A 713 -40.07 -37.96 34.15
CA UNK A 713 -39.26 -39.18 34.25
C UNK A 713 -38.55 -39.16 35.60
N UNK A 714 -37.84 -40.23 35.92
CA UNK A 714 -37.13 -40.29 37.19
C UNK A 714 -35.81 -39.55 37.07
N UNK A 715 -35.09 -39.46 38.18
CA UNK A 715 -33.73 -38.95 38.16
C UNK A 715 -32.82 -40.07 37.70
N UNK A 716 -33.17 -41.29 38.12
CA UNK A 716 -32.35 -42.47 37.88
C UNK A 716 -32.63 -43.09 36.53
N UNK A 717 -33.50 -42.47 35.73
CA UNK A 717 -33.80 -43.00 34.40
C UNK A 717 -32.52 -43.10 33.59
N UNK A 718 -32.25 -44.30 33.09
CA UNK A 718 -31.00 -44.59 32.41
C UNK A 718 -30.98 -44.08 30.98
N UNK A 719 -29.78 -43.91 30.43
CA UNK A 719 -29.64 -43.39 29.07
C UNK A 719 -30.11 -44.42 28.07
N UNK A 720 -31.06 -44.01 27.22
CA UNK A 720 -31.65 -44.88 26.20
C UNK A 720 -30.64 -45.42 25.19
N UNK A 721 -30.62 -46.74 25.02
CA UNK A 721 -29.66 -47.42 24.16
C UNK A 721 -30.33 -47.74 22.84
N UNK A 722 -29.83 -47.17 21.75
CA UNK A 722 -30.31 -47.54 20.41
C UNK A 722 -30.23 -49.04 20.21
N UNK A 723 -31.39 -49.64 19.89
CA UNK A 723 -31.53 -51.08 19.68
C UNK A 723 -31.15 -51.85 20.94
N UNK B 1 42.11 -5.25 -10.65
CA UNK B 1 41.96 -4.04 -11.47
C UNK B 1 41.91 -2.80 -10.58
N UNK B 2 42.71 -1.80 -10.94
CA UNK B 2 42.78 -0.57 -10.17
C UNK B 2 41.55 0.32 -10.39
N UNK B 3 41.20 0.54 -11.65
CA UNK B 3 40.06 1.37 -11.99
C UNK B 3 38.76 0.81 -11.40
N UNK B 4 38.57 -0.50 -11.56
CA UNK B 4 37.39 -1.19 -11.05
C UNK B 4 37.31 -1.01 -9.54
N UNK B 5 38.48 -1.05 -8.91
CA UNK B 5 38.59 -0.85 -7.47
C UNK B 5 38.13 0.56 -7.12
N UNK B 6 38.58 1.54 -7.90
CA UNK B 6 38.20 2.93 -7.65
C UNK B 6 36.70 3.11 -7.76
N UNK B 7 36.11 2.42 -8.73
CA UNK B 7 34.66 2.47 -8.96
C UNK B 7 33.90 1.88 -7.77
N UNK B 8 34.27 0.65 -7.41
CA UNK B 8 33.61 -0.05 -6.31
C UNK B 8 33.75 0.73 -5.00
N UNK B 9 34.92 1.32 -4.79
CA UNK B 9 35.18 2.10 -3.58
C UNK B 9 34.36 3.37 -3.54
N UNK B 10 34.29 4.06 -4.67
CA UNK B 10 33.52 5.29 -4.76
C UNK B 10 32.04 4.99 -4.50
N UNK B 11 31.54 3.93 -5.13
CA UNK B 11 30.16 3.50 -4.95
C UNK B 11 29.90 3.13 -3.49
N UNK B 12 30.87 2.47 -2.86
CA UNK B 12 30.75 2.06 -1.46
C UNK B 12 30.64 3.27 -0.53
N UNK B 13 31.56 4.21 -0.68
CA UNK B 13 31.56 5.43 0.13
C UNK B 13 30.24 6.18 -0.07
N UNK B 14 29.79 6.21 -1.32
CA UNK B 14 28.55 6.89 -1.68
C UNK B 14 27.35 6.26 -0.97
N UNK B 15 27.19 4.95 -1.16
CA UNK B 15 26.07 4.21 -0.58
C UNK B 15 26.09 4.29 0.95
N UNK B 16 27.29 4.33 1.52
CA UNK B 16 27.44 4.38 2.96
C UNK B 16 26.97 5.74 3.48
N UNK B 17 27.46 6.80 2.85
CA UNK B 17 27.07 8.15 3.25
C UNK B 17 25.59 8.39 3.03
N UNK B 18 25.05 7.80 1.97
CA UNK B 18 23.63 7.92 1.65
C UNK B 18 22.76 7.20 2.66
N UNK B 19 23.15 5.98 3.01
CA UNK B 19 22.42 5.19 4.01
C UNK B 19 22.46 5.90 5.35
N UNK B 20 23.61 6.51 5.66
CA UNK B 20 23.79 7.27 6.88
C UNK B 20 22.87 8.48 6.86
N UNK B 21 22.76 9.10 5.69
CA UNK B 21 21.89 10.25 5.51
C UNK B 21 20.42 9.86 5.70
N UNK B 22 20.09 8.65 5.29
CA UNK B 22 18.74 8.12 5.44
C UNK B 22 18.42 7.87 6.90
N UNK B 23 19.33 7.19 7.60
CA UNK B 23 19.13 6.88 9.01
C UNK B 23 19.08 8.15 9.86
N UNK B 24 19.93 9.11 9.52
CA UNK B 24 19.96 10.39 10.19
C UNK B 24 18.72 11.20 9.87
N UNK B 25 18.16 10.98 8.68
CA UNK B 25 16.92 11.63 8.29
C UNK B 25 15.78 11.07 9.12
N UNK B 26 15.80 9.77 9.34
CA UNK B 26 14.81 9.10 10.17
C UNK B 26 14.90 9.55 11.62
N UNK B 27 16.12 9.68 12.12
CA UNK B 27 16.35 10.09 13.50
C UNK B 27 15.92 11.55 13.69
N UNK B 28 16.20 12.37 12.67
CA UNK B 28 15.78 13.76 12.68
C UNK B 28 14.27 13.86 12.55
N UNK B 29 13.67 12.84 11.92
CA UNK B 29 12.22 12.75 11.83
C UNK B 29 11.65 12.25 13.16
N UNK B 30 12.52 11.69 14.00
CA UNK B 30 12.13 11.32 15.34
C UNK B 30 12.36 12.50 16.28
N UNK B 31 13.13 13.48 15.79
CA UNK B 31 13.34 14.73 16.53
C UNK B 31 12.06 15.55 16.57
N UNK B 32 13.88 18.80 10.54
CA UNK B 32 14.86 18.05 9.77
C UNK B 32 15.17 18.70 8.44
N UNK B 33 16.42 18.65 8.01
CA UNK B 33 16.83 19.22 6.73
C UNK B 33 16.46 18.30 5.57
N UNK B 34 15.64 18.80 4.66
CA UNK B 34 15.21 18.03 3.49
C UNK B 34 16.35 17.82 2.49
N UNK B 35 17.08 18.89 2.20
CA UNK B 35 18.10 18.86 1.16
C UNK B 35 19.24 17.96 1.57
N UNK B 36 19.22 17.55 2.84
CA UNK B 36 20.22 16.66 3.42
C UNK B 36 20.14 15.28 2.77
N UNK B 37 19.11 15.08 1.96
CA UNK B 37 18.82 13.78 1.36
C UNK B 37 19.44 13.64 -0.04
N UNK B 38 20.30 14.59 -0.39
CA UNK B 38 20.89 14.69 -1.72
C UNK B 38 21.45 13.39 -2.33
N UNK B 39 21.21 13.23 -3.63
CA UNK B 39 21.60 12.06 -4.41
C UNK B 39 22.87 12.33 -5.21
N UNK B 40 23.48 13.48 -4.97
CA UNK B 40 24.77 13.81 -5.54
C UNK B 40 25.85 13.62 -4.49
N UNK B 41 26.77 12.69 -4.75
CA UNK B 41 27.78 12.31 -3.76
C UNK B 41 29.19 12.64 -4.26
N UNK B 42 30.00 13.22 -3.38
CA UNK B 42 31.38 13.54 -3.71
C UNK B 42 32.33 12.61 -2.98
N UNK B 43 33.04 11.78 -3.75
CA UNK B 43 33.97 10.79 -3.20
C UNK B 43 35.42 11.03 -3.62
N UNK B 44 36.26 11.30 -2.62
CA UNK B 44 37.69 11.53 -2.82
C UNK B 44 38.48 10.34 -2.29
N UNK B 45 39.28 9.72 -3.16
CA UNK B 45 40.08 8.57 -2.77
C UNK B 45 41.49 8.63 -3.35
N UNK B 46 42.47 8.25 -2.54
CA UNK B 46 43.87 8.26 -2.96
C UNK B 46 44.49 6.87 -2.88
N UNK B 47 44.85 6.33 -4.04
CA UNK B 47 45.47 5.01 -4.12
C UNK B 47 46.99 5.13 -4.23
N UNK B 48 39.44 12.88 -8.17
CA UNK B 48 38.12 12.93 -7.55
C UNK B 48 37.08 12.18 -8.36
N UNK B 49 36.12 11.58 -7.68
CA UNK B 49 35.03 10.85 -8.34
C UNK B 49 33.70 11.23 -7.73
N UNK B 50 32.67 11.46 -8.53
CA UNK B 50 31.35 11.77 -7.96
C UNK B 50 30.33 10.70 -8.35
N UNK B 51 29.44 10.36 -7.42
CA UNK B 51 28.40 9.37 -7.69
C UNK B 51 26.97 9.91 -7.55
N UNK B 52 26.27 10.00 -8.68
CA UNK B 52 24.84 10.31 -8.68
C UNK B 52 24.07 9.07 -9.12
N UNK B 53 23.04 8.67 -8.40
CA UNK B 53 22.36 7.44 -8.81
C UNK B 53 21.17 7.76 -9.72
N UNK B 54 21.16 7.15 -10.90
CA UNK B 54 20.08 7.38 -11.87
C UNK B 54 18.85 6.55 -11.52
N UNK B 55 19.09 5.27 -11.24
CA UNK B 55 18.04 4.36 -10.83
C UNK B 55 18.25 4.01 -9.38
N UNK B 56 17.20 3.56 -8.70
CA UNK B 56 17.36 3.22 -7.31
C UNK B 56 18.05 1.86 -7.27
N UNK B 57 17.97 1.15 -8.39
CA UNK B 57 18.77 -0.05 -8.60
C UNK B 57 20.13 0.28 -9.22
N UNK B 58 20.16 1.18 -10.20
CA UNK B 58 21.40 1.50 -10.92
C UNK B 58 21.94 2.90 -10.65
N UNK B 59 23.20 2.94 -10.22
CA UNK B 59 23.89 4.18 -9.88
C UNK B 59 24.95 4.54 -10.91
N UNK B 60 25.14 5.83 -11.15
CA UNK B 60 26.08 6.31 -12.16
C UNK B 60 27.19 7.17 -11.55
N UNK B 61 28.43 6.82 -11.86
CA UNK B 61 29.58 7.57 -11.36
C UNK B 61 30.29 8.32 -12.50
N UNK B 62 30.67 9.55 -12.21
CA UNK B 62 31.37 10.42 -13.15
C UNK B 62 32.53 11.11 -12.46
N UNK B 63 33.72 10.99 -13.05
CA UNK B 63 34.92 11.63 -12.48
C UNK B 63 35.18 12.97 -13.16
N UNK B 64 33.37 12.77 -17.88
CA UNK B 64 33.20 11.39 -18.32
C UNK B 64 32.14 10.67 -17.48
N UNK B 65 31.41 9.76 -18.09
CA UNK B 65 30.29 9.08 -17.43
C UNK B 65 30.41 7.55 -17.46
N UNK B 66 30.17 6.93 -16.31
CA UNK B 66 30.15 5.47 -16.21
C UNK B 66 28.89 5.00 -15.47
N UNK B 67 28.33 3.90 -15.95
CA UNK B 67 27.08 3.37 -15.38
C UNK B 67 27.28 2.01 -14.69
N UNK B 68 26.71 1.88 -13.50
CA UNK B 68 26.81 0.64 -12.74
C UNK B 68 25.48 0.28 -12.09
N UNK B 69 25.35 -0.98 -11.66
CA UNK B 69 24.14 -1.42 -10.97
C UNK B 69 24.50 -2.01 -9.59
N UNK B 70 23.73 -1.64 -8.57
CA UNK B 70 24.07 -2.03 -7.21
C UNK B 70 23.04 -2.98 -6.58
N UNK B 71 23.33 -3.41 -5.35
CA UNK B 71 22.47 -4.34 -4.60
C UNK B 71 22.92 -4.44 -3.15
N UNK B 72 27.55 -5.37 -0.91
CA UNK B 72 27.10 -4.63 -2.09
C UNK B 72 27.50 -5.34 -3.38
N UNK B 73 26.50 -5.91 -4.06
CA UNK B 73 26.71 -6.57 -5.35
C UNK B 73 26.73 -5.55 -6.48
N UNK B 74 27.52 -5.82 -7.52
CA UNK B 74 27.69 -4.85 -8.59
C UNK B 74 27.55 -5.46 -9.98
N UNK B 75 27.49 -4.60 -10.99
CA UNK B 75 27.37 -5.02 -12.38
C UNK B 75 28.24 -4.17 -13.30
N UNK B 76 29.12 -4.82 -14.08
CA UNK B 76 29.94 -4.13 -15.06
C UNK B 76 29.48 -4.42 -16.47
N UNK B 77 30.45 -7.65 -16.03
CA UNK B 77 29.72 -8.84 -15.58
C UNK B 77 29.25 -8.67 -14.14
N UNK B 78 29.62 -9.61 -13.27
CA UNK B 78 29.23 -9.55 -11.87
C UNK B 78 30.42 -9.57 -10.93
N UNK B 79 30.37 -8.70 -9.92
CA UNK B 79 31.41 -8.59 -8.91
C UNK B 79 30.77 -8.20 -7.59
N UNK B 80 31.29 -8.71 -6.47
CA UNK B 80 30.73 -8.36 -5.17
C UNK B 80 31.80 -7.77 -4.26
N UNK B 81 31.48 -6.64 -3.65
CA UNK B 81 32.45 -5.88 -2.88
C UNK B 81 31.88 -5.34 -1.58
N UNK B 82 32.64 -5.49 -0.50
CA UNK B 82 32.26 -4.94 0.80
C UNK B 82 33.40 -4.08 1.32
N UNK B 83 33.06 -3.00 2.03
CA UNK B 83 34.07 -2.10 2.58
C UNK B 83 33.72 -1.67 4.00
N UNK B 84 39.71 4.83 10.24
CA UNK B 84 39.26 6.21 10.42
C UNK B 84 39.57 7.04 9.18
N UNK B 85 40.86 7.19 8.89
CA UNK B 85 41.29 7.83 7.66
C UNK B 85 41.76 6.79 6.66
N UNK B 86 41.66 5.52 7.05
CA UNK B 86 42.03 4.39 6.20
C UNK B 86 40.81 3.54 5.82
N UNK B 87 40.53 3.44 4.52
CA UNK B 87 39.39 2.68 4.04
C UNK B 87 39.86 1.38 3.37
N UNK B 88 39.18 0.27 3.66
CA UNK B 88 39.52 -1.01 3.04
C UNK B 88 38.36 -1.63 2.26
N UNK B 89 38.51 -1.73 0.95
CA UNK B 89 37.47 -2.34 0.11
C UNK B 89 37.96 -3.64 -0.55
N UNK B 90 37.21 -4.72 -0.41
CA UNK B 90 37.63 -6.00 -0.95
C UNK B 90 36.59 -6.63 -1.87
N UNK B 91 36.96 -6.84 -3.14
CA UNK B 91 36.07 -7.44 -4.12
C UNK B 91 36.35 -8.92 -4.29
N UNK B 92 40.35 -10.51 -3.79
CA UNK B 92 41.34 -9.43 -3.74
C UNK B 92 40.91 -8.33 -2.79
N UNK B 93 41.88 -7.69 -2.15
CA UNK B 93 41.61 -6.59 -1.23
C UNK B 93 42.45 -5.36 -1.59
N UNK B 94 41.83 -4.18 -1.52
CA UNK B 94 42.52 -2.94 -1.84
C UNK B 94 42.28 -1.86 -0.78
N UNK B 95 43.36 -1.22 -0.36
CA UNK B 95 43.30 -0.17 0.65
C UNK B 95 43.39 1.23 0.02
N UNK B 96 42.53 2.12 0.48
CA UNK B 96 42.51 3.51 0.04
C UNK B 96 42.79 4.44 1.22
N UNK B 97 43.56 5.48 0.95
CA UNK B 97 43.93 6.45 1.99
C UNK B 97 43.40 7.83 1.65
N UNK B 98 36.95 9.61 -16.44
CA UNK B 98 36.57 8.40 -15.71
C UNK B 98 37.14 7.15 -16.39
N UNK B 99 36.57 6.00 -16.05
CA UNK B 99 37.11 4.72 -16.51
C UNK B 99 36.49 4.25 -17.82
N UNK B 100 37.34 3.72 -18.70
CA UNK B 100 36.93 3.12 -19.98
C UNK B 100 35.86 3.92 -20.73
N UNK B 101 18.60 0.66 -29.35
CA UNK B 101 18.30 1.21 -30.67
C UNK B 101 17.36 0.29 -31.44
N UNK B 102 17.06 -0.87 -30.87
CA UNK B 102 16.17 -1.83 -31.50
C UNK B 102 14.98 -2.10 -30.60
N UNK B 103 13.90 -2.64 -31.18
CA UNK B 103 12.68 -2.92 -30.43
C UNK B 103 12.15 -1.64 -29.79
N UNK B 104 11.57 -0.77 -30.61
CA UNK B 104 11.05 0.53 -30.16
C UNK B 104 10.16 0.39 -28.93
N UNK B 105 9.57 -0.79 -28.74
CA UNK B 105 8.82 -1.09 -27.53
C UNK B 105 9.76 -1.02 -26.33
N UNK B 106 10.90 -1.71 -26.45
CA UNK B 106 11.90 -1.75 -25.38
C UNK B 106 12.47 -0.37 -25.11
N UNK B 107 12.71 0.40 -26.17
CA UNK B 107 13.22 1.75 -26.02
C UNK B 107 12.17 2.62 -25.30
N UNK B 108 10.91 2.40 -25.65
CA UNK B 108 9.80 3.09 -25.00
C UNK B 108 9.87 2.83 -23.52
N UNK B 109 9.89 1.56 -23.14
CA UNK B 109 9.92 1.16 -21.75
C UNK B 109 11.13 1.77 -21.03
N UNK B 110 12.28 1.77 -21.70
CA UNK B 110 13.52 2.25 -21.08
C UNK B 110 13.49 3.74 -20.80
N UNK B 111 13.23 4.54 -21.84
CA UNK B 111 13.22 5.99 -21.67
C UNK B 111 12.09 6.44 -20.74
N UNK B 112 10.96 5.73 -20.82
CA UNK B 112 9.81 6.06 -19.98
C UNK B 112 10.16 5.79 -18.53
N UNK B 113 10.80 4.66 -18.28
CA UNK B 113 11.16 4.30 -16.91
C UNK B 113 12.20 5.26 -16.35
N UNK B 114 13.22 5.55 -17.14
CA UNK B 114 14.30 6.44 -16.71
C UNK B 114 13.73 7.83 -16.38
N UNK B 115 12.83 8.31 -17.23
CA UNK B 115 12.19 9.60 -17.00
C UNK B 115 11.31 9.54 -15.76
N UNK B 116 10.65 8.40 -15.56
CA UNK B 116 9.75 8.22 -14.44
C UNK B 116 10.53 8.36 -13.15
N UNK B 117 11.72 7.75 -13.12
CA UNK B 117 12.58 7.81 -11.94
C UNK B 117 13.11 9.22 -11.80
N UNK B 118 13.40 9.85 -12.92
CA UNK B 118 13.91 11.22 -12.93
C UNK B 118 12.92 12.18 -12.28
N UNK B 119 11.62 11.96 -12.52
CA UNK B 119 10.60 12.76 -11.87
C UNK B 119 10.30 12.21 -10.49
N UNK B 120 10.69 10.96 -10.24
CA UNK B 120 10.50 10.36 -8.93
C UNK B 120 11.67 10.74 -8.02
N UNK B 121 12.57 11.53 -8.59
CA UNK B 121 13.69 12.17 -7.89
C UNK B 121 14.82 11.18 -7.63
N UNK B 122 14.54 9.90 -7.86
CA UNK B 122 15.54 8.84 -7.72
C UNK B 122 16.69 9.06 -8.68
N UNK B 123 16.49 9.96 -9.65
CA UNK B 123 17.56 10.38 -10.53
C UNK B 123 17.75 11.89 -10.52
N UNK B 124 18.99 12.29 -10.79
CA UNK B 124 19.37 13.66 -11.06
C UNK B 124 20.82 13.66 -11.53
N UNK B 125 21.35 14.85 -11.80
CA UNK B 125 22.78 15.04 -12.00
C UNK B 125 23.11 16.49 -11.76
N UNK B 126 24.32 16.79 -11.32
CA UNK B 126 24.66 18.20 -11.11
C UNK B 126 24.74 18.94 -12.45
N UNK B 127 25.53 18.37 -13.36
CA UNK B 127 25.78 18.95 -14.67
C UNK B 127 24.87 18.43 -15.78
N UNK B 128 24.96 17.12 -16.00
CA UNK B 128 24.36 16.45 -17.15
C UNK B 128 22.85 16.35 -17.16
N UNK B 129 22.22 16.57 -16.00
CA UNK B 129 20.77 16.37 -15.85
C UNK B 129 19.95 17.13 -16.89
N UNK B 130 20.30 18.38 -17.13
CA UNK B 130 19.55 19.23 -18.05
C UNK B 130 19.55 18.71 -19.48
N UNK B 131 20.74 18.38 -20.00
CA UNK B 131 20.84 17.90 -21.37
C UNK B 131 20.27 16.49 -21.53
N UNK B 132 20.62 15.61 -20.59
CA UNK B 132 20.20 14.22 -20.64
C UNK B 132 18.69 14.09 -20.52
N UNK B 133 18.07 14.92 -19.68
CA UNK B 133 16.62 14.89 -19.54
C UNK B 133 15.96 15.31 -20.83
N UNK B 134 16.48 16.37 -21.46
CA UNK B 134 15.93 16.85 -22.72
C UNK B 134 16.02 15.79 -23.82
N UNK B 135 17.20 15.17 -23.96
CA UNK B 135 17.40 14.14 -24.98
C UNK B 135 16.51 12.93 -24.73
N UNK B 136 16.46 12.52 -23.47
CA UNK B 136 15.63 11.39 -23.06
C UNK B 136 14.16 11.65 -23.38
N UNK B 137 13.67 12.82 -23.00
CA UNK B 137 12.29 13.22 -23.25
C UNK B 137 12.00 13.23 -24.75
N UNK B 138 12.94 13.76 -25.52
CA UNK B 138 12.81 13.80 -26.97
C UNK B 138 12.58 12.39 -27.49
N UNK B 139 13.49 11.48 -27.16
CA UNK B 139 13.35 10.09 -27.60
C UNK B 139 12.02 9.49 -27.13
N UNK B 140 11.58 9.87 -25.93
CA UNK B 140 10.31 9.42 -25.38
C UNK B 140 9.15 9.79 -26.29
N UNK B 141 8.91 11.09 -26.44
CA UNK B 141 7.83 11.60 -27.27
C UNK B 141 7.92 11.02 -28.69
N UNK B 142 9.14 10.93 -29.22
CA UNK B 142 9.35 10.34 -30.54
C UNK B 142 8.81 8.90 -30.60
N UNK B 143 9.17 8.09 -29.62
CA UNK B 143 8.74 6.70 -29.58
C UNK B 143 7.24 6.58 -29.33
N UNK B 144 6.67 7.57 -28.64
CA UNK B 144 5.23 7.57 -28.37
C UNK B 144 4.45 8.04 -29.59
N UNK B 145 5.12 8.71 -30.52
CA UNK B 145 4.48 9.19 -31.74
C UNK B 145 4.38 8.08 -32.81
N UNK B 146 5.46 7.31 -32.97
CA UNK B 146 5.49 6.23 -33.95
C UNK B 146 4.39 5.21 -33.70
N UNK B 147 3.66 4.87 -34.74
CA UNK B 147 2.50 4.02 -34.59
C UNK B 147 2.89 2.56 -34.39
N UNK B 148 4.11 2.21 -34.76
CA UNK B 148 4.51 0.81 -34.77
C UNK B 148 4.65 0.23 -33.36
N UNK B 149 4.87 1.13 -32.39
CA UNK B 149 5.25 0.72 -31.05
C UNK B 149 4.21 -0.23 -30.50
N UNK B 150 2.95 0.16 -30.61
CA UNK B 150 1.88 -0.60 -30.02
C UNK B 150 1.91 -2.00 -30.58
N UNK B 151 2.01 -2.12 -31.90
CA UNK B 151 1.95 -3.43 -32.51
C UNK B 151 3.14 -4.23 -32.04
N UNK B 152 4.28 -3.57 -31.93
CA UNK B 152 5.50 -4.24 -31.59
C UNK B 152 5.31 -4.84 -30.21
N UNK B 153 4.70 -4.06 -29.32
CA UNK B 153 4.52 -4.51 -27.95
C UNK B 153 3.56 -5.68 -27.97
N UNK B 154 2.49 -5.53 -28.74
CA UNK B 154 1.48 -6.57 -28.84
C UNK B 154 2.10 -7.80 -29.44
N UNK B 155 3.15 -7.63 -30.23
CA UNK B 155 3.81 -8.77 -30.83
C UNK B 155 4.59 -9.55 -29.79
N UNK B 156 5.31 -8.82 -28.93
CA UNK B 156 6.18 -9.47 -27.96
C UNK B 156 5.33 -10.24 -26.96
N UNK B 157 4.21 -9.64 -26.56
CA UNK B 157 3.30 -10.29 -25.64
C UNK B 157 2.74 -11.53 -26.32
N UNK B 158 2.45 -11.42 -27.61
CA UNK B 158 1.90 -12.55 -28.35
C UNK B 158 2.97 -13.60 -28.60
N UNK B 159 4.23 -13.24 -28.41
CA UNK B 159 5.30 -14.22 -28.48
C UNK B 159 5.28 -15.04 -27.20
N UNK B 160 4.92 -14.38 -26.11
CA UNK B 160 4.80 -14.99 -24.79
C UNK B 160 3.53 -15.83 -24.66
N UNK B 161 2.49 -15.41 -25.36
CA UNK B 161 1.13 -15.93 -25.20
C UNK B 161 0.74 -17.06 -26.15
N UNK B 162 1.70 -17.64 -26.85
CA UNK B 162 1.43 -18.74 -27.78
C UNK B 162 0.57 -19.84 -27.17
N UNK B 163 0.75 -20.13 -25.89
CA UNK B 163 -0.06 -21.14 -25.20
C UNK B 163 -1.46 -20.62 -24.86
N UNK B 164 -2.34 -21.54 -24.49
CA UNK B 164 -3.62 -21.24 -23.85
C UNK B 164 -4.67 -20.61 -24.76
N UNK B 165 -4.32 -20.36 -26.02
CA UNK B 165 -5.28 -19.82 -26.95
C UNK B 165 -5.57 -20.80 -28.08
N UNK B 166 -6.86 -20.99 -28.36
CA UNK B 166 -7.29 -21.81 -29.48
C UNK B 166 -6.78 -21.17 -30.77
N UNK B 167 -6.53 -22.00 -31.78
CA UNK B 167 -6.00 -21.52 -33.06
C UNK B 167 -6.89 -20.43 -33.66
N UNK B 168 -8.17 -20.45 -33.31
CA UNK B 168 -9.11 -19.43 -33.78
C UNK B 168 -8.69 -18.04 -33.28
N UNK B 169 -8.57 -17.91 -31.96
CA UNK B 169 -8.22 -16.63 -31.34
C UNK B 169 -6.83 -16.17 -31.74
N UNK B 170 -5.89 -17.11 -31.75
CA UNK B 170 -4.51 -16.80 -32.08
C UNK B 170 -4.39 -16.30 -33.52
N UNK B 171 -4.93 -17.07 -34.46
CA UNK B 171 -4.87 -16.69 -35.87
C UNK B 171 -5.63 -15.38 -36.11
N UNK B 172 -6.75 -15.22 -35.43
CA UNK B 172 -7.54 -14.00 -35.58
C UNK B 172 -6.73 -12.77 -35.16
N UNK B 173 -6.14 -12.85 -33.97
CA UNK B 173 -5.35 -11.75 -33.42
C UNK B 173 -4.16 -11.42 -34.30
N UNK B 174 -3.41 -12.47 -34.68
CA UNK B 174 -2.22 -12.29 -35.51
C UNK B 174 -2.58 -11.68 -36.85
N UNK B 175 -3.69 -12.14 -37.42
CA UNK B 175 -4.17 -11.64 -38.71
C UNK B 175 -4.52 -10.16 -38.59
N UNK B 176 -5.24 -9.81 -37.53
CA UNK B 176 -5.64 -8.42 -37.32
C UNK B 176 -4.41 -7.55 -37.16
N UNK B 177 -3.38 -8.12 -36.53
CA UNK B 177 -2.13 -7.41 -36.32
C UNK B 177 -1.43 -7.14 -37.64
N UNK B 178 -1.26 -8.18 -38.45
CA UNK B 178 -0.58 -8.04 -39.74
C UNK B 178 -1.35 -7.08 -40.65
N UNK B 179 -2.67 -7.14 -40.59
CA UNK B 179 -3.53 -6.24 -41.35
C UNK B 179 -3.34 -4.80 -40.87
N UNK B 180 -3.13 -4.64 -39.57
CA UNK B 180 -2.88 -3.32 -39.00
C UNK B 180 -1.54 -2.78 -39.45
N UNK B 181 -0.55 -3.65 -39.55
CA UNK B 181 0.79 -3.25 -39.95
C UNK B 181 0.82 -2.89 -41.44
N UNK B 182 0.06 -3.64 -42.23
CA UNK B 182 0.05 -3.48 -43.67
C UNK B 182 -0.70 -2.20 -44.05
N UNK B 183 -1.75 -1.89 -43.31
CA UNK B 183 -2.53 -0.69 -43.55
C UNK B 183 -1.97 0.50 -42.77
N UNK B 184 -0.87 0.29 -42.06
CA UNK B 184 -0.15 1.39 -41.41
C UNK B 184 0.48 2.27 -42.49
N UNK B 185 0.83 3.50 -42.12
CA UNK B 185 1.31 4.55 -43.03
C UNK B 185 0.18 5.13 -43.87
N UNK B 186 -1.03 4.60 -43.68
CA UNK B 186 -2.22 5.19 -44.27
C UNK B 186 -2.74 6.29 -43.37
N UNK B 187 -3.13 7.42 -43.97
CA UNK B 187 -3.59 8.59 -43.23
C UNK B 187 -4.65 8.22 -42.22
N UNK B 188 -5.49 7.25 -42.59
CA UNK B 188 -6.40 6.65 -41.62
C UNK B 188 -5.81 5.31 -41.20
N UNK B 189 -5.30 5.25 -39.98
CA UNK B 189 -4.77 4.00 -39.42
C UNK B 189 -5.13 3.92 -37.95
N UNK B 190 -5.70 2.80 -37.53
CA UNK B 190 -5.97 2.58 -36.12
C UNK B 190 -5.48 1.21 -35.68
N UNK B 191 -5.04 1.10 -34.43
CA UNK B 191 -4.73 -0.20 -33.86
C UNK B 191 -6.05 -0.98 -33.77
N UNK B 192 -5.96 -2.30 -33.79
CA UNK B 192 -7.13 -3.16 -33.73
C UNK B 192 -8.10 -2.72 -32.63
N UNK B 193 -7.55 -2.45 -31.45
CA UNK B 193 -8.32 -1.87 -30.34
C UNK B 193 -9.56 -2.70 -30.04
N UNK B 194 -10.72 -2.08 -30.21
CA UNK B 194 -12.02 -2.72 -30.01
C UNK B 194 -12.15 -4.04 -30.78
N UNK B 195 -11.49 -4.14 -31.92
CA UNK B 195 -11.47 -5.38 -32.70
C UNK B 195 -10.88 -6.55 -31.91
N UNK B 196 -9.66 -6.37 -31.41
CA UNK B 196 -8.98 -7.40 -30.62
C UNK B 196 -9.83 -7.80 -29.42
N UNK B 197 -10.39 -6.80 -28.76
CA UNK B 197 -11.32 -7.02 -27.66
C UNK B 197 -12.51 -7.86 -28.11
N UNK B 198 -13.01 -7.58 -29.30
CA UNK B 198 -14.12 -8.34 -29.87
C UNK B 198 -13.74 -9.81 -30.05
N UNK B 199 -12.52 -10.06 -30.52
CA UNK B 199 -12.03 -11.44 -30.63
C UNK B 199 -11.96 -12.13 -29.26
N UNK B 200 -11.32 -11.46 -28.30
CA UNK B 200 -11.14 -12.01 -26.96
C UNK B 200 -12.47 -12.33 -26.29
N UNK B 201 -13.37 -11.34 -26.28
CA UNK B 201 -14.71 -11.51 -25.74
C UNK B 201 -15.49 -12.58 -26.49
N UNK B 202 -15.24 -12.71 -27.79
CA UNK B 202 -15.89 -13.72 -28.60
C UNK B 202 -15.53 -15.12 -28.10
N UNK B 203 -14.23 -15.39 -28.01
CA UNK B 203 -13.78 -16.68 -27.50
C UNK B 203 -14.21 -16.87 -26.05
N UNK B 204 -14.41 -15.75 -25.34
CA UNK B 204 -14.84 -15.78 -23.96
C UNK B 204 -16.30 -16.22 -23.85
N UNK B 205 -17.10 -15.88 -24.84
CA UNK B 205 -18.50 -16.29 -24.88
C UNK B 205 -18.62 -17.80 -25.10
N UNK B 206 -17.62 -18.36 -25.77
CA UNK B 206 -17.60 -19.79 -26.07
C UNK B 206 -17.10 -20.60 -24.88
N UNK B 207 -16.61 -19.92 -23.85
CA UNK B 207 -16.12 -20.61 -22.65
C UNK B 207 -17.26 -21.22 -21.86
N UNK B 208 -16.84 -21.69 -15.95
CA UNK B 208 -15.94 -20.91 -15.11
C UNK B 208 -14.50 -21.41 -15.22
N UNK B 209 -14.34 -22.68 -15.59
CA UNK B 209 -13.03 -23.25 -15.78
C UNK B 209 -12.32 -22.58 -16.96
N UNK B 210 -12.97 -22.61 -18.11
CA UNK B 210 -12.42 -22.01 -19.33
C UNK B 210 -12.41 -20.49 -19.25
N UNK B 211 -13.41 -19.93 -18.59
CA UNK B 211 -13.52 -18.48 -18.43
C UNK B 211 -12.31 -17.92 -17.67
N UNK B 212 -12.08 -18.42 -16.46
CA UNK B 212 -10.92 -18.01 -15.68
C UNK B 212 -9.64 -18.47 -16.35
N UNK B 213 -9.70 -19.57 -17.10
CA UNK B 213 -8.52 -20.04 -17.81
C UNK B 213 -8.06 -19.00 -18.82
N UNK B 214 -8.99 -18.43 -19.57
CA UNK B 214 -8.66 -17.43 -20.59
C UNK B 214 -8.41 -16.05 -19.98
N UNK B 215 -9.07 -15.78 -18.86
CA UNK B 215 -8.92 -14.48 -18.21
C UNK B 215 -7.54 -14.38 -17.58
N UNK B 216 -7.06 -15.50 -17.06
CA UNK B 216 -5.72 -15.56 -16.50
C UNK B 216 -4.68 -15.99 -17.54
N UNK B 217 -5.14 -16.42 -18.72
CA UNK B 217 -4.22 -16.78 -19.79
C UNK B 217 -3.69 -15.53 -20.47
N UNK B 218 -4.58 -14.81 -21.14
CA UNK B 218 -4.20 -13.49 -21.59
C UNK B 218 -4.97 -12.41 -20.82
N UNK B 219 -4.29 -11.79 -19.88
CA UNK B 219 -4.70 -10.52 -19.31
C UNK B 219 -4.01 -9.45 -20.12
N UNK B 220 -2.70 -9.67 -20.33
CA UNK B 220 -1.81 -8.74 -21.00
C UNK B 220 -2.27 -8.35 -22.41
N UNK B 221 -2.96 -9.26 -23.09
CA UNK B 221 -3.53 -8.92 -24.40
C UNK B 221 -4.67 -7.93 -24.19
N UNK B 222 -5.49 -8.19 -23.18
CA UNK B 222 -6.58 -7.30 -22.81
C UNK B 222 -6.02 -5.97 -22.36
N UNK B 223 -4.82 -6.03 -21.77
CA UNK B 223 -4.14 -4.83 -21.30
C UNK B 223 -3.68 -3.97 -22.46
N UNK B 224 -2.97 -4.60 -23.41
CA UNK B 224 -2.43 -3.86 -24.56
C UNK B 224 -3.59 -3.27 -25.35
N UNK B 225 -4.64 -4.05 -25.49
CA UNK B 225 -5.83 -3.62 -26.22
C UNK B 225 -6.59 -2.50 -25.51
N UNK B 226 -6.64 -2.55 -24.18
CA UNK B 226 -7.37 -1.55 -23.40
C UNK B 226 -6.59 -0.24 -23.24
N UNK B 227 -5.26 -0.35 -23.30
CA UNK B 227 -4.40 0.80 -23.12
C UNK B 227 -4.44 1.63 -24.38
N UNK B 228 -4.01 1.01 -25.47
CA UNK B 228 -3.92 1.67 -26.75
C UNK B 228 -5.29 1.64 -27.44
N UNK B 229 -6.33 1.31 -26.66
CA UNK B 229 -7.73 1.32 -27.13
C UNK B 229 -8.08 2.62 -27.84
N UNK B 230 -7.89 3.76 -27.19
CA UNK B 230 -7.92 5.01 -27.93
C UNK B 230 -6.53 5.15 -28.55
N UNK B 231 -6.29 6.18 -29.35
CA UNK B 231 -5.22 6.08 -30.35
C UNK B 231 -3.80 6.03 -29.78
N UNK B 232 -2.81 5.97 -30.66
CA UNK B 232 -1.43 6.15 -30.23
C UNK B 232 -1.35 7.52 -29.56
N UNK B 233 -2.22 8.41 -30.00
CA UNK B 233 -2.44 9.70 -29.35
C UNK B 233 -2.90 9.53 -27.90
N UNK B 234 -3.61 8.45 -27.61
CA UNK B 234 -4.07 8.20 -26.25
C UNK B 234 -2.92 7.90 -25.31
N UNK B 235 -1.98 7.06 -25.73
CA UNK B 235 -0.82 6.74 -24.91
C UNK B 235 0.11 7.95 -24.88
N UNK B 236 0.21 8.64 -26.01
CA UNK B 236 1.03 9.85 -26.12
C UNK B 236 0.54 10.92 -25.15
N UNK B 237 -0.76 10.94 -24.91
CA UNK B 237 -1.35 11.83 -23.93
C UNK B 237 -1.21 11.29 -22.51
N UNK B 238 -1.43 9.98 -22.35
CA UNK B 238 -1.51 9.32 -21.05
C UNK B 238 -0.17 9.35 -20.32
N UNK B 239 0.90 9.05 -21.05
CA UNK B 239 2.24 9.07 -20.47
C UNK B 239 2.46 10.44 -19.86
N UNK B 240 2.32 11.48 -20.69
CA UNK B 240 2.52 12.84 -20.26
C UNK B 240 1.62 13.17 -19.07
N UNK B 241 0.39 12.66 -19.09
CA UNK B 241 -0.56 12.92 -18.03
C UNK B 241 -0.09 12.36 -16.67
N UNK B 242 0.45 11.14 -16.70
CA UNK B 242 0.90 10.49 -15.47
C UNK B 242 2.19 11.14 -14.95
N UNK B 243 3.12 11.36 -15.87
CA UNK B 243 4.38 12.02 -15.54
C UNK B 243 4.06 13.36 -14.90
N UNK B 244 3.15 14.11 -15.50
CA UNK B 244 2.75 15.39 -14.93
C UNK B 244 2.06 15.18 -13.58
N UNK B 245 1.40 14.03 -13.42
CA UNK B 245 0.63 13.77 -12.22
C UNK B 245 1.53 13.59 -11.00
N UNK B 246 2.67 12.93 -11.19
CA UNK B 246 3.59 12.70 -10.07
C UNK B 246 4.18 14.02 -9.55
N UNK B 247 4.79 14.76 -10.47
CA UNK B 247 5.39 16.05 -10.18
C UNK B 247 4.33 17.01 -9.66
N UNK B 248 3.07 16.73 -9.97
CA UNK B 248 1.98 17.46 -9.35
C UNK B 248 1.87 17.08 -7.88
N UNK B 249 1.74 15.78 -7.62
CA UNK B 249 1.45 15.26 -6.28
C UNK B 249 2.50 15.64 -5.24
N UNK B 250 3.75 15.30 -5.52
CA UNK B 250 4.84 15.53 -4.54
C UNK B 250 4.83 16.97 -4.05
N UNK B 251 5.17 17.89 -4.94
CA UNK B 251 5.23 19.31 -4.61
C UNK B 251 3.85 19.88 -4.26
N UNK B 252 2.79 19.10 -4.49
CA UNK B 252 1.47 19.50 -4.00
C UNK B 252 1.44 19.38 -2.49
N UNK B 253 1.82 18.21 -1.98
CA UNK B 253 1.77 18.00 -0.54
C UNK B 253 2.91 18.72 0.20
N UNK B 254 4.08 18.81 -0.42
CA UNK B 254 5.27 19.36 0.25
C UNK B 254 5.33 20.89 0.27
N UNK B 255 4.98 21.51 -0.84
CA UNK B 255 5.12 22.95 -1.03
C UNK B 255 3.83 23.76 -0.81
N UNK B 256 2.82 23.14 -0.23
CA UNK B 256 1.63 23.88 0.18
C UNK B 256 1.71 24.40 1.61
N UNK B 257 2.79 24.07 2.31
CA UNK B 257 2.93 24.41 3.72
C UNK B 257 4.40 24.52 4.11
N UNK B 258 4.67 25.10 5.28
CA UNK B 258 6.03 25.14 5.83
C UNK B 258 6.60 23.75 5.95
N UNK B 259 7.89 23.61 5.62
CA UNK B 259 8.55 22.31 5.53
C UNK B 259 8.32 21.45 6.77
N UNK B 260 8.38 22.09 7.94
CA UNK B 260 8.14 21.40 9.20
C UNK B 260 6.68 21.01 9.33
N UNK B 261 5.79 21.98 9.13
CA UNK B 261 4.35 21.76 9.23
C UNK B 261 3.91 20.74 8.19
N UNK B 262 4.45 20.86 6.98
CA UNK B 262 4.10 19.95 5.89
C UNK B 262 4.59 18.54 6.17
N UNK B 263 5.80 18.43 6.72
CA UNK B 263 6.35 17.11 7.07
C UNK B 263 5.53 16.47 8.18
N UNK B 264 5.05 17.29 9.11
CA UNK B 264 4.20 16.81 10.18
C UNK B 264 2.86 16.35 9.61
N UNK B 265 2.38 17.09 8.61
CA UNK B 265 1.13 16.76 7.95
C UNK B 265 1.25 15.44 7.21
N UNK B 266 2.42 15.20 6.62
CA UNK B 266 2.69 13.94 5.93
C UNK B 266 2.82 12.80 6.93
N UNK B 267 3.38 13.12 8.09
CA UNK B 267 3.54 12.13 9.16
C UNK B 267 2.19 11.71 9.72
N UNK B 268 1.25 12.65 9.74
CA UNK B 268 -0.10 12.36 10.22
C UNK B 268 -0.89 11.62 9.14
N UNK B 269 -0.67 12.04 7.90
CA UNK B 269 -1.35 11.49 6.73
C UNK B 269 -1.02 10.02 6.47
N UNK B 270 0.26 9.70 6.34
CA UNK B 270 0.64 8.32 6.05
C UNK B 270 0.96 7.52 7.32
N UNK B 271 1.09 8.21 8.45
CA UNK B 271 1.27 7.56 9.75
C UNK B 271 2.39 6.52 9.78
N UNK B 272 1.99 5.26 9.92
CA UNK B 272 2.87 4.13 10.21
C UNK B 272 4.11 4.03 9.31
N UNK B 273 3.93 4.21 8.00
CA UNK B 273 5.04 4.03 7.08
C UNK B 273 5.76 5.34 6.81
N UNK B 274 6.98 5.44 7.33
CA UNK B 274 7.82 6.62 7.15
C UNK B 274 8.56 6.63 5.82
N UNK B 275 8.79 5.44 5.25
CA UNK B 275 9.48 5.31 3.98
C UNK B 275 8.83 6.17 2.89
N UNK B 276 7.50 6.25 2.92
CA UNK B 276 6.77 7.09 1.99
C UNK B 276 7.18 8.56 2.18
N UNK B 277 7.30 8.96 3.43
CA UNK B 277 7.66 10.34 3.76
C UNK B 277 9.10 10.63 3.36
N UNK B 278 9.97 9.64 3.51
CA UNK B 278 11.37 9.79 3.12
C UNK B 278 11.47 9.97 1.61
N UNK B 279 10.72 9.15 0.88
CA UNK B 279 10.75 9.22 -0.58
C UNK B 279 10.20 10.57 -1.04
N UNK B 280 9.06 10.96 -0.48
CA UNK B 280 8.43 12.22 -0.84
C UNK B 280 9.36 13.39 -0.53
N UNK B 281 10.11 13.28 0.55
CA UNK B 281 11.10 14.29 0.90
C UNK B 281 12.22 14.32 -0.13
N UNK B 282 12.58 13.13 -0.63
CA UNK B 282 13.60 13.04 -1.68
C UNK B 282 13.09 13.73 -2.93
N UNK B 283 11.78 13.71 -3.12
CA UNK B 283 11.16 14.42 -4.24
C UNK B 283 11.21 15.93 -4.02
N UNK B 284 10.69 16.39 -2.87
CA UNK B 284 10.62 17.82 -2.57
C UNK B 284 12.01 18.44 -2.53
N UNK B 285 13.02 17.57 -2.40
CA UNK B 285 14.42 17.96 -2.46
C UNK B 285 14.79 18.47 -3.84
N UNK B 286 14.52 17.65 -4.84
CA UNK B 286 14.93 17.89 -6.22
C UNK B 286 13.85 18.61 -7.04
N UNK B 287 12.85 19.17 -6.36
CA UNK B 287 11.71 19.82 -7.00
C UNK B 287 12.08 20.88 -8.05
N UNK B 288 13.27 21.46 -7.94
CA UNK B 288 13.70 22.44 -8.94
C UNK B 288 13.80 21.77 -10.32
N UNK B 289 14.63 20.72 -10.40
CA UNK B 289 14.85 19.99 -11.64
C UNK B 289 13.55 19.35 -12.11
N UNK B 290 12.74 18.95 -11.14
CA UNK B 290 11.42 18.39 -11.45
C UNK B 290 10.56 19.45 -12.12
N UNK B 291 10.74 20.70 -11.70
CA UNK B 291 10.02 21.81 -12.32
C UNK B 291 10.54 22.00 -13.74
N UNK B 292 11.83 21.72 -13.93
CA UNK B 292 12.43 21.81 -15.26
C UNK B 292 11.80 20.80 -16.20
N UNK B 293 11.70 19.56 -15.74
CA UNK B 293 11.12 18.48 -16.55
C UNK B 293 9.63 18.72 -16.80
N UNK B 294 8.95 19.31 -15.81
CA UNK B 294 7.55 19.65 -15.98
C UNK B 294 7.41 20.69 -17.08
N UNK B 295 8.35 21.65 -17.09
CA UNK B 295 8.35 22.70 -18.10
C UNK B 295 8.56 22.11 -19.49
N UNK B 296 9.58 21.26 -19.61
CA UNK B 296 9.92 20.66 -20.90
C UNK B 296 8.78 19.78 -21.42
N UNK B 297 8.17 19.02 -20.51
CA UNK B 297 7.07 18.13 -20.88
C UNK B 297 5.86 18.91 -21.35
N UNK B 298 5.46 19.91 -20.55
CA UNK B 298 4.31 20.72 -20.90
C UNK B 298 4.54 21.44 -22.22
N UNK B 299 5.77 21.88 -22.43
CA UNK B 299 6.16 22.52 -23.68
C UNK B 299 6.04 21.56 -24.86
N UNK B 300 6.38 20.29 -24.61
CA UNK B 300 6.31 19.27 -25.66
C UNK B 300 4.87 18.97 -26.10
N UNK B 301 3.97 18.83 -25.15
CA UNK B 301 2.54 18.71 -25.45
C UNK B 301 1.96 20.08 -25.80
N UNK B 302 -7.22 21.58 -23.92
CA UNK B 302 -7.43 20.46 -24.84
C UNK B 302 -8.33 19.40 -24.22
N UNK B 303 -7.72 18.45 -23.51
CA UNK B 303 -8.45 17.35 -22.86
C UNK B 303 -8.94 17.80 -21.50
N UNK B 304 -10.16 17.42 -21.14
CA UNK B 304 -10.76 17.83 -19.87
C UNK B 304 -9.96 17.33 -18.66
N UNK B 305 -9.53 16.08 -18.70
CA UNK B 305 -8.71 15.54 -17.61
C UNK B 305 -7.40 16.32 -17.52
N UNK B 306 -6.77 16.52 -18.68
CA UNK B 306 -5.50 17.22 -18.76
C UNK B 306 -5.69 18.69 -18.39
N UNK B 307 -6.82 19.27 -18.81
CA UNK B 307 -7.14 20.64 -18.44
C UNK B 307 -7.25 20.76 -16.92
N UNK B 308 -7.84 19.75 -16.30
CA UNK B 308 -7.96 19.72 -14.84
C UNK B 308 -6.58 19.66 -14.20
N UNK B 309 -5.72 18.78 -14.72
CA UNK B 309 -4.36 18.64 -14.20
C UNK B 309 -3.59 19.94 -14.32
N UNK B 310 -3.74 20.59 -15.47
CA UNK B 310 -3.09 21.86 -15.74
C UNK B 310 -3.60 22.93 -14.78
N UNK B 311 -4.91 22.89 -14.49
CA UNK B 311 -5.51 23.80 -13.53
C UNK B 311 -4.90 23.61 -12.16
N UNK B 312 -4.66 22.36 -11.79
CA UNK B 312 -4.05 22.06 -10.49
C UNK B 312 -2.61 22.56 -10.43
N UNK B 313 -1.85 22.30 -11.49
CA UNK B 313 -0.46 22.72 -11.55
C UNK B 313 -0.34 24.24 -11.51
N UNK B 314 -1.31 24.91 -12.14
CA UNK B 314 -1.35 26.36 -12.12
C UNK B 314 -1.83 26.89 -10.77
N UNK B 315 -2.56 26.04 -10.04
CA UNK B 315 -3.13 26.46 -8.77
C UNK B 315 -2.16 26.31 -7.61
N UNK B 316 -1.01 25.70 -7.86
CA UNK B 316 -0.03 25.49 -6.80
C UNK B 316 0.64 26.81 -6.44
N UNK B 317 0.51 27.21 -5.18
CA UNK B 317 1.11 28.47 -4.76
C UNK B 317 2.39 28.18 -4.00
N UNK B 318 3.51 28.41 -4.68
CA UNK B 318 4.81 28.23 -4.07
C UNK B 318 5.81 29.13 -4.79
N UNK B 319 6.75 29.70 -4.04
CA UNK B 319 7.84 30.44 -4.67
C UNK B 319 8.84 29.42 -5.20
N UNK B 320 8.75 28.20 -4.67
CA UNK B 320 9.65 27.12 -5.04
C UNK B 320 9.56 26.83 -6.53
N UNK B 321 8.37 26.46 -7.00
CA UNK B 321 8.11 26.48 -8.42
C UNK B 321 6.99 27.48 -8.73
N UNK B 322 7.39 28.64 -9.27
CA UNK B 322 6.43 29.53 -9.90
C UNK B 322 6.53 29.38 -11.41
N UNK B 323 7.49 28.57 -11.85
CA UNK B 323 7.73 28.38 -13.27
C UNK B 323 6.71 27.45 -13.89
N UNK B 324 6.41 26.37 -13.18
CA UNK B 324 5.39 25.43 -13.64
C UNK B 324 4.02 26.09 -13.69
N UNK B 325 3.67 26.82 -12.63
CA UNK B 325 2.40 27.55 -12.61
C UNK B 325 2.33 28.58 -13.72
N UNK B 326 3.45 29.26 -13.98
CA UNK B 326 3.50 30.27 -15.02
C UNK B 326 3.28 29.66 -16.40
N UNK B 327 4.03 28.59 -16.69
CA UNK B 327 3.93 27.90 -17.97
C UNK B 327 2.53 27.33 -18.16
N UNK B 328 1.96 26.78 -17.10
CA UNK B 328 0.61 26.24 -17.14
C UNK B 328 -0.40 27.34 -17.42
N UNK B 329 -0.23 28.49 -16.79
CA UNK B 329 -1.13 29.62 -17.01
C UNK B 329 -1.04 30.10 -18.44
N UNK B 330 0.18 30.13 -18.97
CA UNK B 330 0.44 30.57 -20.33
C UNK B 330 -0.18 29.61 -21.35
N UNK B 331 -0.10 28.31 -21.06
CA UNK B 331 -0.64 27.29 -21.94
C UNK B 331 -2.16 27.32 -21.92
N UNK B 332 -2.72 27.57 -20.74
CA UNK B 332 -4.18 27.66 -20.60
C UNK B 332 -4.70 28.96 -21.20
N UNK B 333 -3.83 29.96 -21.33
CA UNK B 333 -4.23 31.26 -21.87
C UNK B 333 -4.40 31.21 -23.39
N UNK B 334 -3.34 30.78 -24.08
CA UNK B 334 -3.36 30.64 -25.54
C UNK B 334 -4.51 29.76 -26.01
N UNK B 335 -3.46 30.80 -31.80
CA UNK B 335 -3.11 31.26 -33.15
C UNK B 335 -3.48 30.23 -34.20
N UNK B 336 -4.17 30.68 -35.25
CA UNK B 336 -4.60 29.82 -36.33
C UNK B 336 -3.54 29.71 -37.43
N UNK B 337 -3.44 28.53 -38.04
CA UNK B 337 -2.53 28.31 -39.15
C UNK B 337 -2.90 29.17 -40.36
N UNK B 338 -1.93 29.40 -41.24
CA UNK B 338 -2.11 30.31 -42.38
C UNK B 338 -3.21 29.83 -43.32
N UNK B 339 -3.13 28.57 -43.72
CA UNK B 339 -4.14 28.00 -44.60
C UNK B 339 -5.47 27.86 -43.86
N UNK B 340 -5.41 27.81 -42.54
CA UNK B 340 -6.61 27.71 -41.72
C UNK B 340 -7.35 29.05 -41.71
N UNK B 341 -6.59 30.13 -41.61
CA UNK B 341 -7.15 31.47 -41.68
C UNK B 341 -7.64 31.74 -43.10
N UNK B 342 -6.94 31.17 -44.07
CA UNK B 342 -7.35 31.30 -45.47
C UNK B 342 -8.68 30.61 -45.71
N UNK B 343 -8.83 29.43 -45.11
CA UNK B 343 -10.05 28.66 -45.27
C UNK B 343 -11.21 29.28 -44.51
N UNK B 344 -10.92 29.88 -43.36
CA UNK B 344 -11.97 30.53 -42.58
C UNK B 344 -12.45 31.78 -43.29
N UNK B 345 -11.51 32.55 -43.82
CA UNK B 345 -11.85 33.77 -44.53
C UNK B 345 -12.63 33.45 -45.78
N UNK B 346 -12.16 32.45 -46.52
CA UNK B 346 -12.85 32.00 -47.73
C UNK B 346 -14.26 31.55 -47.38
N UNK B 347 -14.38 30.83 -46.27
CA UNK B 347 -15.66 30.38 -45.76
C UNK B 347 -16.61 31.56 -45.62
N UNK B 348 -16.26 32.50 -44.74
CA UNK B 348 -17.10 33.66 -44.48
C UNK B 348 -17.48 34.42 -45.76
N UNK B 349 -16.45 34.79 -46.52
CA UNK B 349 -16.64 35.61 -47.71
C UNK B 349 -17.55 34.94 -48.74
N UNK B 350 -17.28 33.66 -49.03
CA UNK B 350 -18.09 32.93 -50.00
C UNK B 350 -19.50 32.72 -49.45
N UNK B 351 -19.60 32.55 -48.14
CA UNK B 351 -20.89 32.31 -47.49
C UNK B 351 -21.80 33.51 -47.70
N UNK B 352 -21.21 34.71 -47.59
CA UNK B 352 -21.99 35.92 -47.82
C UNK B 352 -22.55 35.95 -49.25
N UNK B 353 -21.71 35.58 -50.22
CA UNK B 353 -22.11 35.59 -51.62
C UNK B 353 -23.01 34.41 -51.95
N UNK B 354 -26.34 38.58 -50.18
CA UNK B 354 -26.48 39.68 -49.21
C UNK B 354 -27.61 39.37 -48.23
N UNK B 355 -27.25 38.96 -47.03
CA UNK B 355 -28.22 38.57 -46.02
C UNK B 355 -27.84 39.10 -44.63
N UNK B 356 -28.75 38.96 -43.67
CA UNK B 356 -28.51 39.36 -42.29
C UNK B 356 -27.23 38.75 -41.71
N UNK B 357 -27.10 37.44 -41.83
CA UNK B 357 -25.91 36.74 -41.36
C UNK B 357 -24.69 37.07 -42.21
N UNK B 358 -24.91 37.58 -43.42
CA UNK B 358 -23.80 38.01 -44.27
C UNK B 358 -23.20 39.29 -43.70
N UNK B 359 -24.06 40.27 -43.42
CA UNK B 359 -23.62 41.53 -42.83
C UNK B 359 -23.00 41.28 -41.47
N UNK B 360 -23.61 40.40 -40.70
CA UNK B 360 -23.11 40.10 -39.36
C UNK B 360 -21.74 39.44 -39.41
N UNK B 361 -21.58 38.44 -40.27
CA UNK B 361 -20.31 37.72 -40.37
C UNK B 361 -19.21 38.62 -40.92
N UNK B 362 -19.55 39.46 -41.89
CA UNK B 362 -18.59 40.40 -42.45
C UNK B 362 -18.16 41.42 -41.37
N UNK B 363 -19.12 41.82 -40.55
CA UNK B 363 -18.83 42.72 -39.45
C UNK B 363 -17.86 42.05 -38.49
N UNK B 364 -18.07 40.76 -38.25
CA UNK B 364 -17.19 40.00 -37.37
C UNK B 364 -15.80 39.88 -38.00
N UNK B 365 -15.76 39.94 -39.32
CA UNK B 365 -14.50 39.84 -40.04
C UNK B 365 -13.71 41.13 -39.93
N UNK B 366 -14.41 42.27 -39.95
CA UNK B 366 -13.73 43.56 -39.87
C UNK B 366 -13.18 43.86 -38.48
N UNK B 367 -13.90 43.44 -37.44
CA UNK B 367 -13.50 43.72 -36.07
C UNK B 367 -12.73 42.59 -35.40
N UNK B 368 -12.48 41.51 -36.14
CA UNK B 368 -11.86 40.29 -35.60
C UNK B 368 -10.47 40.52 -35.02
N UNK B 369 -10.24 39.98 -33.84
CA UNK B 369 -8.94 40.02 -33.19
C UNK B 369 -7.91 39.29 -34.03
N UNK B 370 -8.37 38.26 -34.75
CA UNK B 370 -7.51 37.53 -35.67
C UNK B 370 -7.04 38.48 -36.77
N UNK B 371 -5.90 38.19 -37.38
CA UNK B 371 -5.40 39.04 -38.46
C UNK B 371 -5.85 38.52 -39.82
N UNK B 372 -6.76 39.27 -40.44
CA UNK B 372 -7.27 38.95 -41.76
C UNK B 372 -6.54 39.75 -42.84
N UNK B 373 -5.56 40.54 -42.41
CA UNK B 373 -4.83 41.40 -43.34
C UNK B 373 -3.94 40.57 -44.25
N UNK B 374 -3.58 39.37 -43.78
CA UNK B 374 -2.70 38.50 -44.54
C UNK B 374 -3.40 38.03 -45.81
N UNK B 375 -4.57 37.43 -45.64
CA UNK B 375 -5.30 36.79 -46.73
C UNK B 375 -6.08 37.78 -47.62
N UNK B 376 -6.83 38.68 -46.97
CA UNK B 376 -7.87 39.47 -47.65
C UNK B 376 -7.37 40.27 -48.86
N UNK B 377 -6.05 40.45 -48.94
CA UNK B 377 -5.47 41.13 -50.08
C UNK B 377 -5.63 40.26 -51.33
N UNK B 378 -5.51 38.95 -51.14
CA UNK B 378 -5.55 38.00 -52.25
C UNK B 378 -6.97 37.77 -52.75
N UNK B 379 -7.92 37.69 -51.81
CA UNK B 379 -9.31 37.46 -52.16
C UNK B 379 -9.91 38.71 -52.82
N UNK B 380 -9.19 39.82 -52.73
CA UNK B 380 -9.63 41.07 -53.35
C UNK B 380 -9.76 40.87 -54.85
N UNK B 381 -8.84 40.11 -55.42
CA UNK B 381 -8.89 39.80 -56.84
C UNK B 381 -9.47 38.40 -56.98
N UNK B 382 -10.69 38.31 -57.48
CA UNK B 382 -11.40 37.03 -57.55
C UNK B 382 -12.54 37.05 -58.56
N UNK B 383 -13.28 35.95 -58.58
CA UNK B 383 -14.26 35.69 -59.63
C UNK B 383 -15.41 36.68 -59.65
N UNK B 384 -16.09 36.82 -58.51
CA UNK B 384 -17.34 37.56 -58.47
C UNK B 384 -17.13 38.98 -57.97
N UNK B 385 -17.64 39.94 -58.75
CA UNK B 385 -17.53 41.36 -58.40
C UNK B 385 -18.11 41.61 -57.02
N UNK B 386 -19.00 40.73 -56.58
CA UNK B 386 -19.50 40.78 -55.22
C UNK B 386 -18.38 40.48 -54.24
N UNK B 387 -17.68 39.36 -54.46
CA UNK B 387 -16.58 38.96 -53.58
C UNK B 387 -15.45 39.98 -53.62
N UNK B 388 -15.07 40.40 -54.82
CA UNK B 388 -14.02 41.40 -54.98
C UNK B 388 -14.37 42.70 -54.26
N UNK B 389 -15.48 43.31 -54.65
CA UNK B 389 -15.89 44.59 -54.09
C UNK B 389 -16.01 44.51 -52.58
N UNK B 390 -16.60 43.42 -52.09
CA UNK B 390 -16.77 43.25 -50.66
C UNK B 390 -15.43 43.17 -49.96
N UNK B 391 -14.49 42.46 -50.58
CA UNK B 391 -13.16 42.32 -50.00
C UNK B 391 -12.46 43.67 -49.90
N UNK B 392 -12.54 44.45 -50.98
CA UNK B 392 -11.96 45.79 -50.95
C UNK B 392 -12.60 46.59 -49.82
N UNK B 393 -13.92 46.45 -49.68
CA UNK B 393 -14.65 47.16 -48.65
C UNK B 393 -14.12 46.80 -47.28
N UNK B 394 -13.92 45.50 -47.03
CA UNK B 394 -13.42 45.03 -45.75
C UNK B 394 -12.02 45.58 -45.47
N UNK B 395 -11.16 45.56 -46.48
CA UNK B 395 -9.80 46.07 -46.32
C UNK B 395 -9.85 47.51 -45.87
N UNK B 396 -10.54 48.34 -46.64
CA UNK B 396 -10.62 49.76 -46.31
C UNK B 396 -11.22 49.92 -44.91
N UNK B 397 -12.21 49.09 -44.58
CA UNK B 397 -12.91 49.22 -43.32
C UNK B 397 -11.99 48.98 -42.12
N UNK B 398 -11.26 47.87 -42.16
CA UNK B 398 -10.35 47.53 -41.06
C UNK B 398 -9.14 48.45 -41.06
N UNK B 399 -8.88 49.10 -42.20
CA UNK B 399 -7.79 50.05 -42.29
C UNK B 399 -8.15 51.30 -41.53
N UNK B 400 -9.15 52.01 -42.04
CA UNK B 400 -9.52 53.30 -41.50
C UNK B 400 -10.41 53.15 -40.26
N UNK B 401 -10.55 51.91 -39.76
CA UNK B 401 -11.40 51.59 -38.61
C UNK B 401 -11.24 52.54 -37.43
N UNK B 402 -10.04 53.06 -37.25
CA UNK B 402 -9.79 54.03 -36.19
C UNK B 402 -10.46 55.37 -36.52
N UNK B 403 -10.30 55.82 -37.75
CA UNK B 403 -10.94 57.05 -38.21
C UNK B 403 -12.43 56.83 -38.43
N UNK B 404 -13.16 57.91 -38.70
CA UNK B 404 -14.61 57.82 -38.89
C UNK B 404 -14.96 57.90 -40.37
N UNK B 405 -15.53 56.82 -40.90
CA UNK B 405 -15.82 56.73 -42.34
C UNK B 405 -17.29 57.01 -42.61
N UNK B 406 -17.56 58.15 -43.23
CA UNK B 406 -18.93 58.61 -43.39
C UNK B 406 -19.66 57.93 -44.54
N UNK B 407 -18.98 57.76 -45.67
CA UNK B 407 -19.67 57.14 -46.80
C UNK B 407 -18.76 56.23 -47.65
N UNK B 408 -19.26 55.06 -48.01
CA UNK B 408 -18.48 54.18 -48.87
C UNK B 408 -19.29 53.79 -50.11
N UNK B 409 -18.78 54.15 -51.27
CA UNK B 409 -19.43 53.85 -52.53
C UNK B 409 -18.52 53.02 -53.42
N UNK B 410 -18.93 51.80 -53.76
CA UNK B 410 -18.14 50.97 -54.65
C UNK B 410 -18.61 51.21 -56.08
N UNK B 411 -17.66 51.29 -57.00
CA UNK B 411 -17.97 51.53 -58.41
C UNK B 411 -17.09 50.67 -59.31
N UNK B 412 -17.41 50.64 -60.60
CA UNK B 412 -16.64 49.85 -61.56
C UNK B 412 -16.25 50.68 -62.78
N UNK B 413 -15.03 50.44 -63.28
CA UNK B 413 -14.53 51.14 -64.46
C UNK B 413 -14.18 50.16 -65.57
N UNK B 414 -13.24 46.84 -66.44
CA UNK B 414 -13.93 45.90 -65.56
C UNK B 414 -13.38 45.94 -64.14
N UNK B 415 -12.40 46.82 -63.92
CA UNK B 415 -11.75 46.98 -62.61
C UNK B 415 -12.71 47.56 -61.57
N UNK B 416 -12.71 46.97 -60.38
CA UNK B 416 -13.57 47.45 -59.29
C UNK B 416 -12.82 48.38 -58.32
N UNK B 417 -13.37 49.58 -58.14
CA UNK B 417 -12.77 50.60 -57.29
C UNK B 417 -13.68 50.95 -56.11
N UNK B 418 -13.07 51.18 -54.94
CA UNK B 418 -13.79 51.58 -53.73
C UNK B 418 -13.55 53.05 -53.45
N UNK B 419 -14.61 53.79 -53.15
CA UNK B 419 -14.48 55.21 -52.79
C UNK B 419 -14.98 55.49 -51.36
N UNK B 420 -14.18 56.22 -50.58
CA UNK B 420 -14.48 56.47 -49.17
C UNK B 420 -14.57 57.97 -48.83
N UNK B 421 -15.36 58.30 -47.80
CA UNK B 421 -15.49 59.66 -47.31
C UNK B 421 -15.46 59.66 -45.78
N UNK B 422 -14.47 60.37 -45.22
CA UNK B 422 -14.12 60.30 -43.80
C UNK B 422 -13.74 61.66 -43.20
N UNK B 423 -13.65 61.74 -41.87
CA UNK B 423 -13.10 62.93 -41.20
C UNK B 423 -12.29 62.59 -39.94
N UNK B 424 -11.18 63.29 -39.74
CA UNK B 424 -10.24 63.02 -38.64
C UNK B 424 -10.71 63.64 -37.33
N UNK B 425 -10.71 62.88 -36.24
CA UNK B 425 -11.41 63.33 -35.03
C UNK B 425 -10.54 64.06 -33.99
N UNK B 426 -9.75 63.31 -33.21
CA UNK B 426 -8.79 63.89 -32.26
C UNK B 426 -7.35 63.90 -32.79
N UNK B 427 -7.18 63.44 -34.02
CA UNK B 427 -5.85 63.27 -34.61
C UNK B 427 -5.17 64.58 -35.00
N UNK B 428 -3.92 64.46 -35.44
CA UNK B 428 -3.14 65.60 -35.91
C UNK B 428 -3.82 66.30 -37.09
N UNK B 429 -10.41 69.46 -42.45
CA UNK B 429 -11.12 68.68 -41.44
C UNK B 429 -11.44 67.27 -41.95
N UNK B 430 -12.09 67.19 -43.11
CA UNK B 430 -12.47 65.91 -43.69
C UNK B 430 -11.56 65.53 -44.86
N UNK B 431 -11.82 64.38 -45.44
CA UNK B 431 -11.03 63.85 -46.55
C UNK B 431 -11.76 62.75 -47.29
N UNK B 432 -11.35 62.50 -48.54
CA UNK B 432 -11.93 61.43 -49.35
C UNK B 432 -10.86 60.38 -49.61
N UNK B 433 -11.25 59.28 -50.25
CA UNK B 433 -10.37 58.11 -50.35
C UNK B 433 -10.74 57.18 -51.48
N UNK B 434 -9.79 56.34 -51.87
CA UNK B 434 -10.03 55.34 -52.90
C UNK B 434 -9.11 54.15 -52.74
N UNK B 435 -9.56 52.99 -53.18
CA UNK B 435 -8.70 51.82 -53.28
C UNK B 435 -9.04 51.06 -54.56
N UNK B 436 -8.02 50.66 -55.30
CA UNK B 436 -8.24 49.94 -56.56
C UNK B 436 -7.28 48.78 -56.71
N UNK B 437 -7.82 47.60 -56.97
CA UNK B 437 -7.00 46.41 -57.15
C UNK B 437 -6.78 46.16 -58.64
N UNK B 438 -5.53 46.11 -59.04
CA UNK B 438 -5.20 45.84 -60.43
C UNK B 438 -4.38 44.55 -60.51
N UNK B 439 -4.44 43.89 -61.67
CA UNK B 439 -3.77 42.60 -61.86
C UNK B 439 -2.26 42.78 -61.99
N UNK B 440 -1.85 43.73 -62.82
CA UNK B 440 -0.44 43.97 -63.07
C UNK B 440 -0.15 45.47 -63.14
N UNK B 441 1.08 45.85 -62.80
CA UNK B 441 1.47 47.26 -62.76
C UNK B 441 1.31 47.91 -64.14
N UNK B 442 1.39 47.09 -65.18
CA UNK B 442 1.20 47.56 -66.55
C UNK B 442 -0.24 47.98 -66.75
N UNK B 443 -1.16 47.12 -66.32
CA UNK B 443 -2.57 47.39 -66.42
C UNK B 443 -2.94 48.63 -65.60
N UNK B 444 -2.25 48.79 -64.47
CA UNK B 444 -2.43 49.96 -63.62
C UNK B 444 -1.98 51.21 -64.36
N UNK B 445 -0.88 51.09 -65.09
CA UNK B 445 -0.35 52.21 -65.87
C UNK B 445 -1.32 52.59 -66.99
N UNK B 446 -1.90 51.58 -67.63
CA UNK B 446 -2.85 51.80 -68.72
C UNK B 446 -4.13 52.47 -68.21
N UNK B 447 -4.74 51.87 -67.20
CA UNK B 447 -6.00 52.36 -66.66
C UNK B 447 -5.83 53.59 -65.78
N UNK B 448 -4.57 53.99 -65.56
CA UNK B 448 -4.22 55.03 -64.59
C UNK B 448 -5.07 56.31 -64.69
N UNK B 449 -5.22 56.83 -65.90
CA UNK B 449 -5.98 58.06 -66.09
C UNK B 449 -7.43 57.87 -65.65
N UNK B 450 -7.99 56.71 -65.98
CA UNK B 450 -9.36 56.39 -65.63
C UNK B 450 -9.49 56.26 -64.11
N UNK B 451 -8.47 55.68 -63.49
CA UNK B 451 -8.47 55.50 -62.05
C UNK B 451 -8.46 56.86 -61.36
N UNK B 452 -7.58 57.75 -61.81
CA UNK B 452 -7.48 59.08 -61.25
C UNK B 452 -8.75 59.88 -61.50
N UNK B 453 -9.45 59.53 -62.57
CA UNK B 453 -10.72 60.16 -62.90
C UNK B 453 -11.84 59.70 -61.97
N UNK B 454 -11.88 58.41 -61.66
CA UNK B 454 -12.95 57.84 -60.86
C UNK B 454 -12.76 58.17 -59.38
N UNK B 455 -11.54 58.56 -59.01
CA UNK B 455 -11.24 58.91 -57.64
C UNK B 455 -11.56 60.38 -57.37
N UNK B 456 -4.47 72.51 -49.13
CA UNK B 456 -4.03 71.16 -48.76
C UNK B 456 -4.68 70.13 -49.67
N UNK B 457 -3.96 69.05 -49.94
CA UNK B 457 -4.53 67.94 -50.71
C UNK B 457 -5.39 67.08 -49.78
N UNK B 458 -6.68 67.01 -50.07
CA UNK B 458 -7.63 66.39 -49.16
C UNK B 458 -8.00 64.95 -49.54
N UNK B 459 -7.40 64.43 -50.59
CA UNK B 459 -7.73 63.09 -51.06
C UNK B 459 -6.56 62.11 -50.94
N UNK B 460 -6.85 60.87 -50.58
CA UNK B 460 -5.82 59.83 -50.49
C UNK B 460 -6.27 58.62 -51.30
N UNK B 461 -5.36 58.02 -52.06
CA UNK B 461 -5.71 56.82 -52.83
C UNK B 461 -4.66 55.73 -52.72
N UNK B 462 -5.08 54.54 -52.30
CA UNK B 462 -4.17 53.41 -52.25
C UNK B 462 -4.52 52.41 -53.35
N UNK B 463 -3.56 52.10 -54.20
CA UNK B 463 -3.73 51.15 -55.30
C UNK B 463 -2.97 49.88 -54.97
N UNK B 464 -3.58 48.72 -55.15
CA UNK B 464 -2.88 47.50 -54.80
C UNK B 464 -2.50 46.72 -56.05
N UNK B 465 -1.23 46.32 -56.08
CA UNK B 465 -0.64 45.60 -57.20
C UNK B 465 -0.28 44.17 -56.83
N UNK B 466 -0.63 43.22 -57.69
CA UNK B 466 -0.35 41.81 -57.41
C UNK B 466 0.74 41.28 -58.32
N UNK B 467 11.06 41.62 -56.73
CA UNK B 467 10.91 41.08 -55.38
C UNK B 467 11.70 41.90 -54.36
N UNK B 468 12.72 42.62 -54.83
CA UNK B 468 13.52 43.45 -53.95
C UNK B 468 12.74 44.67 -53.47
N UNK B 469 12.71 44.86 -52.16
CA UNK B 469 11.94 45.93 -51.54
C UNK B 469 12.30 47.32 -52.06
N UNK B 470 13.57 47.68 -51.89
CA UNK B 470 14.04 49.00 -52.32
C UNK B 470 13.87 49.20 -53.82
N UNK B 471 14.01 48.13 -54.59
CA UNK B 471 13.86 48.20 -56.03
C UNK B 471 12.42 48.54 -56.41
N UNK B 472 11.47 47.81 -55.83
CA UNK B 472 10.05 48.03 -56.10
C UNK B 472 9.66 49.43 -55.65
N UNK B 473 10.19 49.83 -54.49
CA UNK B 473 9.94 51.17 -53.97
C UNK B 473 10.44 52.21 -54.95
N UNK B 474 11.59 51.94 -55.55
CA UNK B 474 12.19 52.85 -56.53
C UNK B 474 11.33 52.94 -57.78
N UNK B 475 10.80 51.81 -58.22
CA UNK B 475 9.95 51.77 -59.41
C UNK B 475 8.66 52.55 -59.18
N UNK B 476 8.02 52.30 -58.05
CA UNK B 476 6.77 52.98 -57.70
C UNK B 476 6.99 54.47 -57.53
N UNK B 477 8.09 54.83 -56.87
CA UNK B 477 8.46 56.24 -56.68
C UNK B 477 8.70 56.90 -58.02
N UNK B 478 9.30 56.16 -58.94
CA UNK B 478 9.57 56.66 -60.29
C UNK B 478 8.26 56.92 -61.02
N UNK B 479 7.34 55.96 -60.95
CA UNK B 479 6.04 56.10 -61.60
C UNK B 479 5.24 57.26 -61.00
N UNK B 480 5.42 57.49 -59.70
CA UNK B 480 4.72 58.56 -59.00
C UNK B 480 5.29 59.93 -59.38
N UNK B 481 6.61 60.04 -59.38
CA UNK B 481 7.29 61.29 -59.69
C UNK B 481 7.08 61.67 -61.15
N UNK B 482 7.14 60.68 -62.03
CA UNK B 482 6.98 60.87 -63.47
C UNK B 482 5.76 61.73 -63.79
N UNK B 483 4.63 61.42 -63.17
CA UNK B 483 3.45 62.26 -63.30
C UNK B 483 3.14 63.00 -62.01
N UNK B 484 3.42 64.30 -62.00
CA UNK B 484 2.98 65.16 -60.91
C UNK B 484 1.67 65.79 -61.33
N UNK B 485 1.23 65.45 -62.54
CA UNK B 485 -0.07 65.84 -63.06
C UNK B 485 -1.19 65.16 -62.27
N UNK B 486 -0.81 64.21 -61.44
CA UNK B 486 -1.72 63.62 -60.47
C UNK B 486 -2.23 64.71 -59.56
N UNK B 487 -1.31 65.56 -59.09
CA UNK B 487 -1.65 66.68 -58.22
C UNK B 487 -2.39 67.77 -59.00
N UNK B 488 -2.17 67.82 -60.30
CA UNK B 488 -2.79 68.81 -61.16
C UNK B 488 -4.24 68.43 -61.45
N UNK B 489 -4.53 67.13 -61.38
CA UNK B 489 -5.89 66.65 -61.64
C UNK B 489 -6.65 66.58 -60.32
N UNK B 490 -6.23 65.67 -59.46
CA UNK B 490 -6.83 65.47 -58.15
C UNK B 490 -5.84 65.93 -57.09
N UNK B 491 -6.31 66.26 -55.90
CA UNK B 491 -5.38 66.68 -54.87
C UNK B 491 -5.11 65.53 -53.93
N UNK B 492 -4.00 64.83 -54.17
CA UNK B 492 -3.68 63.62 -53.43
C UNK B 492 -2.71 63.91 -52.27
N UNK B 493 -3.15 63.65 -51.05
CA UNK B 493 -2.28 63.78 -49.88
C UNK B 493 -1.24 62.65 -49.89
N UNK B 494 -1.66 61.47 -50.31
CA UNK B 494 -0.79 60.30 -50.35
C UNK B 494 -1.19 59.36 -51.48
N UNK B 495 -0.24 58.55 -51.94
CA UNK B 495 -0.56 57.38 -52.76
C UNK B 495 0.26 56.19 -52.26
N UNK B 496 -0.41 55.14 -51.79
CA UNK B 496 0.30 54.00 -51.21
C UNK B 496 -0.02 52.72 -51.96
N UNK B 497 1.02 52.07 -52.50
CA UNK B 497 0.81 50.85 -53.26
C UNK B 497 0.83 49.63 -52.35
N UNK B 498 -0.17 48.76 -52.47
CA UNK B 498 -0.19 47.53 -51.69
C UNK B 498 0.22 46.35 -52.55
N UNK B 499 1.43 45.84 -52.30
CA UNK B 499 1.96 44.72 -53.07
C UNK B 499 1.82 43.44 -52.26
N UNK B 500 1.21 42.43 -52.89
CA UNK B 500 0.99 41.15 -52.24
C UNK B 500 2.08 40.14 -52.62
N UNK B 501 2.99 39.35 -43.74
CA UNK B 501 1.77 39.98 -44.24
C UNK B 501 2.02 40.71 -45.55
N UNK B 502 1.05 41.52 -45.97
CA UNK B 502 1.16 42.28 -47.20
C UNK B 502 2.27 43.31 -47.11
N UNK B 503 2.84 43.67 -48.25
CA UNK B 503 3.89 44.69 -48.27
C UNK B 503 3.38 45.98 -48.90
N UNK B 504 3.16 47.00 -48.07
CA UNK B 504 2.62 48.26 -48.54
C UNK B 504 3.67 49.38 -48.52
N UNK B 505 3.81 50.09 -49.64
CA UNK B 505 4.77 51.18 -49.75
C UNK B 505 4.06 52.50 -50.00
N UNK B 506 4.13 53.39 -49.01
CA UNK B 506 3.36 54.64 -49.04
C UNK B 506 4.21 55.81 -49.51
N UNK B 507 3.73 56.52 -50.52
CA UNK B 507 4.39 57.74 -50.98
C UNK B 507 3.54 58.96 -50.63
N UNK B 508 4.01 59.73 -49.64
CA UNK B 508 3.21 60.82 -49.06
C UNK B 508 3.71 62.20 -49.46
N UNK B 509 2.92 62.89 -50.30
CA UNK B 509 3.26 64.21 -50.80
C UNK B 509 2.10 64.81 -51.57
N UNK B 510 8.95 62.59 -52.03
CA UNK B 510 8.70 61.45 -52.90
C UNK B 510 8.04 60.31 -52.13
N UNK B 511 8.84 59.57 -51.37
CA UNK B 511 8.34 58.43 -50.61
C UNK B 511 8.81 58.46 -49.16
N UNK B 512 7.85 58.54 -48.23
CA UNK B 512 8.18 58.50 -46.81
C UNK B 512 8.65 57.11 -46.41
N UNK B 513 9.64 57.05 -45.53
CA UNK B 513 10.20 55.77 -45.12
C UNK B 513 9.63 55.35 -43.76
N UNK B 514 10.14 54.23 -43.25
CA UNK B 514 9.75 53.66 -41.95
C UNK B 514 8.32 53.13 -41.95
N UNK B 515 7.56 53.50 -42.98
CA UNK B 515 6.19 53.05 -43.12
C UNK B 515 6.08 51.87 -44.08
N UNK B 516 7.22 51.39 -44.57
CA UNK B 516 7.25 50.32 -45.57
C UNK B 516 6.47 49.07 -45.17
N UNK B 517 6.41 48.77 -43.88
CA UNK B 517 5.62 47.64 -43.43
C UNK B 517 4.21 48.07 -43.06
N UNK B 518 4.01 49.37 -42.89
CA UNK B 518 2.73 49.90 -42.39
C UNK B 518 1.83 50.58 -43.41
N UNK B 519 0.58 50.12 -43.49
CA UNK B 519 -0.45 50.89 -44.17
C UNK B 519 -0.67 52.16 -43.37
N UNK B 520 -0.65 53.31 -44.04
CA UNK B 520 -0.70 54.62 -43.37
C UNK B 520 -1.87 54.75 -42.38
N UNK B 521 -2.93 54.00 -42.64
CA UNK B 521 -4.20 54.08 -41.90
C UNK B 521 -4.05 53.85 -40.41
N UNK B 522 -3.08 53.01 -40.04
CA UNK B 522 -2.88 52.66 -38.64
C UNK B 522 -2.00 53.67 -37.89
N UNK B 523 -1.67 54.79 -38.52
CA UNK B 523 -0.79 55.76 -37.89
C UNK B 523 -1.49 56.70 -36.88
N UNK B 524 -2.79 56.86 -36.98
CA UNK B 524 -3.51 57.63 -35.97
C UNK B 524 -3.90 56.78 -34.76
N UNK B 525 -3.99 55.47 -34.95
CA UNK B 525 -4.39 54.59 -33.85
C UNK B 525 -3.19 54.29 -32.95
N UNK B 526 -2.06 54.03 -33.60
CA UNK B 526 -0.78 53.87 -32.92
C UNK B 526 -0.28 55.28 -32.74
N UNK B 527 0.39 55.58 -31.62
CA UNK B 527 0.92 56.93 -31.50
C UNK B 527 2.36 56.98 -31.97
N UNK B 528 2.53 57.49 -33.18
CA UNK B 528 3.82 57.55 -33.83
C UNK B 528 4.56 58.81 -33.37
N UNK B 529 3.78 59.79 -32.91
CA UNK B 529 4.34 61.07 -32.49
C UNK B 529 4.62 61.14 -30.98
N UNK B 530 4.15 60.15 -30.23
CA UNK B 530 4.50 60.10 -28.81
C UNK B 530 5.81 59.33 -28.68
N UNK B 531 6.23 58.72 -29.78
CA UNK B 531 7.52 58.06 -29.91
C UNK B 531 8.53 58.95 -30.64
N UNK B 532 8.13 60.18 -30.93
CA UNK B 532 8.87 61.09 -31.82
C UNK B 532 10.02 61.87 -31.15
N UNK B 533 10.33 61.52 -29.90
CA UNK B 533 11.51 62.07 -29.22
C UNK B 533 12.78 61.34 -29.65
N UNK B 534 12.85 60.05 -29.32
CA UNK B 534 14.00 59.23 -29.67
C UNK B 534 13.87 58.91 -31.16
N UNK B 535 14.97 58.54 -31.81
CA UNK B 535 14.90 58.23 -33.23
C UNK B 535 14.49 56.77 -33.40
N UNK B 536 13.48 56.56 -34.23
CA UNK B 536 12.86 55.26 -34.41
C UNK B 536 13.33 54.44 -35.62
N UNK B 537 13.51 53.15 -35.41
CA UNK B 537 13.78 52.23 -36.50
C UNK B 537 12.89 51.01 -36.25
N UNK B 538 12.30 50.48 -37.32
CA UNK B 538 11.39 49.34 -37.18
C UNK B 538 12.07 47.99 -36.97
N UNK B 539 11.31 47.06 -36.42
CA UNK B 539 11.78 45.70 -36.16
C UNK B 539 10.69 44.71 -36.51
N UNK B 540 10.90 43.93 -37.57
CA UNK B 540 9.87 43.01 -38.06
C UNK B 540 9.50 42.01 -36.97
N UNK B 541 8.24 41.57 -36.94
CA UNK B 541 7.82 40.62 -35.93
C UNK B 541 6.69 39.70 -36.36
N UNK B 542 6.65 38.53 -35.73
CA UNK B 542 5.55 37.58 -35.88
C UNK B 542 4.42 38.07 -34.98
N UNK B 543 3.18 37.76 -35.35
CA UNK B 543 2.01 38.31 -34.68
C UNK B 543 2.07 39.82 -34.84
N UNK B 544 1.68 40.27 -36.03
CA UNK B 544 1.90 41.64 -36.45
C UNK B 544 0.92 42.58 -35.76
N UNK B 545 0.02 42.01 -34.97
CA UNK B 545 -0.86 42.80 -34.11
C UNK B 545 0.01 43.77 -33.31
N UNK B 546 1.11 43.24 -32.80
CA UNK B 546 2.11 44.01 -32.07
C UNK B 546 3.30 44.30 -32.95
N UNK B 547 3.53 45.57 -33.26
CA UNK B 547 4.69 45.97 -34.05
C UNK B 547 5.69 46.63 -33.11
N UNK B 548 6.97 46.30 -33.27
CA UNK B 548 8.00 46.80 -32.36
C UNK B 548 9.09 47.59 -33.09
N UNK B 549 9.45 48.73 -32.51
CA UNK B 549 10.44 49.63 -33.09
C UNK B 549 11.35 50.17 -32.00
N UNK B 550 12.67 50.16 -32.25
CA UNK B 550 13.66 50.67 -31.30
C UNK B 550 14.14 52.05 -31.70
N UNK B 551 16.52 52.18 -25.40
CA UNK B 551 15.06 52.25 -25.30
C UNK B 551 14.37 51.63 -26.51
N UNK B 552 13.70 50.50 -26.28
CA UNK B 552 12.93 49.83 -27.33
C UNK B 552 11.43 50.00 -27.05
N UNK B 553 10.68 50.41 -28.05
CA UNK B 553 9.26 50.67 -27.87
C UNK B 553 8.39 49.71 -28.68
N UNK B 554 7.31 49.26 -28.07
CA UNK B 554 6.40 48.32 -28.72
C UNK B 554 4.98 48.86 -28.78
N UNK B 555 4.48 49.05 -30.00
CA UNK B 555 3.16 49.60 -30.24
C UNK B 555 2.20 48.50 -30.73
N UNK B 556 1.05 48.39 -30.09
CA UNK B 556 0.04 47.40 -30.48
C UNK B 556 -1.38 47.97 -30.60
N UNK B 557 -2.01 47.75 -31.76
CA UNK B 557 -3.41 48.13 -31.96
C UNK B 557 -4.23 46.87 -31.76
N UNK B 558 -5.16 46.90 -30.80
CA UNK B 558 -5.94 45.71 -30.47
C UNK B 558 -7.45 45.83 -30.74
N UNK B 559 -7.98 45.02 -31.67
CA UNK B 559 -9.42 45.04 -31.94
C UNK B 559 -10.09 43.77 -31.39
N UNK B 560 -10.78 43.89 -30.26
CA UNK B 560 -11.53 42.77 -29.68
C UNK B 560 -13.03 42.82 -29.92
N UNK B 561 -13.50 43.90 -30.54
CA UNK B 561 -14.93 44.12 -30.78
C UNK B 561 -15.73 44.04 -29.47
N UNK B 562 -18.98 44.00 -22.05
CA UNK B 562 -20.10 44.34 -21.19
C UNK B 562 -20.15 43.47 -19.94
N UNK B 563 -19.94 44.10 -18.79
CA UNK B 563 -19.97 43.41 -17.49
C UNK B 563 -18.97 42.26 -17.40
N UNK B 564 -19.49 41.06 -17.14
CA UNK B 564 -18.65 39.88 -16.97
C UNK B 564 -17.85 39.55 -18.22
N UNK B 565 -18.45 39.82 -19.38
CA UNK B 565 -17.79 39.56 -20.65
C UNK B 565 -16.54 40.42 -20.80
N UNK B 566 -16.68 41.72 -20.52
CA UNK B 566 -15.55 42.65 -20.57
C UNK B 566 -14.51 42.26 -19.52
N UNK B 567 -15.00 41.86 -18.35
CA UNK B 567 -14.14 41.47 -17.24
C UNK B 567 -13.24 40.30 -17.61
N UNK B 568 -13.84 39.23 -18.11
CA UNK B 568 -13.08 38.06 -18.53
C UNK B 568 -12.19 38.38 -19.73
N UNK B 569 -12.70 39.24 -20.61
CA UNK B 569 -11.96 39.68 -21.78
C UNK B 569 -10.62 40.26 -21.35
N UNK B 570 -10.67 41.22 -20.43
CA UNK B 570 -9.45 41.79 -19.90
C UNK B 570 -8.62 40.73 -19.18
N UNK B 571 -9.22 40.14 -18.15
CA UNK B 571 -8.52 39.25 -17.24
C UNK B 571 -7.81 38.08 -17.92
N UNK B 572 -8.25 37.73 -19.12
CA UNK B 572 -7.63 36.65 -19.86
C UNK B 572 -6.85 37.17 -21.07
N UNK B 573 -7.58 37.74 -22.03
CA UNK B 573 -6.98 38.14 -23.30
C UNK B 573 -5.88 39.17 -23.12
N UNK B 574 -5.99 40.03 -22.11
CA UNK B 574 -4.94 40.99 -21.87
C UNK B 574 -3.68 40.24 -21.44
N UNK B 575 -3.84 39.30 -20.53
CA UNK B 575 -2.72 38.50 -20.03
C UNK B 575 -2.03 37.80 -21.19
N UNK B 576 -2.84 37.26 -22.10
CA UNK B 576 -2.32 36.62 -23.30
C UNK B 576 -1.50 37.62 -24.11
N UNK B 577 -2.05 38.81 -24.28
CA UNK B 577 -1.39 39.86 -25.05
C UNK B 577 -0.04 40.20 -24.43
N UNK B 578 0.00 40.14 -23.10
CA UNK B 578 1.21 40.44 -22.36
C UNK B 578 2.26 39.38 -22.61
N UNK B 579 1.88 38.11 -22.44
CA UNK B 579 2.79 37.00 -22.67
C UNK B 579 3.38 37.08 -24.07
N UNK B 580 2.52 37.40 -25.03
CA UNK B 580 2.95 37.57 -26.42
C UNK B 580 3.97 38.71 -26.54
N UNK B 581 3.67 39.82 -25.85
CA UNK B 581 4.53 41.00 -25.91
C UNK B 581 5.93 40.69 -25.39
N UNK B 582 5.99 40.14 -24.18
CA UNK B 582 7.25 39.76 -23.56
C UNK B 582 8.00 38.77 -24.42
N UNK B 583 7.27 37.88 -25.09
CA UNK B 583 7.89 36.95 -26.03
C UNK B 583 8.57 37.70 -27.18
N UNK B 584 7.86 38.69 -27.71
CA UNK B 584 8.38 39.49 -28.81
C UNK B 584 9.64 40.27 -28.42
N UNK B 585 9.57 40.97 -27.30
CA UNK B 585 10.71 41.75 -26.81
C UNK B 585 11.89 40.83 -26.52
N UNK B 586 11.60 39.64 -25.99
CA UNK B 586 12.62 38.64 -25.75
C UNK B 586 13.32 38.29 -27.05
N UNK B 587 12.54 38.04 -28.10
CA UNK B 587 13.09 37.76 -29.42
C UNK B 587 13.98 38.91 -29.90
N UNK B 588 13.55 40.12 -29.59
CA UNK B 588 14.29 41.33 -30.00
C UNK B 588 15.66 41.41 -29.32
N UNK B 589 15.67 41.33 -27.99
CA UNK B 589 16.92 41.43 -27.23
C UNK B 589 17.84 40.24 -27.53
N UNK B 590 17.24 39.13 -27.94
CA UNK B 590 18.02 37.96 -28.31
C UNK B 590 18.62 38.10 -29.71
N UNK B 591 17.95 38.86 -30.57
CA UNK B 591 18.37 39.01 -31.97
C UNK B 591 19.70 39.77 -32.12
N UNK B 592 19.75 40.98 -31.58
CA UNK B 592 20.90 41.86 -31.76
C UNK B 592 21.54 42.21 -30.42
N UNK B 593 22.51 43.12 -30.44
CA UNK B 593 23.09 43.62 -29.20
C UNK B 593 22.27 44.83 -28.77
N UNK B 594 21.50 44.64 -27.70
CA UNK B 594 20.36 45.52 -27.41
C UNK B 594 20.75 46.91 -26.93
N UNK B 595 21.54 46.96 -25.87
CA UNK B 595 21.77 48.21 -25.15
C UNK B 595 20.44 48.89 -24.85
N UNK B 596 19.47 48.10 -24.39
CA UNK B 596 18.16 48.63 -24.05
C UNK B 596 18.05 48.85 -22.55
N UNK B 597 17.88 50.11 -22.16
CA UNK B 597 17.81 50.48 -20.75
C UNK B 597 16.37 50.54 -20.26
N UNK B 598 15.60 51.49 -20.79
CA UNK B 598 14.19 51.62 -20.45
C UNK B 598 13.33 51.39 -21.69
N UNK B 599 12.58 50.29 -21.70
CA UNK B 599 11.74 49.94 -22.84
C UNK B 599 10.29 50.31 -22.58
N UNK B 600 9.59 50.73 -23.63
CA UNK B 600 8.19 51.16 -23.53
C UNK B 600 7.28 50.26 -24.36
N UNK B 601 6.05 50.08 -23.89
CA UNK B 601 5.07 49.26 -24.61
C UNK B 601 3.71 49.94 -24.68
N UNK B 602 3.28 50.27 -25.90
CA UNK B 602 1.98 50.92 -26.10
C UNK B 602 0.93 49.89 -26.51
N UNK B 603 -0.25 50.00 -25.91
CA UNK B 603 -1.36 49.14 -26.31
C UNK B 603 -2.61 49.99 -26.51
N UNK B 604 -3.10 50.04 -27.75
CA UNK B 604 -4.30 50.78 -28.07
C UNK B 604 -5.47 49.81 -28.15
N UNK B 605 -6.43 49.97 -27.24
CA UNK B 605 -7.57 49.08 -27.24
C UNK B 605 -8.66 49.70 -28.08
N UNK B 606 -8.94 49.07 -29.21
CA UNK B 606 -9.91 49.58 -30.18
C UNK B 606 -11.32 49.19 -29.77
N UNK B 607 -11.43 48.24 -28.86
CA UNK B 607 -12.74 47.84 -28.33
C UNK B 607 -13.25 48.89 -27.34
N UNK B 608 -14.46 48.67 -26.82
CA UNK B 608 -15.03 49.52 -25.79
C UNK B 608 -15.66 48.65 -24.70
N UNK B 609 -15.16 48.76 -23.48
CA UNK B 609 -15.58 47.86 -22.41
C UNK B 609 -16.24 48.58 -21.24
N UNK B 610 -17.32 48.00 -20.74
CA UNK B 610 -18.02 48.55 -19.58
C UNK B 610 -17.28 48.20 -18.29
N UNK B 611 -13.56 51.51 -12.20
CA UNK B 611 -12.36 51.71 -13.00
C UNK B 611 -11.10 51.46 -12.17
N UNK B 612 -11.23 51.56 -10.86
CA UNK B 612 -10.12 51.36 -9.94
C UNK B 612 -9.73 49.89 -9.84
N UNK B 613 -10.74 49.04 -9.68
CA UNK B 613 -10.52 47.60 -9.59
C UNK B 613 -9.84 47.07 -10.84
N UNK B 614 -10.06 47.74 -11.97
CA UNK B 614 -9.37 47.42 -13.21
C UNK B 614 -7.89 47.61 -13.01
N UNK B 615 -7.52 48.73 -12.40
CA UNK B 615 -6.13 49.03 -12.13
C UNK B 615 -5.56 48.01 -11.14
N UNK B 616 -6.40 47.55 -10.22
CA UNK B 616 -5.96 46.54 -9.24
C UNK B 616 -5.62 45.22 -9.94
N UNK B 617 -6.52 44.77 -10.80
CA UNK B 617 -6.30 43.54 -11.57
C UNK B 617 -5.07 43.68 -12.46
N UNK B 618 -4.88 44.89 -12.98
CA UNK B 618 -3.71 45.21 -13.79
C UNK B 618 -2.46 45.03 -12.97
N UNK B 619 -2.51 45.52 -11.73
CA UNK B 619 -1.39 45.42 -10.80
C UNK B 619 -1.05 43.96 -10.57
N UNK B 620 -2.08 43.15 -10.30
CA UNK B 620 -1.89 41.72 -10.08
C UNK B 620 -1.23 41.06 -11.29
N UNK B 621 -1.78 41.31 -12.47
CA UNK B 621 -1.26 40.73 -13.72
C UNK B 621 0.20 41.10 -13.95
N UNK B 622 0.53 42.37 -13.76
CA UNK B 622 1.90 42.83 -13.97
C UNK B 622 2.83 42.22 -12.92
N UNK B 623 2.25 41.98 -11.75
CA UNK B 623 2.96 41.39 -10.62
C UNK B 623 3.32 39.94 -10.86
N UNK B 624 2.44 39.19 -11.52
CA UNK B 624 2.62 37.75 -11.61
C UNK B 624 3.93 37.34 -12.29
N UNK B 625 4.47 38.17 -13.18
CA UNK B 625 5.73 37.82 -13.80
C UNK B 625 6.78 38.85 -13.43
N UNK B 626 7.63 38.49 -12.46
CA UNK B 626 8.71 39.38 -12.03
C UNK B 626 9.96 39.32 -12.90
N UNK B 627 10.44 38.10 -13.14
CA UNK B 627 11.72 37.88 -13.77
C UNK B 627 11.77 38.28 -15.24
N UNK B 628 10.75 37.90 -15.98
CA UNK B 628 10.72 38.18 -17.42
C UNK B 628 10.64 39.68 -17.69
N UNK B 629 9.86 40.39 -16.89
CA UNK B 629 9.69 41.83 -17.09
C UNK B 629 11.00 42.57 -16.85
N UNK B 630 11.66 42.26 -15.75
CA UNK B 630 12.93 42.90 -15.41
C UNK B 630 14.04 42.52 -16.38
N UNK B 631 14.07 41.25 -16.78
CA UNK B 631 15.12 40.76 -17.69
C UNK B 631 15.02 41.37 -19.08
N UNK B 632 13.81 41.72 -19.49
CA UNK B 632 13.60 42.34 -20.79
C UNK B 632 13.74 43.86 -20.70
N UNK B 633 13.90 44.35 -19.48
CA UNK B 633 14.15 45.76 -19.22
C UNK B 633 13.07 46.68 -19.81
N UNK B 634 11.82 46.43 -19.45
CA UNK B 634 10.73 47.29 -19.89
C UNK B 634 10.28 48.16 -18.72
N UNK B 635 10.62 49.44 -18.78
CA UNK B 635 10.36 50.33 -17.66
C UNK B 635 9.10 51.19 -17.78
N UNK B 636 8.41 51.14 -18.92
CA UNK B 636 7.24 52.00 -19.11
C UNK B 636 6.16 51.38 -19.97
N UNK B 637 4.91 51.61 -19.59
CA UNK B 637 3.77 51.05 -20.33
C UNK B 637 2.63 52.06 -20.48
N UNK B 638 2.11 52.21 -21.69
CA UNK B 638 0.92 53.03 -21.89
C UNK B 638 -0.24 52.20 -22.43
N UNK B 639 -1.40 52.34 -21.80
CA UNK B 639 -2.62 51.63 -22.16
C UNK B 639 -3.75 52.63 -22.46
N UNK B 640 -4.51 52.40 -23.53
CA UNK B 640 -5.61 53.32 -23.85
C UNK B 640 -6.87 52.55 -24.19
N UNK B 641 -7.97 52.87 -23.50
CA UNK B 641 -9.26 52.22 -23.78
C UNK B 641 -10.44 53.11 -23.43
N UNK B 642 -11.54 52.97 -24.17
CA UNK B 642 -12.73 53.75 -23.89
C UNK B 642 -13.79 52.88 -23.22
N UNK B 643 -14.42 53.42 -22.17
CA UNK B 643 -15.44 52.70 -21.41
C UNK B 643 -16.83 53.28 -21.66
N UNK B 644 -19.56 57.34 -23.39
CA UNK B 644 -18.29 56.67 -23.62
C UNK B 644 -17.12 57.57 -23.27
N UNK B 645 -16.49 57.28 -22.13
CA UNK B 645 -15.35 58.07 -21.64
C UNK B 645 -14.05 57.43 -22.06
N UNK B 646 -13.10 58.24 -22.55
CA UNK B 646 -11.82 57.70 -22.96
C UNK B 646 -10.82 57.78 -21.81
N UNK B 647 -10.28 56.62 -21.46
CA UNK B 647 -9.32 56.52 -20.36
C UNK B 647 -7.97 55.95 -20.79
N UNK B 648 -6.93 56.77 -20.66
CA UNK B 648 -5.58 56.37 -20.97
C UNK B 648 -4.79 56.28 -19.67
N UNK B 649 -4.30 55.09 -19.33
CA UNK B 649 -3.54 54.86 -18.11
C UNK B 649 -2.08 54.54 -18.45
N UNK B 650 -1.15 55.24 -17.82
CA UNK B 650 0.27 54.97 -18.05
C UNK B 650 1.03 54.66 -16.76
N UNK B 651 1.74 53.53 -16.78
CA UNK B 651 2.47 53.03 -15.62
C UNK B 651 3.95 52.79 -15.93
N UNK B 652 4.81 53.54 -15.26
CA UNK B 652 6.24 53.31 -15.33
C UNK B 652 6.81 53.07 -13.94
N UNK B 653 7.92 52.34 -13.84
CA UNK B 653 8.49 51.99 -12.54
C UNK B 653 10.01 52.19 -12.48
N UNK B 654 10.54 52.12 -11.27
CA UNK B 654 11.97 52.25 -11.02
C UNK B 654 12.66 50.88 -10.99
N UNK B 655 13.94 50.86 -11.34
CA UNK B 655 14.71 49.63 -11.42
C UNK B 655 14.76 48.91 -10.07
N UNK B 656 -1.26 66.78 -20.90
CA UNK B 656 -1.27 66.91 -22.35
C UNK B 656 -1.11 65.56 -23.03
N UNK B 657 -1.84 65.38 -24.12
CA UNK B 657 -1.88 64.12 -24.84
C UNK B 657 -0.61 63.96 -25.67
N UNK B 658 -0.38 64.93 -26.56
CA UNK B 658 0.72 64.89 -27.50
C UNK B 658 2.13 65.02 -26.89
N UNK B 659 2.24 65.22 -25.58
CA UNK B 659 3.57 65.35 -24.95
C UNK B 659 4.37 64.08 -25.22
N UNK B 660 5.55 64.24 -25.81
CA UNK B 660 6.27 63.07 -26.35
C UNK B 660 7.46 62.55 -25.56
N UNK B 661 7.31 61.32 -25.06
CA UNK B 661 8.41 60.47 -24.57
C UNK B 661 9.54 61.17 -23.81
N UNK B 662 9.27 61.65 -22.60
CA UNK B 662 10.28 62.28 -21.76
C UNK B 662 10.94 63.47 -22.45
#